data_1KTE
# 
_entry.id   1KTE 
# 
_audit_conform.dict_name       mmcif_pdbx.dic 
_audit_conform.dict_version    5.397 
_audit_conform.dict_location   http://mmcif.pdb.org/dictionaries/ascii/mmcif_pdbx.dic 
# 
loop_
_database_2.database_id 
_database_2.database_code 
_database_2.pdbx_database_accession 
_database_2.pdbx_DOI 
PDB   1KTE         pdb_00001kte 10.2210/pdb1kte/pdb 
WWPDB D_1000174492 ?            ?                   
# 
loop_
_pdbx_audit_revision_history.ordinal 
_pdbx_audit_revision_history.data_content_type 
_pdbx_audit_revision_history.major_revision 
_pdbx_audit_revision_history.minor_revision 
_pdbx_audit_revision_history.revision_date 
1 'Structure model' 1 0 1996-10-14 
2 'Structure model' 1 1 2008-03-24 
3 'Structure model' 1 2 2011-07-13 
4 'Structure model' 1 3 2024-10-30 
# 
_pdbx_audit_revision_details.ordinal             1 
_pdbx_audit_revision_details.revision_ordinal    1 
_pdbx_audit_revision_details.data_content_type   'Structure model' 
_pdbx_audit_revision_details.provider            repository 
_pdbx_audit_revision_details.type                'Initial release' 
_pdbx_audit_revision_details.description         ? 
_pdbx_audit_revision_details.details             ? 
# 
loop_
_pdbx_audit_revision_group.ordinal 
_pdbx_audit_revision_group.revision_ordinal 
_pdbx_audit_revision_group.data_content_type 
_pdbx_audit_revision_group.group 
1 2 'Structure model' 'Version format compliance' 
2 3 'Structure model' 'Version format compliance' 
3 4 'Structure model' 'Data collection'           
4 4 'Structure model' 'Database references'       
5 4 'Structure model' 'Structure summary'         
# 
loop_
_pdbx_audit_revision_category.ordinal 
_pdbx_audit_revision_category.revision_ordinal 
_pdbx_audit_revision_category.data_content_type 
_pdbx_audit_revision_category.category 
1 4 'Structure model' chem_comp_atom            
2 4 'Structure model' chem_comp_bond            
3 4 'Structure model' database_2                
4 4 'Structure model' pdbx_entry_details        
5 4 'Structure model' pdbx_modification_feature 
6 4 'Structure model' struct_ref_seq_dif        
# 
loop_
_pdbx_audit_revision_item.ordinal 
_pdbx_audit_revision_item.revision_ordinal 
_pdbx_audit_revision_item.data_content_type 
_pdbx_audit_revision_item.item 
1 4 'Structure model' '_database_2.pdbx_DOI'                
2 4 'Structure model' '_database_2.pdbx_database_accession' 
3 4 'Structure model' '_struct_ref_seq_dif.details'         
# 
_pdbx_database_status.status_code                     REL 
_pdbx_database_status.entry_id                        1KTE 
_pdbx_database_status.recvd_initial_deposition_date   1996-02-15 
_pdbx_database_status.deposit_site                    ? 
_pdbx_database_status.process_site                    BNL 
_pdbx_database_status.SG_entry                        . 
_pdbx_database_status.pdb_format_compatible           Y 
_pdbx_database_status.status_code_mr                  ? 
_pdbx_database_status.status_code_sf                  ? 
_pdbx_database_status.status_code_cs                  ? 
_pdbx_database_status.status_code_nmr_data            ? 
_pdbx_database_status.methods_development_category    ? 
# 
loop_
_audit_author.name 
_audit_author.pdbx_ordinal 
'Katti, S.K.'   1 
'Robbins, A.H.' 2 
# 
_citation.id                        primary 
_citation.title                     'Crystal structure of thioltransferase at 2.2 A resolution.' 
_citation.journal_abbrev            'Protein Sci.' 
_citation.journal_volume            4 
_citation.page_first                1998 
_citation.page_last                 2005 
_citation.year                      1995 
_citation.journal_id_ASTM           PRCIEI 
_citation.country                   US 
_citation.journal_id_ISSN           0961-8368 
_citation.journal_id_CSD            0795 
_citation.book_publisher            ? 
_citation.pdbx_database_id_PubMed   8535236 
_citation.pdbx_database_id_DOI      ? 
# 
loop_
_citation_author.citation_id 
_citation_author.name 
_citation_author.ordinal 
_citation_author.identifier_ORCID 
primary 'Katti, S.K.'   1 ? 
primary 'Robbins, A.H.' 2 ? 
primary 'Yang, Y.'      3 ? 
primary 'Wells, W.W.'   4 ? 
# 
loop_
_entity.id 
_entity.type 
_entity.src_method 
_entity.pdbx_description 
_entity.formula_weight 
_entity.pdbx_number_of_molecules 
_entity.pdbx_ec 
_entity.pdbx_mutation 
_entity.pdbx_fragment 
_entity.details 
1 polymer man THIOLTRANSFERASE 11682.550 1  ? ? ? ? 
2 water   nat water            18.015    67 ? ? ? ? 
# 
_entity_poly.entity_id                      1 
_entity_poly.type                           'polypeptide(L)' 
_entity_poly.nstd_linkage                   no 
_entity_poly.nstd_monomer                   no 
_entity_poly.pdbx_seq_one_letter_code       
;AQAFVNSKIQPGKVVVFIKPTCPFCRKTQELLSQLPFKEGLLEFVDITATSDTNEIQDYLQQLTGARTVPRVFIGKECIG
GCTDLESMHKRGELLTRLQQVGAVK
;
_entity_poly.pdbx_seq_one_letter_code_can   
;AQAFVNSKIQPGKVVVFIKPTCPFCRKTQELLSQLPFKEGLLEFVDITATSDTNEIQDYLQQLTGARTVPRVFIGKECIG
GCTDLESMHKRGELLTRLQQVGAVK
;
_entity_poly.pdbx_strand_id                 A 
_entity_poly.pdbx_target_identifier         ? 
# 
_pdbx_entity_nonpoly.entity_id   2 
_pdbx_entity_nonpoly.name        water 
_pdbx_entity_nonpoly.comp_id     HOH 
# 
loop_
_entity_poly_seq.entity_id 
_entity_poly_seq.num 
_entity_poly_seq.mon_id 
_entity_poly_seq.hetero 
1 1   ALA n 
1 2   GLN n 
1 3   ALA n 
1 4   PHE n 
1 5   VAL n 
1 6   ASN n 
1 7   SER n 
1 8   LYS n 
1 9   ILE n 
1 10  GLN n 
1 11  PRO n 
1 12  GLY n 
1 13  LYS n 
1 14  VAL n 
1 15  VAL n 
1 16  VAL n 
1 17  PHE n 
1 18  ILE n 
1 19  LYS n 
1 20  PRO n 
1 21  THR n 
1 22  CYS n 
1 23  PRO n 
1 24  PHE n 
1 25  CYS n 
1 26  ARG n 
1 27  LYS n 
1 28  THR n 
1 29  GLN n 
1 30  GLU n 
1 31  LEU n 
1 32  LEU n 
1 33  SER n 
1 34  GLN n 
1 35  LEU n 
1 36  PRO n 
1 37  PHE n 
1 38  LYS n 
1 39  GLU n 
1 40  GLY n 
1 41  LEU n 
1 42  LEU n 
1 43  GLU n 
1 44  PHE n 
1 45  VAL n 
1 46  ASP n 
1 47  ILE n 
1 48  THR n 
1 49  ALA n 
1 50  THR n 
1 51  SER n 
1 52  ASP n 
1 53  THR n 
1 54  ASN n 
1 55  GLU n 
1 56  ILE n 
1 57  GLN n 
1 58  ASP n 
1 59  TYR n 
1 60  LEU n 
1 61  GLN n 
1 62  GLN n 
1 63  LEU n 
1 64  THR n 
1 65  GLY n 
1 66  ALA n 
1 67  ARG n 
1 68  THR n 
1 69  VAL n 
1 70  PRO n 
1 71  ARG n 
1 72  VAL n 
1 73  PHE n 
1 74  ILE n 
1 75  GLY n 
1 76  LYS n 
1 77  GLU n 
1 78  CYS n 
1 79  ILE n 
1 80  GLY n 
1 81  GLY n 
1 82  CYS n 
1 83  THR n 
1 84  ASP n 
1 85  LEU n 
1 86  GLU n 
1 87  SER n 
1 88  MET n 
1 89  HIS n 
1 90  LYS n 
1 91  ARG n 
1 92  GLY n 
1 93  GLU n 
1 94  LEU n 
1 95  LEU n 
1 96  THR n 
1 97  ARG n 
1 98  LEU n 
1 99  GLN n 
1 100 GLN n 
1 101 VAL n 
1 102 GLY n 
1 103 ALA n 
1 104 VAL n 
1 105 LYS n 
# 
_entity_src_gen.entity_id                          1 
_entity_src_gen.pdbx_src_id                        1 
_entity_src_gen.pdbx_alt_source_flag               sample 
_entity_src_gen.pdbx_seq_type                      ? 
_entity_src_gen.pdbx_beg_seq_num                   ? 
_entity_src_gen.pdbx_end_seq_num                   ? 
_entity_src_gen.gene_src_common_name               pig 
_entity_src_gen.gene_src_genus                     Sus 
_entity_src_gen.pdbx_gene_src_gene                 ? 
_entity_src_gen.gene_src_species                   ? 
_entity_src_gen.gene_src_strain                    ? 
_entity_src_gen.gene_src_tissue                    ? 
_entity_src_gen.gene_src_tissue_fraction           ? 
_entity_src_gen.gene_src_details                   ? 
_entity_src_gen.pdbx_gene_src_fragment             ? 
_entity_src_gen.pdbx_gene_src_scientific_name      'Sus scrofa' 
_entity_src_gen.pdbx_gene_src_ncbi_taxonomy_id     9823 
_entity_src_gen.pdbx_gene_src_variant              ? 
_entity_src_gen.pdbx_gene_src_cell_line            ? 
_entity_src_gen.pdbx_gene_src_atcc                 ? 
_entity_src_gen.pdbx_gene_src_organ                ? 
_entity_src_gen.pdbx_gene_src_organelle            ? 
_entity_src_gen.pdbx_gene_src_cell                 ? 
_entity_src_gen.pdbx_gene_src_cellular_location    ? 
_entity_src_gen.host_org_common_name               ? 
_entity_src_gen.pdbx_host_org_scientific_name      'Escherichia coli' 
_entity_src_gen.pdbx_host_org_ncbi_taxonomy_id     562 
_entity_src_gen.host_org_genus                     Escherichia 
_entity_src_gen.pdbx_host_org_gene                 ? 
_entity_src_gen.pdbx_host_org_organ                ? 
_entity_src_gen.host_org_species                   ? 
_entity_src_gen.pdbx_host_org_tissue               ? 
_entity_src_gen.pdbx_host_org_tissue_fraction      ? 
_entity_src_gen.pdbx_host_org_strain               ? 
_entity_src_gen.pdbx_host_org_variant              ? 
_entity_src_gen.pdbx_host_org_cell_line            ? 
_entity_src_gen.pdbx_host_org_atcc                 ? 
_entity_src_gen.pdbx_host_org_culture_collection   ? 
_entity_src_gen.pdbx_host_org_cell                 ? 
_entity_src_gen.pdbx_host_org_organelle            ? 
_entity_src_gen.pdbx_host_org_cellular_location    ? 
_entity_src_gen.pdbx_host_org_vector_type          ? 
_entity_src_gen.pdbx_host_org_vector               ? 
_entity_src_gen.host_org_details                   ? 
_entity_src_gen.expression_system_id               ? 
_entity_src_gen.plasmid_name                       ? 
_entity_src_gen.plasmid_details                    ? 
_entity_src_gen.pdbx_description                   ? 
# 
loop_
_chem_comp.id 
_chem_comp.type 
_chem_comp.mon_nstd_flag 
_chem_comp.name 
_chem_comp.pdbx_synonyms 
_chem_comp.formula 
_chem_comp.formula_weight 
ALA 'L-peptide linking' y ALANINE         ? 'C3 H7 N O2'     89.093  
ARG 'L-peptide linking' y ARGININE        ? 'C6 H15 N4 O2 1' 175.209 
ASN 'L-peptide linking' y ASPARAGINE      ? 'C4 H8 N2 O3'    132.118 
ASP 'L-peptide linking' y 'ASPARTIC ACID' ? 'C4 H7 N O4'     133.103 
CYS 'L-peptide linking' y CYSTEINE        ? 'C3 H7 N O2 S'   121.158 
GLN 'L-peptide linking' y GLUTAMINE       ? 'C5 H10 N2 O3'   146.144 
GLU 'L-peptide linking' y 'GLUTAMIC ACID' ? 'C5 H9 N O4'     147.129 
GLY 'peptide linking'   y GLYCINE         ? 'C2 H5 N O2'     75.067  
HIS 'L-peptide linking' y HISTIDINE       ? 'C6 H10 N3 O2 1' 156.162 
HOH non-polymer         . WATER           ? 'H2 O'           18.015  
ILE 'L-peptide linking' y ISOLEUCINE      ? 'C6 H13 N O2'    131.173 
LEU 'L-peptide linking' y LEUCINE         ? 'C6 H13 N O2'    131.173 
LYS 'L-peptide linking' y LYSINE          ? 'C6 H15 N2 O2 1' 147.195 
MET 'L-peptide linking' y METHIONINE      ? 'C5 H11 N O2 S'  149.211 
PHE 'L-peptide linking' y PHENYLALANINE   ? 'C9 H11 N O2'    165.189 
PRO 'L-peptide linking' y PROLINE         ? 'C5 H9 N O2'     115.130 
SER 'L-peptide linking' y SERINE          ? 'C3 H7 N O3'     105.093 
THR 'L-peptide linking' y THREONINE       ? 'C4 H9 N O3'     119.119 
TYR 'L-peptide linking' y TYROSINE        ? 'C9 H11 N O3'    181.189 
VAL 'L-peptide linking' y VALINE          ? 'C5 H11 N O2'    117.146 
# 
loop_
_pdbx_poly_seq_scheme.asym_id 
_pdbx_poly_seq_scheme.entity_id 
_pdbx_poly_seq_scheme.seq_id 
_pdbx_poly_seq_scheme.mon_id 
_pdbx_poly_seq_scheme.ndb_seq_num 
_pdbx_poly_seq_scheme.pdb_seq_num 
_pdbx_poly_seq_scheme.auth_seq_num 
_pdbx_poly_seq_scheme.pdb_mon_id 
_pdbx_poly_seq_scheme.auth_mon_id 
_pdbx_poly_seq_scheme.pdb_strand_id 
_pdbx_poly_seq_scheme.pdb_ins_code 
_pdbx_poly_seq_scheme.hetero 
A 1 1   ALA 1   1   1   ALA ALA A . n 
A 1 2   GLN 2   2   2   GLN GLN A . n 
A 1 3   ALA 3   3   3   ALA ALA A . n 
A 1 4   PHE 4   4   4   PHE PHE A . n 
A 1 5   VAL 5   5   5   VAL VAL A . n 
A 1 6   ASN 6   6   6   ASN ASN A . n 
A 1 7   SER 7   7   7   SER SER A . n 
A 1 8   LYS 8   8   8   LYS LYS A . n 
A 1 9   ILE 9   9   9   ILE ILE A . n 
A 1 10  GLN 10  10  10  GLN GLN A . n 
A 1 11  PRO 11  11  11  PRO PRO A . n 
A 1 12  GLY 12  12  12  GLY GLY A . n 
A 1 13  LYS 13  13  13  LYS LYS A . n 
A 1 14  VAL 14  14  14  VAL VAL A . n 
A 1 15  VAL 15  15  15  VAL VAL A . n 
A 1 16  VAL 16  16  16  VAL VAL A . n 
A 1 17  PHE 17  17  17  PHE PHE A . n 
A 1 18  ILE 18  18  18  ILE ILE A . n 
A 1 19  LYS 19  19  19  LYS LYS A . n 
A 1 20  PRO 20  20  20  PRO PRO A . n 
A 1 21  THR 21  21  21  THR THR A . n 
A 1 22  CYS 22  22  22  CYS CYS A . n 
A 1 23  PRO 23  23  23  PRO PRO A . n 
A 1 24  PHE 24  24  24  PHE PHE A . n 
A 1 25  CYS 25  25  25  CYS CYS A . n 
A 1 26  ARG 26  26  26  ARG ARG A . n 
A 1 27  LYS 27  27  27  LYS LYS A . n 
A 1 28  THR 28  28  28  THR THR A . n 
A 1 29  GLN 29  29  29  GLN GLN A . n 
A 1 30  GLU 30  30  30  GLU GLU A . n 
A 1 31  LEU 31  31  31  LEU LEU A . n 
A 1 32  LEU 32  32  32  LEU LEU A . n 
A 1 33  SER 33  33  33  SER SER A . n 
A 1 34  GLN 34  34  34  GLN GLN A . n 
A 1 35  LEU 35  35  35  LEU LEU A . n 
A 1 36  PRO 36  36  36  PRO PRO A . n 
A 1 37  PHE 37  37  37  PHE PHE A . n 
A 1 38  LYS 38  38  38  LYS LYS A . n 
A 1 39  GLU 39  39  39  GLU GLU A . n 
A 1 40  GLY 40  40  40  GLY GLY A . n 
A 1 41  LEU 41  41  41  LEU LEU A . n 
A 1 42  LEU 42  42  42  LEU LEU A . n 
A 1 43  GLU 43  43  43  GLU GLU A . n 
A 1 44  PHE 44  44  44  PHE PHE A . n 
A 1 45  VAL 45  45  45  VAL VAL A . n 
A 1 46  ASP 46  46  46  ASP ASP A . n 
A 1 47  ILE 47  47  47  ILE ILE A . n 
A 1 48  THR 48  48  48  THR THR A . n 
A 1 49  ALA 49  49  49  ALA ALA A . n 
A 1 50  THR 50  50  50  THR THR A . n 
A 1 51  SER 51  51  51  SER SER A . n 
A 1 52  ASP 52  52  52  ASP ASP A . n 
A 1 53  THR 53  53  53  THR THR A . n 
A 1 54  ASN 54  54  54  ASN ASN A . n 
A 1 55  GLU 55  55  55  GLU GLU A . n 
A 1 56  ILE 56  56  56  ILE ILE A . n 
A 1 57  GLN 57  57  57  GLN GLN A . n 
A 1 58  ASP 58  58  58  ASP ASP A . n 
A 1 59  TYR 59  59  59  TYR TYR A . n 
A 1 60  LEU 60  60  60  LEU LEU A . n 
A 1 61  GLN 61  61  61  GLN GLN A . n 
A 1 62  GLN 62  62  62  GLN GLN A . n 
A 1 63  LEU 63  63  63  LEU LEU A . n 
A 1 64  THR 64  64  64  THR THR A . n 
A 1 65  GLY 65  65  65  GLY GLY A . n 
A 1 66  ALA 66  66  66  ALA ALA A . n 
A 1 67  ARG 67  67  67  ARG ARG A . n 
A 1 68  THR 68  68  68  THR THR A . n 
A 1 69  VAL 69  69  69  VAL VAL A . n 
A 1 70  PRO 70  70  70  PRO PRO A . n 
A 1 71  ARG 71  71  71  ARG ARG A . n 
A 1 72  VAL 72  72  72  VAL VAL A . n 
A 1 73  PHE 73  73  73  PHE PHE A . n 
A 1 74  ILE 74  74  74  ILE ILE A . n 
A 1 75  GLY 75  75  75  GLY GLY A . n 
A 1 76  LYS 76  76  76  LYS LYS A . n 
A 1 77  GLU 77  77  77  GLU GLU A . n 
A 1 78  CYS 78  78  78  CYS CYS A . n 
A 1 79  ILE 79  79  79  ILE ILE A . n 
A 1 80  GLY 80  80  80  GLY GLY A . n 
A 1 81  GLY 81  81  81  GLY GLY A . n 
A 1 82  CYS 82  82  82  CYS CYS A . n 
A 1 83  THR 83  83  83  THR THR A . n 
A 1 84  ASP 84  84  84  ASP ASP A . n 
A 1 85  LEU 85  85  85  LEU LEU A . n 
A 1 86  GLU 86  86  86  GLU GLU A . n 
A 1 87  SER 87  87  87  SER SER A . n 
A 1 88  MET 88  88  88  MET MET A . n 
A 1 89  HIS 89  89  89  HIS HIS A . n 
A 1 90  LYS 90  90  90  LYS LYS A . n 
A 1 91  ARG 91  91  91  ARG ARG A . n 
A 1 92  GLY 92  92  92  GLY GLY A . n 
A 1 93  GLU 93  93  93  GLU GLU A . n 
A 1 94  LEU 94  94  94  LEU LEU A . n 
A 1 95  LEU 95  95  95  LEU LEU A . n 
A 1 96  THR 96  96  96  THR THR A . n 
A 1 97  ARG 97  97  97  ARG ARG A . n 
A 1 98  LEU 98  98  98  LEU LEU A . n 
A 1 99  GLN 99  99  99  GLN GLN A . n 
A 1 100 GLN 100 100 100 GLN GLN A . n 
A 1 101 VAL 101 101 101 VAL VAL A . n 
A 1 102 GLY 102 102 102 GLY GLY A . n 
A 1 103 ALA 103 103 103 ALA ALA A . n 
A 1 104 VAL 104 104 104 VAL VAL A . n 
A 1 105 LYS 105 105 105 LYS LYS A . n 
# 
loop_
_pdbx_nonpoly_scheme.asym_id 
_pdbx_nonpoly_scheme.entity_id 
_pdbx_nonpoly_scheme.mon_id 
_pdbx_nonpoly_scheme.ndb_seq_num 
_pdbx_nonpoly_scheme.pdb_seq_num 
_pdbx_nonpoly_scheme.auth_seq_num 
_pdbx_nonpoly_scheme.pdb_mon_id 
_pdbx_nonpoly_scheme.auth_mon_id 
_pdbx_nonpoly_scheme.pdb_strand_id 
_pdbx_nonpoly_scheme.pdb_ins_code 
B 2 HOH 1  121 121 HOH HOH A . 
B 2 HOH 2  122 122 HOH HOH A . 
B 2 HOH 3  123 123 HOH HOH A . 
B 2 HOH 4  124 124 HOH HOH A . 
B 2 HOH 5  125 125 HOH HOH A . 
B 2 HOH 6  126 126 HOH HOH A . 
B 2 HOH 7  127 127 HOH HOH A . 
B 2 HOH 8  128 128 HOH HOH A . 
B 2 HOH 9  129 129 HOH HOH A . 
B 2 HOH 10 130 130 HOH HOH A . 
B 2 HOH 11 131 131 HOH HOH A . 
B 2 HOH 12 132 132 HOH HOH A . 
B 2 HOH 13 133 133 HOH HOH A . 
B 2 HOH 14 134 134 HOH HOH A . 
B 2 HOH 15 135 135 HOH HOH A . 
B 2 HOH 16 136 136 HOH HOH A . 
B 2 HOH 17 137 137 HOH HOH A . 
B 2 HOH 18 138 138 HOH HOH A . 
B 2 HOH 19 139 139 HOH HOH A . 
B 2 HOH 20 140 140 HOH HOH A . 
B 2 HOH 21 141 141 HOH HOH A . 
B 2 HOH 22 142 142 HOH HOH A . 
B 2 HOH 23 143 143 HOH HOH A . 
B 2 HOH 24 144 144 HOH HOH A . 
B 2 HOH 25 145 145 HOH HOH A . 
B 2 HOH 26 146 146 HOH HOH A . 
B 2 HOH 27 147 147 HOH HOH A . 
B 2 HOH 28 148 148 HOH HOH A . 
B 2 HOH 29 149 149 HOH HOH A . 
B 2 HOH 30 150 150 HOH HOH A . 
B 2 HOH 31 151 151 HOH HOH A . 
B 2 HOH 32 152 152 HOH HOH A . 
B 2 HOH 33 153 153 HOH HOH A . 
B 2 HOH 34 154 154 HOH HOH A . 
B 2 HOH 35 155 155 HOH HOH A . 
B 2 HOH 36 156 156 HOH HOH A . 
B 2 HOH 37 157 157 HOH HOH A . 
B 2 HOH 38 158 158 HOH HOH A . 
B 2 HOH 39 159 159 HOH HOH A . 
B 2 HOH 40 160 160 HOH HOH A . 
B 2 HOH 41 161 161 HOH HOH A . 
B 2 HOH 42 162 162 HOH HOH A . 
B 2 HOH 43 163 163 HOH HOH A . 
B 2 HOH 44 164 164 HOH HOH A . 
B 2 HOH 45 165 165 HOH HOH A . 
B 2 HOH 46 166 166 HOH HOH A . 
B 2 HOH 47 167 167 HOH HOH A . 
B 2 HOH 48 168 168 HOH HOH A . 
B 2 HOH 49 169 169 HOH HOH A . 
B 2 HOH 50 170 170 HOH HOH A . 
B 2 HOH 51 171 171 HOH HOH A . 
B 2 HOH 52 172 172 HOH HOH A . 
B 2 HOH 53 173 173 HOH HOH A . 
B 2 HOH 54 174 174 HOH HOH A . 
B 2 HOH 55 175 175 HOH HOH A . 
B 2 HOH 56 176 176 HOH HOH A . 
B 2 HOH 57 177 177 HOH HOH A . 
B 2 HOH 58 178 178 HOH HOH A . 
B 2 HOH 59 179 179 HOH HOH A . 
B 2 HOH 60 180 180 HOH HOH A . 
B 2 HOH 61 181 181 HOH HOH A . 
B 2 HOH 62 182 182 HOH HOH A . 
B 2 HOH 63 183 183 HOH HOH A . 
B 2 HOH 64 184 184 HOH HOH A . 
B 2 HOH 65 185 185 HOH HOH A . 
B 2 HOH 66 186 186 HOH HOH A . 
B 2 HOH 67 187 187 HOH HOH A . 
# 
loop_
_software.name 
_software.classification 
_software.version 
_software.citation_id 
_software.pdbx_ordinal 
ADSC   'data collection' .   ? 1 
X-PLOR 'model building'  3.1 ? 2 
X-PLOR refinement        3.1 ? 3 
X-PLOR phasing           3.1 ? 4 
# 
_cell.entry_id           1KTE 
_cell.length_a           23.440 
_cell.length_b           64.410 
_cell.length_c           29.500 
_cell.angle_alpha        90.00 
_cell.angle_beta         91.10 
_cell.angle_gamma        90.00 
_cell.Z_PDB              2 
_cell.pdbx_unique_axis   ? 
# 
_symmetry.entry_id                         1KTE 
_symmetry.space_group_name_H-M             'P 1 21 1' 
_symmetry.pdbx_full_space_group_name_H-M   ? 
_symmetry.cell_setting                     ? 
_symmetry.Int_Tables_number                4 
# 
_exptl.entry_id          1KTE 
_exptl.method            'X-RAY DIFFRACTION' 
_exptl.crystals_number   ? 
# 
_exptl_crystal.id                    1 
_exptl_crystal.density_meas          ? 
_exptl_crystal.density_Matthews      1.90 
_exptl_crystal.density_percent_sol   35. 
_exptl_crystal.description           ? 
# 
_diffrn.id                     1 
_diffrn.ambient_temp           ? 
_diffrn.ambient_temp_details   ? 
_diffrn.crystal_id             1 
# 
_diffrn_detector.diffrn_id              1 
_diffrn_detector.detector               'AREA DETECTOR' 
_diffrn_detector.type                   ADSC 
_diffrn_detector.pdbx_collection_date   ? 
_diffrn_detector.details                ? 
# 
_diffrn_radiation.diffrn_id                        1 
_diffrn_radiation.wavelength_id                    1 
_diffrn_radiation.pdbx_monochromatic_or_laue_m_l   M 
_diffrn_radiation.monochromator                    ? 
_diffrn_radiation.pdbx_diffrn_protocol             ? 
_diffrn_radiation.pdbx_scattering_type             x-ray 
# 
_diffrn_radiation_wavelength.id           1 
_diffrn_radiation_wavelength.wavelength   1.5418 
_diffrn_radiation_wavelength.wt           1.0 
# 
_diffrn_source.diffrn_id                   1 
_diffrn_source.source                      ? 
_diffrn_source.type                        ? 
_diffrn_source.pdbx_synchrotron_site       ? 
_diffrn_source.pdbx_synchrotron_beamline   ? 
_diffrn_source.pdbx_wavelength             1.5418 
_diffrn_source.pdbx_wavelength_list        ? 
# 
_reflns.entry_id                     1KTE 
_reflns.observed_criterion_sigma_I   ? 
_reflns.observed_criterion_sigma_F   ? 
_reflns.d_resolution_low             ? 
_reflns.d_resolution_high            2.2 
_reflns.number_obs                   ? 
_reflns.number_all                   ? 
_reflns.percent_possible_obs         99. 
_reflns.pdbx_Rmerge_I_obs            0.056 
_reflns.pdbx_Rsym_value              ? 
_reflns.pdbx_netI_over_sigmaI        ? 
_reflns.B_iso_Wilson_estimate        ? 
_reflns.pdbx_redundancy              10. 
_reflns.pdbx_diffrn_id               1 
_reflns.pdbx_ordinal                 1 
# 
_refine.entry_id                                 1KTE 
_refine.ls_number_reflns_obs                     4369 
_refine.ls_number_reflns_all                     ? 
_refine.pdbx_ls_sigma_I                          ? 
_refine.pdbx_ls_sigma_F                          ? 
_refine.pdbx_data_cutoff_high_absF               ? 
_refine.pdbx_data_cutoff_low_absF                ? 
_refine.pdbx_data_cutoff_high_rms_absF           ? 
_refine.ls_d_res_low                             8. 
_refine.ls_d_res_high                            2.2 
_refine.ls_percent_reflns_obs                    ? 
_refine.ls_R_factor_obs                          0.189 
_refine.ls_R_factor_all                          ? 
_refine.ls_R_factor_R_work                       0.189 
_refine.ls_R_factor_R_free                       0.264 
_refine.ls_R_factor_R_free_error                 ? 
_refine.ls_R_factor_R_free_error_details         ? 
_refine.ls_percent_reflns_R_free                 ? 
_refine.ls_number_reflns_R_free                  ? 
_refine.ls_number_parameters                     ? 
_refine.ls_number_restraints                     ? 
_refine.occupancy_min                            ? 
_refine.occupancy_max                            ? 
_refine.B_iso_mean                               16.9 
_refine.aniso_B[1][1]                            ? 
_refine.aniso_B[2][2]                            ? 
_refine.aniso_B[3][3]                            ? 
_refine.aniso_B[1][2]                            ? 
_refine.aniso_B[1][3]                            ? 
_refine.aniso_B[2][3]                            ? 
_refine.solvent_model_details                    ? 
_refine.solvent_model_param_ksol                 ? 
_refine.solvent_model_param_bsol                 ? 
_refine.pdbx_ls_cross_valid_method               ? 
_refine.details                                  ? 
_refine.pdbx_starting_model                      ? 
_refine.pdbx_method_to_determine_struct          ? 
_refine.pdbx_isotropic_thermal_model             ? 
_refine.pdbx_stereochemistry_target_values       ? 
_refine.pdbx_stereochem_target_val_spec_case     ? 
_refine.pdbx_R_Free_selection_details            ? 
_refine.pdbx_overall_ESU_R                       ? 
_refine.pdbx_overall_ESU_R_Free                  ? 
_refine.overall_SU_ML                            ? 
_refine.overall_SU_B                             ? 
_refine.pdbx_refine_id                           'X-RAY DIFFRACTION' 
_refine.pdbx_diffrn_id                           1 
_refine.pdbx_TLS_residual_ADP_flag               ? 
_refine.correlation_coeff_Fo_to_Fc               ? 
_refine.correlation_coeff_Fo_to_Fc_free          ? 
_refine.pdbx_solvent_vdw_probe_radii             ? 
_refine.pdbx_solvent_ion_probe_radii             ? 
_refine.pdbx_solvent_shrinkage_radii             ? 
_refine.pdbx_overall_phase_error                 ? 
_refine.overall_SU_R_Cruickshank_DPI             ? 
_refine.pdbx_overall_SU_R_free_Cruickshank_DPI   ? 
_refine.pdbx_overall_SU_R_Blow_DPI               ? 
_refine.pdbx_overall_SU_R_free_Blow_DPI          ? 
# 
_refine_hist.pdbx_refine_id                   'X-RAY DIFFRACTION' 
_refine_hist.cycle_id                         LAST 
_refine_hist.pdbx_number_atoms_protein        818 
_refine_hist.pdbx_number_atoms_nucleic_acid   0 
_refine_hist.pdbx_number_atoms_ligand         0 
_refine_hist.number_atoms_solvent             67 
_refine_hist.number_atoms_total               885 
_refine_hist.d_res_high                       2.2 
_refine_hist.d_res_low                        8. 
# 
loop_
_refine_ls_restr.type 
_refine_ls_restr.dev_ideal 
_refine_ls_restr.dev_ideal_target 
_refine_ls_restr.weight 
_refine_ls_restr.number 
_refine_ls_restr.pdbx_refine_id 
_refine_ls_restr.pdbx_restraint_function 
x_bond_d                0.012 ? ? ? 'X-RAY DIFFRACTION' ? 
x_bond_d_na             ?     ? ? ? 'X-RAY DIFFRACTION' ? 
x_bond_d_prot           ?     ? ? ? 'X-RAY DIFFRACTION' ? 
x_angle_d               ?     ? ? ? 'X-RAY DIFFRACTION' ? 
x_angle_d_na            ?     ? ? ? 'X-RAY DIFFRACTION' ? 
x_angle_d_prot          ?     ? ? ? 'X-RAY DIFFRACTION' ? 
x_angle_deg             ?     ? ? ? 'X-RAY DIFFRACTION' ? 
x_angle_deg_na          ?     ? ? ? 'X-RAY DIFFRACTION' ? 
x_angle_deg_prot        ?     ? ? ? 'X-RAY DIFFRACTION' ? 
x_dihedral_angle_d      ?     ? ? ? 'X-RAY DIFFRACTION' ? 
x_dihedral_angle_d_na   ?     ? ? ? 'X-RAY DIFFRACTION' ? 
x_dihedral_angle_d_prot ?     ? ? ? 'X-RAY DIFFRACTION' ? 
x_improper_angle_d      ?     ? ? ? 'X-RAY DIFFRACTION' ? 
x_improper_angle_d_na   ?     ? ? ? 'X-RAY DIFFRACTION' ? 
x_improper_angle_d_prot ?     ? ? ? 'X-RAY DIFFRACTION' ? 
x_mcbond_it             ?     ? ? ? 'X-RAY DIFFRACTION' ? 
x_mcangle_it            ?     ? ? ? 'X-RAY DIFFRACTION' ? 
x_scbond_it             ?     ? ? ? 'X-RAY DIFFRACTION' ? 
x_scangle_it            ?     ? ? ? 'X-RAY DIFFRACTION' ? 
# 
_struct.entry_id                  1KTE 
_struct.title                     'CRYSTAL STRUCTURE OF THIOLTRANSFERASE AT 2.2 ANGSTROM RESOLUTION' 
_struct.pdbx_model_details        ? 
_struct.pdbx_CASP_flag            ? 
_struct.pdbx_model_type_details   ? 
# 
_struct_keywords.entry_id        1KTE 
_struct_keywords.pdbx_keywords   'ELECTRON TRANSPORT' 
_struct_keywords.text            'REDOX-ACTIVE CENTER, ELECTRON TRANSPORT, ACETYLATION' 
# 
loop_
_struct_asym.id 
_struct_asym.pdbx_blank_PDB_chainid_flag 
_struct_asym.pdbx_modified 
_struct_asym.entity_id 
_struct_asym.details 
A N N 1 ? 
B N N 2 ? 
# 
_struct_ref.id                         1 
_struct_ref.db_name                    UNP 
_struct_ref.db_code                    GLRX_PIG 
_struct_ref.entity_id                  1 
_struct_ref.pdbx_db_accession          P12309 
_struct_ref.pdbx_align_begin           1 
_struct_ref.pdbx_seq_one_letter_code   
;AQAFVNSKIQPGKVVVFIKPTCPFCRKTQELLSQLPFKEGLLEFVDITATSDTNEIQDYLQQLTGARTVPRVFIGKECIG
GCTDLESMHKRGELLTRLQQIGALK
;
_struct_ref.pdbx_db_isoform            ? 
# 
_struct_ref_seq.align_id                      1 
_struct_ref_seq.ref_id                        1 
_struct_ref_seq.pdbx_PDB_id_code              1KTE 
_struct_ref_seq.pdbx_strand_id                A 
_struct_ref_seq.seq_align_beg                 1 
_struct_ref_seq.pdbx_seq_align_beg_ins_code   ? 
_struct_ref_seq.seq_align_end                 105 
_struct_ref_seq.pdbx_seq_align_end_ins_code   ? 
_struct_ref_seq.pdbx_db_accession             P12309 
_struct_ref_seq.db_align_beg                  1 
_struct_ref_seq.pdbx_db_align_beg_ins_code    ? 
_struct_ref_seq.db_align_end                  105 
_struct_ref_seq.pdbx_db_align_end_ins_code    ? 
_struct_ref_seq.pdbx_auth_seq_align_beg       1 
_struct_ref_seq.pdbx_auth_seq_align_end       105 
# 
loop_
_struct_ref_seq_dif.align_id 
_struct_ref_seq_dif.pdbx_pdb_id_code 
_struct_ref_seq_dif.mon_id 
_struct_ref_seq_dif.pdbx_pdb_strand_id 
_struct_ref_seq_dif.seq_num 
_struct_ref_seq_dif.pdbx_pdb_ins_code 
_struct_ref_seq_dif.pdbx_seq_db_name 
_struct_ref_seq_dif.pdbx_seq_db_accession_code 
_struct_ref_seq_dif.db_mon_id 
_struct_ref_seq_dif.pdbx_seq_db_seq_num 
_struct_ref_seq_dif.details 
_struct_ref_seq_dif.pdbx_auth_seq_num 
_struct_ref_seq_dif.pdbx_ordinal 
1 1KTE VAL A 101 ? UNP P12309 ILE 101 conflict 101 1 
1 1KTE VAL A 104 ? UNP P12309 LEU 104 conflict 104 2 
# 
_pdbx_struct_assembly.id                   1 
_pdbx_struct_assembly.details              author_defined_assembly 
_pdbx_struct_assembly.method_details       ? 
_pdbx_struct_assembly.oligomeric_details   monomeric 
_pdbx_struct_assembly.oligomeric_count     1 
# 
_pdbx_struct_assembly_gen.assembly_id       1 
_pdbx_struct_assembly_gen.oper_expression   1 
_pdbx_struct_assembly_gen.asym_id_list      A,B 
# 
_pdbx_struct_oper_list.id                   1 
_pdbx_struct_oper_list.type                 'identity operation' 
_pdbx_struct_oper_list.name                 1_555 
_pdbx_struct_oper_list.symmetry_operation   x,y,z 
_pdbx_struct_oper_list.matrix[1][1]         1.0000000000 
_pdbx_struct_oper_list.matrix[1][2]         0.0000000000 
_pdbx_struct_oper_list.matrix[1][3]         0.0000000000 
_pdbx_struct_oper_list.vector[1]            0.0000000000 
_pdbx_struct_oper_list.matrix[2][1]         0.0000000000 
_pdbx_struct_oper_list.matrix[2][2]         1.0000000000 
_pdbx_struct_oper_list.matrix[2][3]         0.0000000000 
_pdbx_struct_oper_list.vector[2]            0.0000000000 
_pdbx_struct_oper_list.matrix[3][1]         0.0000000000 
_pdbx_struct_oper_list.matrix[3][2]         0.0000000000 
_pdbx_struct_oper_list.matrix[3][3]         1.0000000000 
_pdbx_struct_oper_list.vector[3]            0.0000000000 
# 
_struct_biol.id   1 
# 
loop_
_struct_conf.conf_type_id 
_struct_conf.id 
_struct_conf.pdbx_PDB_helix_id 
_struct_conf.beg_label_comp_id 
_struct_conf.beg_label_asym_id 
_struct_conf.beg_label_seq_id 
_struct_conf.pdbx_beg_PDB_ins_code 
_struct_conf.end_label_comp_id 
_struct_conf.end_label_asym_id 
_struct_conf.end_label_seq_id 
_struct_conf.pdbx_end_PDB_ins_code 
_struct_conf.beg_auth_comp_id 
_struct_conf.beg_auth_asym_id 
_struct_conf.beg_auth_seq_id 
_struct_conf.end_auth_comp_id 
_struct_conf.end_auth_asym_id 
_struct_conf.end_auth_seq_id 
_struct_conf.pdbx_PDB_helix_class 
_struct_conf.details 
_struct_conf.pdbx_PDB_helix_length 
HELX_P HELX_P1 1 GLN A 2  ? LYS A 8   ? GLN A 2  LYS A 8   1 ? 7  
HELX_P HELX_P2 2 PRO A 23 ? GLN A 34  ? PRO A 23 GLN A 34  1 ? 12 
HELX_P HELX_P3 3 ILE A 47 ? ALA A 49  ? ILE A 47 ALA A 49  5 ? 3  
HELX_P HELX_P4 4 THR A 53 ? THR A 64  ? THR A 53 THR A 64  1 ? 12 
HELX_P HELX_P5 5 CYS A 82 ? ARG A 91  ? CYS A 82 ARG A 91  1 ? 10 
HELX_P HELX_P6 6 GLU A 93 ? VAL A 101 ? GLU A 93 VAL A 101 1 ? 9  
# 
_struct_conf_type.id          HELX_P 
_struct_conf_type.criteria    ? 
_struct_conf_type.reference   ? 
# 
_struct_conn.id                            disulf1 
_struct_conn.conn_type_id                  disulf 
_struct_conn.pdbx_leaving_atom_flag        ? 
_struct_conn.pdbx_PDB_id                   ? 
_struct_conn.ptnr1_label_asym_id           A 
_struct_conn.ptnr1_label_comp_id           CYS 
_struct_conn.ptnr1_label_seq_id            22 
_struct_conn.ptnr1_label_atom_id           SG 
_struct_conn.pdbx_ptnr1_label_alt_id       ? 
_struct_conn.pdbx_ptnr1_PDB_ins_code       ? 
_struct_conn.pdbx_ptnr1_standard_comp_id   ? 
_struct_conn.ptnr1_symmetry                1_555 
_struct_conn.ptnr2_label_asym_id           A 
_struct_conn.ptnr2_label_comp_id           CYS 
_struct_conn.ptnr2_label_seq_id            25 
_struct_conn.ptnr2_label_atom_id           SG 
_struct_conn.pdbx_ptnr2_label_alt_id       ? 
_struct_conn.pdbx_ptnr2_PDB_ins_code       ? 
_struct_conn.ptnr1_auth_asym_id            A 
_struct_conn.ptnr1_auth_comp_id            CYS 
_struct_conn.ptnr1_auth_seq_id             22 
_struct_conn.ptnr2_auth_asym_id            A 
_struct_conn.ptnr2_auth_comp_id            CYS 
_struct_conn.ptnr2_auth_seq_id             25 
_struct_conn.ptnr2_symmetry                1_555 
_struct_conn.pdbx_ptnr3_label_atom_id      ? 
_struct_conn.pdbx_ptnr3_label_seq_id       ? 
_struct_conn.pdbx_ptnr3_label_comp_id      ? 
_struct_conn.pdbx_ptnr3_label_asym_id      ? 
_struct_conn.pdbx_ptnr3_label_alt_id       ? 
_struct_conn.pdbx_ptnr3_PDB_ins_code       ? 
_struct_conn.details                       ? 
_struct_conn.pdbx_dist_value               2.079 
_struct_conn.pdbx_value_order              ? 
_struct_conn.pdbx_role                     ? 
# 
_struct_conn_type.id          disulf 
_struct_conn_type.criteria    ? 
_struct_conn_type.reference   ? 
# 
_pdbx_modification_feature.ordinal                            1 
_pdbx_modification_feature.label_comp_id                      CYS 
_pdbx_modification_feature.label_asym_id                      A 
_pdbx_modification_feature.label_seq_id                       22 
_pdbx_modification_feature.label_alt_id                       ? 
_pdbx_modification_feature.modified_residue_label_comp_id     CYS 
_pdbx_modification_feature.modified_residue_label_asym_id     A 
_pdbx_modification_feature.modified_residue_label_seq_id      25 
_pdbx_modification_feature.modified_residue_label_alt_id      ? 
_pdbx_modification_feature.auth_comp_id                       CYS 
_pdbx_modification_feature.auth_asym_id                       A 
_pdbx_modification_feature.auth_seq_id                        22 
_pdbx_modification_feature.PDB_ins_code                       ? 
_pdbx_modification_feature.symmetry                           1_555 
_pdbx_modification_feature.modified_residue_auth_comp_id      CYS 
_pdbx_modification_feature.modified_residue_auth_asym_id      A 
_pdbx_modification_feature.modified_residue_auth_seq_id       25 
_pdbx_modification_feature.modified_residue_PDB_ins_code      ? 
_pdbx_modification_feature.modified_residue_symmetry          1_555 
_pdbx_modification_feature.comp_id_linking_atom               SG 
_pdbx_modification_feature.modified_residue_id_linking_atom   SG 
_pdbx_modification_feature.modified_residue_id                . 
_pdbx_modification_feature.ref_pcm_id                         . 
_pdbx_modification_feature.ref_comp_id                        . 
_pdbx_modification_feature.type                               None 
_pdbx_modification_feature.category                           'Disulfide bridge' 
# 
_struct_mon_prot_cis.pdbx_id                1 
_struct_mon_prot_cis.label_comp_id          VAL 
_struct_mon_prot_cis.label_seq_id           69 
_struct_mon_prot_cis.label_asym_id          A 
_struct_mon_prot_cis.label_alt_id           . 
_struct_mon_prot_cis.pdbx_PDB_ins_code      ? 
_struct_mon_prot_cis.auth_comp_id           VAL 
_struct_mon_prot_cis.auth_seq_id            69 
_struct_mon_prot_cis.auth_asym_id           A 
_struct_mon_prot_cis.pdbx_label_comp_id_2   PRO 
_struct_mon_prot_cis.pdbx_label_seq_id_2    70 
_struct_mon_prot_cis.pdbx_label_asym_id_2   A 
_struct_mon_prot_cis.pdbx_PDB_ins_code_2    ? 
_struct_mon_prot_cis.pdbx_auth_comp_id_2    PRO 
_struct_mon_prot_cis.pdbx_auth_seq_id_2     70 
_struct_mon_prot_cis.pdbx_auth_asym_id_2    A 
_struct_mon_prot_cis.pdbx_PDB_model_num     1 
_struct_mon_prot_cis.pdbx_omega_angle       1.64 
# 
_struct_sheet.id               A 
_struct_sheet.type             ? 
_struct_sheet.number_strands   4 
_struct_sheet.details          ? 
# 
loop_
_struct_sheet_order.sheet_id 
_struct_sheet_order.range_id_1 
_struct_sheet_order.range_id_2 
_struct_sheet_order.offset 
_struct_sheet_order.sense 
A 1 2 ? parallel      
A 2 3 ? anti-parallel 
A 3 4 ? anti-parallel 
# 
loop_
_struct_sheet_range.sheet_id 
_struct_sheet_range.id 
_struct_sheet_range.beg_label_comp_id 
_struct_sheet_range.beg_label_asym_id 
_struct_sheet_range.beg_label_seq_id 
_struct_sheet_range.pdbx_beg_PDB_ins_code 
_struct_sheet_range.end_label_comp_id 
_struct_sheet_range.end_label_asym_id 
_struct_sheet_range.end_label_seq_id 
_struct_sheet_range.pdbx_end_PDB_ins_code 
_struct_sheet_range.beg_auth_comp_id 
_struct_sheet_range.beg_auth_asym_id 
_struct_sheet_range.beg_auth_seq_id 
_struct_sheet_range.end_auth_comp_id 
_struct_sheet_range.end_auth_asym_id 
_struct_sheet_range.end_auth_seq_id 
A 1 LEU A 42 ? ASP A 46 ? LEU A 42 ASP A 46 
A 2 VAL A 14 ? ILE A 18 ? VAL A 14 ILE A 18 
A 3 ARG A 71 ? ILE A 74 ? ARG A 71 ILE A 74 
A 4 GLU A 77 ? GLY A 80 ? GLU A 77 GLY A 80 
# 
loop_
_pdbx_struct_sheet_hbond.sheet_id 
_pdbx_struct_sheet_hbond.range_id_1 
_pdbx_struct_sheet_hbond.range_id_2 
_pdbx_struct_sheet_hbond.range_1_label_atom_id 
_pdbx_struct_sheet_hbond.range_1_label_comp_id 
_pdbx_struct_sheet_hbond.range_1_label_asym_id 
_pdbx_struct_sheet_hbond.range_1_label_seq_id 
_pdbx_struct_sheet_hbond.range_1_PDB_ins_code 
_pdbx_struct_sheet_hbond.range_1_auth_atom_id 
_pdbx_struct_sheet_hbond.range_1_auth_comp_id 
_pdbx_struct_sheet_hbond.range_1_auth_asym_id 
_pdbx_struct_sheet_hbond.range_1_auth_seq_id 
_pdbx_struct_sheet_hbond.range_2_label_atom_id 
_pdbx_struct_sheet_hbond.range_2_label_comp_id 
_pdbx_struct_sheet_hbond.range_2_label_asym_id 
_pdbx_struct_sheet_hbond.range_2_label_seq_id 
_pdbx_struct_sheet_hbond.range_2_PDB_ins_code 
_pdbx_struct_sheet_hbond.range_2_auth_atom_id 
_pdbx_struct_sheet_hbond.range_2_auth_comp_id 
_pdbx_struct_sheet_hbond.range_2_auth_asym_id 
_pdbx_struct_sheet_hbond.range_2_auth_seq_id 
A 1 2 O GLU A 43 ? O GLU A 43 N VAL A 14 ? N VAL A 14 
A 2 3 O VAL A 15 ? O VAL A 15 N PHE A 73 ? N PHE A 73 
A 3 4 O VAL A 72 ? O VAL A 72 N GLY A 80 ? N GLY A 80 
# 
_pdbx_entry_details.entry_id                   1KTE 
_pdbx_entry_details.compound_details           ? 
_pdbx_entry_details.source_details             ? 
_pdbx_entry_details.nonpolymer_details         ? 
_pdbx_entry_details.sequence_details           ? 
_pdbx_entry_details.has_ligand_of_interest     ? 
_pdbx_entry_details.has_protein_modification   Y 
# 
_pdbx_validate_rmsd_bond.id                        1 
_pdbx_validate_rmsd_bond.PDB_model_num             1 
_pdbx_validate_rmsd_bond.auth_atom_id_1            NE2 
_pdbx_validate_rmsd_bond.auth_asym_id_1            A 
_pdbx_validate_rmsd_bond.auth_comp_id_1            HIS 
_pdbx_validate_rmsd_bond.auth_seq_id_1             89 
_pdbx_validate_rmsd_bond.PDB_ins_code_1            ? 
_pdbx_validate_rmsd_bond.label_alt_id_1            ? 
_pdbx_validate_rmsd_bond.auth_atom_id_2            CD2 
_pdbx_validate_rmsd_bond.auth_asym_id_2            A 
_pdbx_validate_rmsd_bond.auth_comp_id_2            HIS 
_pdbx_validate_rmsd_bond.auth_seq_id_2             89 
_pdbx_validate_rmsd_bond.PDB_ins_code_2            ? 
_pdbx_validate_rmsd_bond.label_alt_id_2            ? 
_pdbx_validate_rmsd_bond.bond_value                1.300 
_pdbx_validate_rmsd_bond.bond_target_value         1.373 
_pdbx_validate_rmsd_bond.bond_deviation            -0.073 
_pdbx_validate_rmsd_bond.bond_standard_deviation   0.011 
_pdbx_validate_rmsd_bond.linker_flag               N 
# 
loop_
_pdbx_validate_rmsd_angle.id 
_pdbx_validate_rmsd_angle.PDB_model_num 
_pdbx_validate_rmsd_angle.auth_atom_id_1 
_pdbx_validate_rmsd_angle.auth_asym_id_1 
_pdbx_validate_rmsd_angle.auth_comp_id_1 
_pdbx_validate_rmsd_angle.auth_seq_id_1 
_pdbx_validate_rmsd_angle.PDB_ins_code_1 
_pdbx_validate_rmsd_angle.label_alt_id_1 
_pdbx_validate_rmsd_angle.auth_atom_id_2 
_pdbx_validate_rmsd_angle.auth_asym_id_2 
_pdbx_validate_rmsd_angle.auth_comp_id_2 
_pdbx_validate_rmsd_angle.auth_seq_id_2 
_pdbx_validate_rmsd_angle.PDB_ins_code_2 
_pdbx_validate_rmsd_angle.label_alt_id_2 
_pdbx_validate_rmsd_angle.auth_atom_id_3 
_pdbx_validate_rmsd_angle.auth_asym_id_3 
_pdbx_validate_rmsd_angle.auth_comp_id_3 
_pdbx_validate_rmsd_angle.auth_seq_id_3 
_pdbx_validate_rmsd_angle.PDB_ins_code_3 
_pdbx_validate_rmsd_angle.label_alt_id_3 
_pdbx_validate_rmsd_angle.angle_value 
_pdbx_validate_rmsd_angle.angle_target_value 
_pdbx_validate_rmsd_angle.angle_deviation 
_pdbx_validate_rmsd_angle.angle_standard_deviation 
_pdbx_validate_rmsd_angle.linker_flag 
1 1 NE A ARG 67 ? ? CZ A ARG 67 ? ? NH2 A ARG 67 ? ? 115.01 120.30 -5.29 0.50 N 
2 1 NE A ARG 97 ? ? CZ A ARG 97 ? ? NH1 A ARG 97 ? ? 123.64 120.30 3.34  0.50 N 
# 
loop_
_chem_comp_atom.comp_id 
_chem_comp_atom.atom_id 
_chem_comp_atom.type_symbol 
_chem_comp_atom.pdbx_aromatic_flag 
_chem_comp_atom.pdbx_stereo_config 
_chem_comp_atom.pdbx_ordinal 
ALA N    N N N 1   
ALA CA   C N S 2   
ALA C    C N N 3   
ALA O    O N N 4   
ALA CB   C N N 5   
ALA OXT  O N N 6   
ALA H    H N N 7   
ALA H2   H N N 8   
ALA HA   H N N 9   
ALA HB1  H N N 10  
ALA HB2  H N N 11  
ALA HB3  H N N 12  
ALA HXT  H N N 13  
ARG N    N N N 14  
ARG CA   C N S 15  
ARG C    C N N 16  
ARG O    O N N 17  
ARG CB   C N N 18  
ARG CG   C N N 19  
ARG CD   C N N 20  
ARG NE   N N N 21  
ARG CZ   C N N 22  
ARG NH1  N N N 23  
ARG NH2  N N N 24  
ARG OXT  O N N 25  
ARG H    H N N 26  
ARG H2   H N N 27  
ARG HA   H N N 28  
ARG HB2  H N N 29  
ARG HB3  H N N 30  
ARG HG2  H N N 31  
ARG HG3  H N N 32  
ARG HD2  H N N 33  
ARG HD3  H N N 34  
ARG HE   H N N 35  
ARG HH11 H N N 36  
ARG HH12 H N N 37  
ARG HH21 H N N 38  
ARG HH22 H N N 39  
ARG HXT  H N N 40  
ASN N    N N N 41  
ASN CA   C N S 42  
ASN C    C N N 43  
ASN O    O N N 44  
ASN CB   C N N 45  
ASN CG   C N N 46  
ASN OD1  O N N 47  
ASN ND2  N N N 48  
ASN OXT  O N N 49  
ASN H    H N N 50  
ASN H2   H N N 51  
ASN HA   H N N 52  
ASN HB2  H N N 53  
ASN HB3  H N N 54  
ASN HD21 H N N 55  
ASN HD22 H N N 56  
ASN HXT  H N N 57  
ASP N    N N N 58  
ASP CA   C N S 59  
ASP C    C N N 60  
ASP O    O N N 61  
ASP CB   C N N 62  
ASP CG   C N N 63  
ASP OD1  O N N 64  
ASP OD2  O N N 65  
ASP OXT  O N N 66  
ASP H    H N N 67  
ASP H2   H N N 68  
ASP HA   H N N 69  
ASP HB2  H N N 70  
ASP HB3  H N N 71  
ASP HD2  H N N 72  
ASP HXT  H N N 73  
CYS N    N N N 74  
CYS CA   C N R 75  
CYS C    C N N 76  
CYS O    O N N 77  
CYS CB   C N N 78  
CYS SG   S N N 79  
CYS OXT  O N N 80  
CYS H    H N N 81  
CYS H2   H N N 82  
CYS HA   H N N 83  
CYS HB2  H N N 84  
CYS HB3  H N N 85  
CYS HG   H N N 86  
CYS HXT  H N N 87  
GLN N    N N N 88  
GLN CA   C N S 89  
GLN C    C N N 90  
GLN O    O N N 91  
GLN CB   C N N 92  
GLN CG   C N N 93  
GLN CD   C N N 94  
GLN OE1  O N N 95  
GLN NE2  N N N 96  
GLN OXT  O N N 97  
GLN H    H N N 98  
GLN H2   H N N 99  
GLN HA   H N N 100 
GLN HB2  H N N 101 
GLN HB3  H N N 102 
GLN HG2  H N N 103 
GLN HG3  H N N 104 
GLN HE21 H N N 105 
GLN HE22 H N N 106 
GLN HXT  H N N 107 
GLU N    N N N 108 
GLU CA   C N S 109 
GLU C    C N N 110 
GLU O    O N N 111 
GLU CB   C N N 112 
GLU CG   C N N 113 
GLU CD   C N N 114 
GLU OE1  O N N 115 
GLU OE2  O N N 116 
GLU OXT  O N N 117 
GLU H    H N N 118 
GLU H2   H N N 119 
GLU HA   H N N 120 
GLU HB2  H N N 121 
GLU HB3  H N N 122 
GLU HG2  H N N 123 
GLU HG3  H N N 124 
GLU HE2  H N N 125 
GLU HXT  H N N 126 
GLY N    N N N 127 
GLY CA   C N N 128 
GLY C    C N N 129 
GLY O    O N N 130 
GLY OXT  O N N 131 
GLY H    H N N 132 
GLY H2   H N N 133 
GLY HA2  H N N 134 
GLY HA3  H N N 135 
GLY HXT  H N N 136 
HIS N    N N N 137 
HIS CA   C N S 138 
HIS C    C N N 139 
HIS O    O N N 140 
HIS CB   C N N 141 
HIS CG   C Y N 142 
HIS ND1  N Y N 143 
HIS CD2  C Y N 144 
HIS CE1  C Y N 145 
HIS NE2  N Y N 146 
HIS OXT  O N N 147 
HIS H    H N N 148 
HIS H2   H N N 149 
HIS HA   H N N 150 
HIS HB2  H N N 151 
HIS HB3  H N N 152 
HIS HD1  H N N 153 
HIS HD2  H N N 154 
HIS HE1  H N N 155 
HIS HE2  H N N 156 
HIS HXT  H N N 157 
HOH O    O N N 158 
HOH H1   H N N 159 
HOH H2   H N N 160 
ILE N    N N N 161 
ILE CA   C N S 162 
ILE C    C N N 163 
ILE O    O N N 164 
ILE CB   C N S 165 
ILE CG1  C N N 166 
ILE CG2  C N N 167 
ILE CD1  C N N 168 
ILE OXT  O N N 169 
ILE H    H N N 170 
ILE H2   H N N 171 
ILE HA   H N N 172 
ILE HB   H N N 173 
ILE HG12 H N N 174 
ILE HG13 H N N 175 
ILE HG21 H N N 176 
ILE HG22 H N N 177 
ILE HG23 H N N 178 
ILE HD11 H N N 179 
ILE HD12 H N N 180 
ILE HD13 H N N 181 
ILE HXT  H N N 182 
LEU N    N N N 183 
LEU CA   C N S 184 
LEU C    C N N 185 
LEU O    O N N 186 
LEU CB   C N N 187 
LEU CG   C N N 188 
LEU CD1  C N N 189 
LEU CD2  C N N 190 
LEU OXT  O N N 191 
LEU H    H N N 192 
LEU H2   H N N 193 
LEU HA   H N N 194 
LEU HB2  H N N 195 
LEU HB3  H N N 196 
LEU HG   H N N 197 
LEU HD11 H N N 198 
LEU HD12 H N N 199 
LEU HD13 H N N 200 
LEU HD21 H N N 201 
LEU HD22 H N N 202 
LEU HD23 H N N 203 
LEU HXT  H N N 204 
LYS N    N N N 205 
LYS CA   C N S 206 
LYS C    C N N 207 
LYS O    O N N 208 
LYS CB   C N N 209 
LYS CG   C N N 210 
LYS CD   C N N 211 
LYS CE   C N N 212 
LYS NZ   N N N 213 
LYS OXT  O N N 214 
LYS H    H N N 215 
LYS H2   H N N 216 
LYS HA   H N N 217 
LYS HB2  H N N 218 
LYS HB3  H N N 219 
LYS HG2  H N N 220 
LYS HG3  H N N 221 
LYS HD2  H N N 222 
LYS HD3  H N N 223 
LYS HE2  H N N 224 
LYS HE3  H N N 225 
LYS HZ1  H N N 226 
LYS HZ2  H N N 227 
LYS HZ3  H N N 228 
LYS HXT  H N N 229 
MET N    N N N 230 
MET CA   C N S 231 
MET C    C N N 232 
MET O    O N N 233 
MET CB   C N N 234 
MET CG   C N N 235 
MET SD   S N N 236 
MET CE   C N N 237 
MET OXT  O N N 238 
MET H    H N N 239 
MET H2   H N N 240 
MET HA   H N N 241 
MET HB2  H N N 242 
MET HB3  H N N 243 
MET HG2  H N N 244 
MET HG3  H N N 245 
MET HE1  H N N 246 
MET HE2  H N N 247 
MET HE3  H N N 248 
MET HXT  H N N 249 
PHE N    N N N 250 
PHE CA   C N S 251 
PHE C    C N N 252 
PHE O    O N N 253 
PHE CB   C N N 254 
PHE CG   C Y N 255 
PHE CD1  C Y N 256 
PHE CD2  C Y N 257 
PHE CE1  C Y N 258 
PHE CE2  C Y N 259 
PHE CZ   C Y N 260 
PHE OXT  O N N 261 
PHE H    H N N 262 
PHE H2   H N N 263 
PHE HA   H N N 264 
PHE HB2  H N N 265 
PHE HB3  H N N 266 
PHE HD1  H N N 267 
PHE HD2  H N N 268 
PHE HE1  H N N 269 
PHE HE2  H N N 270 
PHE HZ   H N N 271 
PHE HXT  H N N 272 
PRO N    N N N 273 
PRO CA   C N S 274 
PRO C    C N N 275 
PRO O    O N N 276 
PRO CB   C N N 277 
PRO CG   C N N 278 
PRO CD   C N N 279 
PRO OXT  O N N 280 
PRO H    H N N 281 
PRO HA   H N N 282 
PRO HB2  H N N 283 
PRO HB3  H N N 284 
PRO HG2  H N N 285 
PRO HG3  H N N 286 
PRO HD2  H N N 287 
PRO HD3  H N N 288 
PRO HXT  H N N 289 
SER N    N N N 290 
SER CA   C N S 291 
SER C    C N N 292 
SER O    O N N 293 
SER CB   C N N 294 
SER OG   O N N 295 
SER OXT  O N N 296 
SER H    H N N 297 
SER H2   H N N 298 
SER HA   H N N 299 
SER HB2  H N N 300 
SER HB3  H N N 301 
SER HG   H N N 302 
SER HXT  H N N 303 
THR N    N N N 304 
THR CA   C N S 305 
THR C    C N N 306 
THR O    O N N 307 
THR CB   C N R 308 
THR OG1  O N N 309 
THR CG2  C N N 310 
THR OXT  O N N 311 
THR H    H N N 312 
THR H2   H N N 313 
THR HA   H N N 314 
THR HB   H N N 315 
THR HG1  H N N 316 
THR HG21 H N N 317 
THR HG22 H N N 318 
THR HG23 H N N 319 
THR HXT  H N N 320 
TYR N    N N N 321 
TYR CA   C N S 322 
TYR C    C N N 323 
TYR O    O N N 324 
TYR CB   C N N 325 
TYR CG   C Y N 326 
TYR CD1  C Y N 327 
TYR CD2  C Y N 328 
TYR CE1  C Y N 329 
TYR CE2  C Y N 330 
TYR CZ   C Y N 331 
TYR OH   O N N 332 
TYR OXT  O N N 333 
TYR H    H N N 334 
TYR H2   H N N 335 
TYR HA   H N N 336 
TYR HB2  H N N 337 
TYR HB3  H N N 338 
TYR HD1  H N N 339 
TYR HD2  H N N 340 
TYR HE1  H N N 341 
TYR HE2  H N N 342 
TYR HH   H N N 343 
TYR HXT  H N N 344 
VAL N    N N N 345 
VAL CA   C N S 346 
VAL C    C N N 347 
VAL O    O N N 348 
VAL CB   C N N 349 
VAL CG1  C N N 350 
VAL CG2  C N N 351 
VAL OXT  O N N 352 
VAL H    H N N 353 
VAL H2   H N N 354 
VAL HA   H N N 355 
VAL HB   H N N 356 
VAL HG11 H N N 357 
VAL HG12 H N N 358 
VAL HG13 H N N 359 
VAL HG21 H N N 360 
VAL HG22 H N N 361 
VAL HG23 H N N 362 
VAL HXT  H N N 363 
# 
loop_
_chem_comp_bond.comp_id 
_chem_comp_bond.atom_id_1 
_chem_comp_bond.atom_id_2 
_chem_comp_bond.value_order 
_chem_comp_bond.pdbx_aromatic_flag 
_chem_comp_bond.pdbx_stereo_config 
_chem_comp_bond.pdbx_ordinal 
ALA N   CA   sing N N 1   
ALA N   H    sing N N 2   
ALA N   H2   sing N N 3   
ALA CA  C    sing N N 4   
ALA CA  CB   sing N N 5   
ALA CA  HA   sing N N 6   
ALA C   O    doub N N 7   
ALA C   OXT  sing N N 8   
ALA CB  HB1  sing N N 9   
ALA CB  HB2  sing N N 10  
ALA CB  HB3  sing N N 11  
ALA OXT HXT  sing N N 12  
ARG N   CA   sing N N 13  
ARG N   H    sing N N 14  
ARG N   H2   sing N N 15  
ARG CA  C    sing N N 16  
ARG CA  CB   sing N N 17  
ARG CA  HA   sing N N 18  
ARG C   O    doub N N 19  
ARG C   OXT  sing N N 20  
ARG CB  CG   sing N N 21  
ARG CB  HB2  sing N N 22  
ARG CB  HB3  sing N N 23  
ARG CG  CD   sing N N 24  
ARG CG  HG2  sing N N 25  
ARG CG  HG3  sing N N 26  
ARG CD  NE   sing N N 27  
ARG CD  HD2  sing N N 28  
ARG CD  HD3  sing N N 29  
ARG NE  CZ   sing N N 30  
ARG NE  HE   sing N N 31  
ARG CZ  NH1  sing N N 32  
ARG CZ  NH2  doub N N 33  
ARG NH1 HH11 sing N N 34  
ARG NH1 HH12 sing N N 35  
ARG NH2 HH21 sing N N 36  
ARG NH2 HH22 sing N N 37  
ARG OXT HXT  sing N N 38  
ASN N   CA   sing N N 39  
ASN N   H    sing N N 40  
ASN N   H2   sing N N 41  
ASN CA  C    sing N N 42  
ASN CA  CB   sing N N 43  
ASN CA  HA   sing N N 44  
ASN C   O    doub N N 45  
ASN C   OXT  sing N N 46  
ASN CB  CG   sing N N 47  
ASN CB  HB2  sing N N 48  
ASN CB  HB3  sing N N 49  
ASN CG  OD1  doub N N 50  
ASN CG  ND2  sing N N 51  
ASN ND2 HD21 sing N N 52  
ASN ND2 HD22 sing N N 53  
ASN OXT HXT  sing N N 54  
ASP N   CA   sing N N 55  
ASP N   H    sing N N 56  
ASP N   H2   sing N N 57  
ASP CA  C    sing N N 58  
ASP CA  CB   sing N N 59  
ASP CA  HA   sing N N 60  
ASP C   O    doub N N 61  
ASP C   OXT  sing N N 62  
ASP CB  CG   sing N N 63  
ASP CB  HB2  sing N N 64  
ASP CB  HB3  sing N N 65  
ASP CG  OD1  doub N N 66  
ASP CG  OD2  sing N N 67  
ASP OD2 HD2  sing N N 68  
ASP OXT HXT  sing N N 69  
CYS N   CA   sing N N 70  
CYS N   H    sing N N 71  
CYS N   H2   sing N N 72  
CYS CA  C    sing N N 73  
CYS CA  CB   sing N N 74  
CYS CA  HA   sing N N 75  
CYS C   O    doub N N 76  
CYS C   OXT  sing N N 77  
CYS CB  SG   sing N N 78  
CYS CB  HB2  sing N N 79  
CYS CB  HB3  sing N N 80  
CYS SG  HG   sing N N 81  
CYS OXT HXT  sing N N 82  
GLN N   CA   sing N N 83  
GLN N   H    sing N N 84  
GLN N   H2   sing N N 85  
GLN CA  C    sing N N 86  
GLN CA  CB   sing N N 87  
GLN CA  HA   sing N N 88  
GLN C   O    doub N N 89  
GLN C   OXT  sing N N 90  
GLN CB  CG   sing N N 91  
GLN CB  HB2  sing N N 92  
GLN CB  HB3  sing N N 93  
GLN CG  CD   sing N N 94  
GLN CG  HG2  sing N N 95  
GLN CG  HG3  sing N N 96  
GLN CD  OE1  doub N N 97  
GLN CD  NE2  sing N N 98  
GLN NE2 HE21 sing N N 99  
GLN NE2 HE22 sing N N 100 
GLN OXT HXT  sing N N 101 
GLU N   CA   sing N N 102 
GLU N   H    sing N N 103 
GLU N   H2   sing N N 104 
GLU CA  C    sing N N 105 
GLU CA  CB   sing N N 106 
GLU CA  HA   sing N N 107 
GLU C   O    doub N N 108 
GLU C   OXT  sing N N 109 
GLU CB  CG   sing N N 110 
GLU CB  HB2  sing N N 111 
GLU CB  HB3  sing N N 112 
GLU CG  CD   sing N N 113 
GLU CG  HG2  sing N N 114 
GLU CG  HG3  sing N N 115 
GLU CD  OE1  doub N N 116 
GLU CD  OE2  sing N N 117 
GLU OE2 HE2  sing N N 118 
GLU OXT HXT  sing N N 119 
GLY N   CA   sing N N 120 
GLY N   H    sing N N 121 
GLY N   H2   sing N N 122 
GLY CA  C    sing N N 123 
GLY CA  HA2  sing N N 124 
GLY CA  HA3  sing N N 125 
GLY C   O    doub N N 126 
GLY C   OXT  sing N N 127 
GLY OXT HXT  sing N N 128 
HIS N   CA   sing N N 129 
HIS N   H    sing N N 130 
HIS N   H2   sing N N 131 
HIS CA  C    sing N N 132 
HIS CA  CB   sing N N 133 
HIS CA  HA   sing N N 134 
HIS C   O    doub N N 135 
HIS C   OXT  sing N N 136 
HIS CB  CG   sing N N 137 
HIS CB  HB2  sing N N 138 
HIS CB  HB3  sing N N 139 
HIS CG  ND1  sing Y N 140 
HIS CG  CD2  doub Y N 141 
HIS ND1 CE1  doub Y N 142 
HIS ND1 HD1  sing N N 143 
HIS CD2 NE2  sing Y N 144 
HIS CD2 HD2  sing N N 145 
HIS CE1 NE2  sing Y N 146 
HIS CE1 HE1  sing N N 147 
HIS NE2 HE2  sing N N 148 
HIS OXT HXT  sing N N 149 
HOH O   H1   sing N N 150 
HOH O   H2   sing N N 151 
ILE N   CA   sing N N 152 
ILE N   H    sing N N 153 
ILE N   H2   sing N N 154 
ILE CA  C    sing N N 155 
ILE CA  CB   sing N N 156 
ILE CA  HA   sing N N 157 
ILE C   O    doub N N 158 
ILE C   OXT  sing N N 159 
ILE CB  CG1  sing N N 160 
ILE CB  CG2  sing N N 161 
ILE CB  HB   sing N N 162 
ILE CG1 CD1  sing N N 163 
ILE CG1 HG12 sing N N 164 
ILE CG1 HG13 sing N N 165 
ILE CG2 HG21 sing N N 166 
ILE CG2 HG22 sing N N 167 
ILE CG2 HG23 sing N N 168 
ILE CD1 HD11 sing N N 169 
ILE CD1 HD12 sing N N 170 
ILE CD1 HD13 sing N N 171 
ILE OXT HXT  sing N N 172 
LEU N   CA   sing N N 173 
LEU N   H    sing N N 174 
LEU N   H2   sing N N 175 
LEU CA  C    sing N N 176 
LEU CA  CB   sing N N 177 
LEU CA  HA   sing N N 178 
LEU C   O    doub N N 179 
LEU C   OXT  sing N N 180 
LEU CB  CG   sing N N 181 
LEU CB  HB2  sing N N 182 
LEU CB  HB3  sing N N 183 
LEU CG  CD1  sing N N 184 
LEU CG  CD2  sing N N 185 
LEU CG  HG   sing N N 186 
LEU CD1 HD11 sing N N 187 
LEU CD1 HD12 sing N N 188 
LEU CD1 HD13 sing N N 189 
LEU CD2 HD21 sing N N 190 
LEU CD2 HD22 sing N N 191 
LEU CD2 HD23 sing N N 192 
LEU OXT HXT  sing N N 193 
LYS N   CA   sing N N 194 
LYS N   H    sing N N 195 
LYS N   H2   sing N N 196 
LYS CA  C    sing N N 197 
LYS CA  CB   sing N N 198 
LYS CA  HA   sing N N 199 
LYS C   O    doub N N 200 
LYS C   OXT  sing N N 201 
LYS CB  CG   sing N N 202 
LYS CB  HB2  sing N N 203 
LYS CB  HB3  sing N N 204 
LYS CG  CD   sing N N 205 
LYS CG  HG2  sing N N 206 
LYS CG  HG3  sing N N 207 
LYS CD  CE   sing N N 208 
LYS CD  HD2  sing N N 209 
LYS CD  HD3  sing N N 210 
LYS CE  NZ   sing N N 211 
LYS CE  HE2  sing N N 212 
LYS CE  HE3  sing N N 213 
LYS NZ  HZ1  sing N N 214 
LYS NZ  HZ2  sing N N 215 
LYS NZ  HZ3  sing N N 216 
LYS OXT HXT  sing N N 217 
MET N   CA   sing N N 218 
MET N   H    sing N N 219 
MET N   H2   sing N N 220 
MET CA  C    sing N N 221 
MET CA  CB   sing N N 222 
MET CA  HA   sing N N 223 
MET C   O    doub N N 224 
MET C   OXT  sing N N 225 
MET CB  CG   sing N N 226 
MET CB  HB2  sing N N 227 
MET CB  HB3  sing N N 228 
MET CG  SD   sing N N 229 
MET CG  HG2  sing N N 230 
MET CG  HG3  sing N N 231 
MET SD  CE   sing N N 232 
MET CE  HE1  sing N N 233 
MET CE  HE2  sing N N 234 
MET CE  HE3  sing N N 235 
MET OXT HXT  sing N N 236 
PHE N   CA   sing N N 237 
PHE N   H    sing N N 238 
PHE N   H2   sing N N 239 
PHE CA  C    sing N N 240 
PHE CA  CB   sing N N 241 
PHE CA  HA   sing N N 242 
PHE C   O    doub N N 243 
PHE C   OXT  sing N N 244 
PHE CB  CG   sing N N 245 
PHE CB  HB2  sing N N 246 
PHE CB  HB3  sing N N 247 
PHE CG  CD1  doub Y N 248 
PHE CG  CD2  sing Y N 249 
PHE CD1 CE1  sing Y N 250 
PHE CD1 HD1  sing N N 251 
PHE CD2 CE2  doub Y N 252 
PHE CD2 HD2  sing N N 253 
PHE CE1 CZ   doub Y N 254 
PHE CE1 HE1  sing N N 255 
PHE CE2 CZ   sing Y N 256 
PHE CE2 HE2  sing N N 257 
PHE CZ  HZ   sing N N 258 
PHE OXT HXT  sing N N 259 
PRO N   CA   sing N N 260 
PRO N   CD   sing N N 261 
PRO N   H    sing N N 262 
PRO CA  C    sing N N 263 
PRO CA  CB   sing N N 264 
PRO CA  HA   sing N N 265 
PRO C   O    doub N N 266 
PRO C   OXT  sing N N 267 
PRO CB  CG   sing N N 268 
PRO CB  HB2  sing N N 269 
PRO CB  HB3  sing N N 270 
PRO CG  CD   sing N N 271 
PRO CG  HG2  sing N N 272 
PRO CG  HG3  sing N N 273 
PRO CD  HD2  sing N N 274 
PRO CD  HD3  sing N N 275 
PRO OXT HXT  sing N N 276 
SER N   CA   sing N N 277 
SER N   H    sing N N 278 
SER N   H2   sing N N 279 
SER CA  C    sing N N 280 
SER CA  CB   sing N N 281 
SER CA  HA   sing N N 282 
SER C   O    doub N N 283 
SER C   OXT  sing N N 284 
SER CB  OG   sing N N 285 
SER CB  HB2  sing N N 286 
SER CB  HB3  sing N N 287 
SER OG  HG   sing N N 288 
SER OXT HXT  sing N N 289 
THR N   CA   sing N N 290 
THR N   H    sing N N 291 
THR N   H2   sing N N 292 
THR CA  C    sing N N 293 
THR CA  CB   sing N N 294 
THR CA  HA   sing N N 295 
THR C   O    doub N N 296 
THR C   OXT  sing N N 297 
THR CB  OG1  sing N N 298 
THR CB  CG2  sing N N 299 
THR CB  HB   sing N N 300 
THR OG1 HG1  sing N N 301 
THR CG2 HG21 sing N N 302 
THR CG2 HG22 sing N N 303 
THR CG2 HG23 sing N N 304 
THR OXT HXT  sing N N 305 
TYR N   CA   sing N N 306 
TYR N   H    sing N N 307 
TYR N   H2   sing N N 308 
TYR CA  C    sing N N 309 
TYR CA  CB   sing N N 310 
TYR CA  HA   sing N N 311 
TYR C   O    doub N N 312 
TYR C   OXT  sing N N 313 
TYR CB  CG   sing N N 314 
TYR CB  HB2  sing N N 315 
TYR CB  HB3  sing N N 316 
TYR CG  CD1  doub Y N 317 
TYR CG  CD2  sing Y N 318 
TYR CD1 CE1  sing Y N 319 
TYR CD1 HD1  sing N N 320 
TYR CD2 CE2  doub Y N 321 
TYR CD2 HD2  sing N N 322 
TYR CE1 CZ   doub Y N 323 
TYR CE1 HE1  sing N N 324 
TYR CE2 CZ   sing Y N 325 
TYR CE2 HE2  sing N N 326 
TYR CZ  OH   sing N N 327 
TYR OH  HH   sing N N 328 
TYR OXT HXT  sing N N 329 
VAL N   CA   sing N N 330 
VAL N   H    sing N N 331 
VAL N   H2   sing N N 332 
VAL CA  C    sing N N 333 
VAL CA  CB   sing N N 334 
VAL CA  HA   sing N N 335 
VAL C   O    doub N N 336 
VAL C   OXT  sing N N 337 
VAL CB  CG1  sing N N 338 
VAL CB  CG2  sing N N 339 
VAL CB  HB   sing N N 340 
VAL CG1 HG11 sing N N 341 
VAL CG1 HG12 sing N N 342 
VAL CG1 HG13 sing N N 343 
VAL CG2 HG21 sing N N 344 
VAL CG2 HG22 sing N N 345 
VAL CG2 HG23 sing N N 346 
VAL OXT HXT  sing N N 347 
# 
_atom_sites.entry_id                    1KTE 
_atom_sites.fract_transf_matrix[1][1]   -0.01170749 
_atom_sites.fract_transf_matrix[1][2]   -0.00082618 
_atom_sites.fract_transf_matrix[1][3]   0.04102401 
_atom_sites.fract_transf_matrix[2][1]   0.01231669 
_atom_sites.fract_transf_matrix[2][2]   0.00870277 
_atom_sites.fract_transf_matrix[2][3]   0.00369022 
_atom_sites.fract_transf_matrix[3][1]   -0.01860287 
_atom_sites.fract_transf_matrix[3][2]   0.02805247 
_atom_sites.fract_transf_matrix[3][3]   -0.00406709 
_atom_sites.fract_transf_vector[1]      0.863262 
_atom_sites.fract_transf_vector[2]      0.451736 
_atom_sites.fract_transf_vector[3]      0.271678 
# 
loop_
_atom_type.symbol 
C 
N 
O 
S 
# 
loop_
_atom_site.group_PDB 
_atom_site.id 
_atom_site.type_symbol 
_atom_site.label_atom_id 
_atom_site.label_alt_id 
_atom_site.label_comp_id 
_atom_site.label_asym_id 
_atom_site.label_entity_id 
_atom_site.label_seq_id 
_atom_site.pdbx_PDB_ins_code 
_atom_site.Cartn_x 
_atom_site.Cartn_y 
_atom_site.Cartn_z 
_atom_site.occupancy 
_atom_site.B_iso_or_equiv 
_atom_site.pdbx_formal_charge 
_atom_site.auth_seq_id 
_atom_site.auth_comp_id 
_atom_site.auth_asym_id 
_atom_site.auth_atom_id 
_atom_site.pdbx_PDB_model_num 
ATOM   1   N N   . ALA A 1 1   ? 15.143  8.009   3.245   1.00 18.33 ? 1   ALA A N   1 
ATOM   2   C CA  . ALA A 1 1   ? 14.011  7.832   2.356   1.00 16.52 ? 1   ALA A CA  1 
ATOM   3   C C   . ALA A 1 1   ? 14.086  6.461   1.726   1.00 15.03 ? 1   ALA A C   1 
ATOM   4   O O   . ALA A 1 1   ? 13.144  5.702   1.909   1.00 16.00 ? 1   ALA A O   1 
ATOM   5   C CB  . ALA A 1 1   ? 13.976  8.816   1.192   1.00 17.21 ? 1   ALA A CB  1 
ATOM   6   N N   . GLN A 1 2   ? 15.190  6.063   1.075   1.00 14.70 ? 2   GLN A N   1 
ATOM   7   C CA  . GLN A 1 2   ? 15.286  4.786   0.366   1.00 14.58 ? 2   GLN A CA  1 
ATOM   8   C C   . GLN A 1 2   ? 15.231  3.578   1.252   1.00 12.38 ? 2   GLN A C   1 
ATOM   9   O O   . GLN A 1 2   ? 14.421  2.682   1.040   1.00 12.11 ? 2   GLN A O   1 
ATOM   10  C CB  . GLN A 1 2   ? 16.577  4.638   -0.436  1.00 17.38 ? 2   GLN A CB  1 
ATOM   11  C CG  . GLN A 1 2   ? 16.782  5.696   -1.521  1.00 22.60 ? 2   GLN A CG  1 
ATOM   12  C CD  . GLN A 1 2   ? 17.904  5.376   -2.495  1.00 24.11 ? 2   GLN A CD  1 
ATOM   13  O OE1 . GLN A 1 2   ? 17.780  5.676   -3.672  1.00 29.77 ? 2   GLN A OE1 1 
ATOM   14  N NE2 . GLN A 1 2   ? 19.027  4.759   -2.155  1.00 23.75 ? 2   GLN A NE2 1 
ATOM   15  N N   . ALA A 1 3   ? 16.086  3.537   2.263   1.00 13.94 ? 3   ALA A N   1 
ATOM   16  C CA  . ALA A 1 3   ? 16.124  2.382   3.148   1.00 12.74 ? 3   ALA A CA  1 
ATOM   17  C C   . ALA A 1 3   ? 14.835  2.272   3.922   1.00 11.35 ? 3   ALA A C   1 
ATOM   18  O O   . ALA A 1 3   ? 14.346  1.162   4.127   1.00 12.22 ? 3   ALA A O   1 
ATOM   19  C CB  . ALA A 1 3   ? 17.237  2.475   4.154   1.00 10.17 ? 3   ALA A CB  1 
ATOM   20  N N   . PHE A 1 4   ? 14.263  3.432   4.282   1.00 11.75 ? 4   PHE A N   1 
ATOM   21  C CA  . PHE A 1 4   ? 12.966  3.487   4.931   1.00 10.29 ? 4   PHE A CA  1 
ATOM   22  C C   . PHE A 1 4   ? 11.890  2.805   4.082   1.00 10.97 ? 4   PHE A C   1 
ATOM   23  O O   . PHE A 1 4   ? 11.287  1.850   4.577   1.00 7.53  ? 4   PHE A O   1 
ATOM   24  C CB  . PHE A 1 4   ? 12.571  4.940   5.181   1.00 11.72 ? 4   PHE A CB  1 
ATOM   25  C CG  . PHE A 1 4   ? 11.166  5.074   5.756   1.00 16.98 ? 4   PHE A CG  1 
ATOM   26  C CD1 . PHE A 1 4   ? 10.914  4.714   7.086   1.00 17.80 ? 4   PHE A CD1 1 
ATOM   27  C CD2 . PHE A 1 4   ? 10.137  5.559   4.948   1.00 12.51 ? 4   PHE A CD2 1 
ATOM   28  C CE1 . PHE A 1 4   ? 9.626   4.844   7.598   1.00 18.59 ? 4   PHE A CE1 1 
ATOM   29  C CE2 . PHE A 1 4   ? 8.854   5.689   5.473   1.00 19.72 ? 4   PHE A CE2 1 
ATOM   30  C CZ  . PHE A 1 4   ? 8.601   5.333   6.796   1.00 20.03 ? 4   PHE A CZ  1 
ATOM   31  N N   . VAL A 1 5   ? 11.623  3.180   2.817   1.00 10.96 ? 5   VAL A N   1 
ATOM   32  C CA  . VAL A 1 5   ? 10.522  2.497   2.158   1.00 12.03 ? 5   VAL A CA  1 
ATOM   33  C C   . VAL A 1 5   ? 10.947  1.094   1.791   1.00 12.91 ? 5   VAL A C   1 
ATOM   34  O O   . VAL A 1 5   ? 10.095  0.209   1.847   1.00 10.57 ? 5   VAL A O   1 
ATOM   35  C CB  . VAL A 1 5   ? 9.904   3.232   0.833   1.00 12.04 ? 5   VAL A CB  1 
ATOM   36  C CG1 . VAL A 1 5   ? 10.270  4.710   0.835   1.00 5.33  ? 5   VAL A CG1 1 
ATOM   37  C CG2 . VAL A 1 5   ? 10.277  2.510   -0.446  1.00 9.23  ? 5   VAL A CG2 1 
ATOM   38  N N   . ASN A 1 6   ? 12.222  0.825   1.489   1.00 13.95 ? 6   ASN A N   1 
ATOM   39  C CA  . ASN A 1 6   ? 12.617  -0.525  1.099   1.00 13.93 ? 6   ASN A CA  1 
ATOM   40  C C   . ASN A 1 6   ? 12.505  -1.521  2.228   1.00 14.98 ? 6   ASN A C   1 
ATOM   41  O O   . ASN A 1 6   ? 12.319  -2.707  1.949   1.00 13.88 ? 6   ASN A O   1 
ATOM   42  C CB  . ASN A 1 6   ? 14.047  -0.596  0.608   1.00 19.23 ? 6   ASN A CB  1 
ATOM   43  C CG  . ASN A 1 6   ? 14.229  -0.002  -0.771  1.00 22.04 ? 6   ASN A CG  1 
ATOM   44  O OD1 . ASN A 1 6   ? 13.379  -0.110  -1.650  1.00 28.33 ? 6   ASN A OD1 1 
ATOM   45  N ND2 . ASN A 1 6   ? 15.326  0.671   -1.050  1.00 26.59 ? 6   ASN A ND2 1 
ATOM   46  N N   . SER A 1 7   ? 12.613  -1.087  3.491   1.00 13.78 ? 7   SER A N   1 
ATOM   47  C CA  . SER A 1 7   ? 12.445  -1.993  4.620   1.00 13.31 ? 7   SER A CA  1 
ATOM   48  C C   . SER A 1 7   ? 10.988  -2.356  4.834   1.00 12.52 ? 7   SER A C   1 
ATOM   49  O O   . SER A 1 7   ? 10.640  -3.393  5.394   1.00 13.32 ? 7   SER A O   1 
ATOM   50  C CB  . SER A 1 7   ? 12.982  -1.347  5.889   1.00 13.00 ? 7   SER A CB  1 
ATOM   51  O OG  . SER A 1 7   ? 12.300  -0.161  6.313   1.00 16.28 ? 7   SER A OG  1 
ATOM   52  N N   . LYS A 1 8   ? 10.092  -1.478  4.389   1.00 13.50 ? 8   LYS A N   1 
ATOM   53  C CA  . LYS A 1 8   ? 8.686   -1.706  4.606   1.00 11.83 ? 8   LYS A CA  1 
ATOM   54  C C   . LYS A 1 8   ? 8.117   -2.734  3.645   1.00 12.94 ? 8   LYS A C   1 
ATOM   55  O O   . LYS A 1 8   ? 7.311   -3.557  4.098   1.00 11.22 ? 8   LYS A O   1 
ATOM   56  C CB  . LYS A 1 8   ? 7.958   -0.359  4.487   1.00 13.35 ? 8   LYS A CB  1 
ATOM   57  C CG  . LYS A 1 8   ? 8.411   0.673   5.533   1.00 9.72  ? 8   LYS A CG  1 
ATOM   58  C CD  . LYS A 1 8   ? 7.948   0.270   6.940   1.00 17.72 ? 8   LYS A CD  1 
ATOM   59  C CE  . LYS A 1 8   ? 8.303   1.378   7.942   1.00 15.70 ? 8   LYS A CE  1 
ATOM   60  N NZ  . LYS A 1 8   ? 7.688   1.237   9.258   1.00 22.87 ? 8   LYS A NZ  1 
ATOM   61  N N   . ILE A 1 9   ? 8.561   -2.710  2.374   1.00 11.05 ? 9   ILE A N   1 
ATOM   62  C CA  . ILE A 1 9   ? 8.013   -3.576  1.336   1.00 13.61 ? 9   ILE A CA  1 
ATOM   63  C C   . ILE A 1 9   ? 8.632   -4.950  1.382   1.00 12.23 ? 9   ILE A C   1 
ATOM   64  O O   . ILE A 1 9   ? 9.861   -5.098  1.370   1.00 12.72 ? 9   ILE A O   1 
ATOM   65  C CB  . ILE A 1 9   ? 8.196   -2.952  -0.116  1.00 14.29 ? 9   ILE A CB  1 
ATOM   66  C CG1 . ILE A 1 9   ? 9.604   -2.468  -0.425  1.00 20.74 ? 9   ILE A CG1 1 
ATOM   67  C CG2 . ILE A 1 9   ? 7.273   -1.750  -0.197  1.00 15.26 ? 9   ILE A CG2 1 
ATOM   68  C CD1 . ILE A 1 9   ? 9.775   -1.723  -1.790  1.00 25.19 ? 9   ILE A CD1 1 
ATOM   69  N N   . GLN A 1 10  ? 7.780   -5.971  1.396   1.00 11.13 ? 10  GLN A N   1 
ATOM   70  C CA  . GLN A 1 10  ? 8.221   -7.344  1.515   1.00 10.86 ? 10  GLN A CA  1 
ATOM   71  C C   . GLN A 1 10  ? 7.298   -8.319  0.807   1.00 10.00 ? 10  GLN A C   1 
ATOM   72  O O   . GLN A 1 10  ? 6.085   -8.093  0.737   1.00 10.42 ? 10  GLN A O   1 
ATOM   73  C CB  . GLN A 1 10  ? 8.290   -7.759  2.972   1.00 14.27 ? 10  GLN A CB  1 
ATOM   74  C CG  . GLN A 1 10  ? 9.621   -7.405  3.578   1.00 22.05 ? 10  GLN A CG  1 
ATOM   75  C CD  . GLN A 1 10  ? 9.633   -7.521  5.084   1.00 30.84 ? 10  GLN A CD  1 
ATOM   76  O OE1 . GLN A 1 10  ? 8.613   -7.434  5.795   1.00 32.99 ? 10  GLN A OE1 1 
ATOM   77  N NE2 . GLN A 1 10  ? 10.838  -7.719  5.589   1.00 34.61 ? 10  GLN A NE2 1 
ATOM   78  N N   . PRO A 1 11  ? 7.807   -9.429  0.255   1.00 6.53  ? 11  PRO A N   1 
ATOM   79  C CA  . PRO A 1 11  ? 7.011   -10.481 -0.324  1.00 7.75  ? 11  PRO A CA  1 
ATOM   80  C C   . PRO A 1 11  ? 6.089   -10.977 0.742   1.00 6.33  ? 11  PRO A C   1 
ATOM   81  O O   . PRO A 1 11  ? 6.490   -11.218 1.877   1.00 9.49  ? 11  PRO A O   1 
ATOM   82  C CB  . PRO A 1 11  ? 7.984   -11.544 -0.779  1.00 8.32  ? 11  PRO A CB  1 
ATOM   83  C CG  . PRO A 1 11  ? 9.214   -10.732 -1.062  1.00 7.94  ? 11  PRO A CG  1 
ATOM   84  C CD  . PRO A 1 11  ? 9.223   -9.794  0.147   1.00 11.72 ? 11  PRO A CD  1 
ATOM   85  N N   . GLY A 1 12  ? 4.839   -11.037 0.314   1.00 5.64  ? 12  GLY A N   1 
ATOM   86  C CA  . GLY A 1 12  ? 3.783   -11.534 1.161   1.00 8.39  ? 12  GLY A CA  1 
ATOM   87  C C   . GLY A 1 12  ? 3.163   -10.488 2.062   1.00 7.67  ? 12  GLY A C   1 
ATOM   88  O O   . GLY A 1 12  ? 2.331   -10.881 2.866   1.00 10.24 ? 12  GLY A O   1 
ATOM   89  N N   . LYS A 1 13  ? 3.493   -9.199  1.959   1.00 9.66  ? 13  LYS A N   1 
ATOM   90  C CA  . LYS A 1 13  ? 2.937   -8.165  2.820   1.00 10.29 ? 13  LYS A CA  1 
ATOM   91  C C   . LYS A 1 13  ? 2.241   -7.078  2.004   1.00 10.20 ? 13  LYS A C   1 
ATOM   92  O O   . LYS A 1 13  ? 2.712   -6.770  0.903   1.00 6.89  ? 13  LYS A O   1 
ATOM   93  C CB  . LYS A 1 13  ? 4.087   -7.578  3.618   1.00 9.77  ? 13  LYS A CB  1 
ATOM   94  C CG  . LYS A 1 13  ? 3.697   -6.516  4.601   1.00 10.63 ? 13  LYS A CG  1 
ATOM   95  C CD  . LYS A 1 13  ? 4.943   -5.806  4.944   1.00 12.04 ? 13  LYS A CD  1 
ATOM   96  C CE  . LYS A 1 13  ? 4.602   -4.793  5.997   1.00 19.12 ? 13  LYS A CE  1 
ATOM   97  N NZ  . LYS A 1 13  ? 5.739   -4.747  6.896   1.00 25.36 ? 13  LYS A NZ  1 
ATOM   98  N N   . VAL A 1 14  ? 1.134   -6.481  2.473   1.00 10.89 ? 14  VAL A N   1 
ATOM   99  C CA  . VAL A 1 14  ? 0.526   -5.353  1.777   1.00 9.99  ? 14  VAL A CA  1 
ATOM   100 C C   . VAL A 1 14  ? 0.938   -4.090  2.529   1.00 5.01  ? 14  VAL A C   1 
ATOM   101 O O   . VAL A 1 14  ? 0.823   -4.069  3.755   1.00 6.68  ? 14  VAL A O   1 
ATOM   102 C CB  . VAL A 1 14  ? -1.007  -5.525  1.752   1.00 7.84  ? 14  VAL A CB  1 
ATOM   103 C CG1 . VAL A 1 14  ? -1.680  -4.337  1.061   1.00 9.33  ? 14  VAL A CG1 1 
ATOM   104 C CG2 . VAL A 1 14  ? -1.346  -6.766  0.954   1.00 5.86  ? 14  VAL A CG2 1 
ATOM   105 N N   . VAL A 1 15  ? 1.471   -3.058  1.888   1.00 3.11  ? 15  VAL A N   1 
ATOM   106 C CA  . VAL A 1 15  ? 1.824   -1.837  2.595   1.00 10.10 ? 15  VAL A CA  1 
ATOM   107 C C   . VAL A 1 15  ? 1.215   -0.687  1.801   1.00 9.35  ? 15  VAL A C   1 
ATOM   108 O O   . VAL A 1 15  ? 1.271   -0.689  0.571   1.00 11.00 ? 15  VAL A O   1 
ATOM   109 C CB  . VAL A 1 15  ? 3.387   -1.711  2.736   1.00 10.15 ? 15  VAL A CB  1 
ATOM   110 C CG1 . VAL A 1 15  ? 4.065   -1.947  1.436   1.00 15.82 ? 15  VAL A CG1 1 
ATOM   111 C CG2 . VAL A 1 15  ? 3.792   -0.291  3.097   1.00 10.96 ? 15  VAL A CG2 1 
ATOM   112 N N   . VAL A 1 16  ? 0.551   0.269   2.456   1.00 8.87  ? 16  VAL A N   1 
ATOM   113 C CA  . VAL A 1 16  ? -0.086  1.395   1.770   1.00 5.41  ? 16  VAL A CA  1 
ATOM   114 C C   . VAL A 1 16  ? 0.621   2.616   2.313   1.00 6.62  ? 16  VAL A C   1 
ATOM   115 O O   . VAL A 1 16  ? 0.673   2.814   3.535   1.00 8.94  ? 16  VAL A O   1 
ATOM   116 C CB  . VAL A 1 16  ? -1.607  1.476   2.097   1.00 7.47  ? 16  VAL A CB  1 
ATOM   117 C CG1 . VAL A 1 16  ? -2.263  2.590   1.306   1.00 5.97  ? 16  VAL A CG1 1 
ATOM   118 C CG2 . VAL A 1 16  ? -2.288  0.153   1.751   1.00 5.31  ? 16  VAL A CG2 1 
ATOM   119 N N   . PHE A 1 17  ? 1.245   3.422   1.461   1.00 5.51  ? 17  PHE A N   1 
ATOM   120 C CA  . PHE A 1 17  ? 1.863   4.645   1.927   1.00 5.80  ? 17  PHE A CA  1 
ATOM   121 C C   . PHE A 1 17  ? 0.779   5.692   1.861   1.00 7.23  ? 17  PHE A C   1 
ATOM   122 O O   . PHE A 1 17  ? 0.138   5.848   0.812   1.00 5.39  ? 17  PHE A O   1 
ATOM   123 C CB  . PHE A 1 17  ? 3.044   5.029   1.035   1.00 5.73  ? 17  PHE A CB  1 
ATOM   124 C CG  . PHE A 1 17  ? 4.223   4.079   1.247   1.00 9.73  ? 17  PHE A CG  1 
ATOM   125 C CD1 . PHE A 1 17  ? 5.113   4.302   2.306   1.00 6.14  ? 17  PHE A CD1 1 
ATOM   126 C CD2 . PHE A 1 17  ? 4.421   2.997   0.380   1.00 8.16  ? 17  PHE A CD2 1 
ATOM   127 C CE1 . PHE A 1 17  ? 6.197   3.444   2.491   1.00 5.88  ? 17  PHE A CE1 1 
ATOM   128 C CE2 . PHE A 1 17  ? 5.516   2.142   0.576   1.00 9.93  ? 17  PHE A CE2 1 
ATOM   129 C CZ  . PHE A 1 17  ? 6.395   2.372   1.628   1.00 5.73  ? 17  PHE A CZ  1 
ATOM   130 N N   . ILE A 1 18  ? 0.550   6.355   2.997   1.00 8.64  ? 18  ILE A N   1 
ATOM   131 C CA  . ILE A 1 18  ? -0.503  7.337   3.142   1.00 6.83  ? 18  ILE A CA  1 
ATOM   132 C C   . ILE A 1 18  ? 0.068   8.664   3.659   1.00 10.62 ? 18  ILE A C   1 
ATOM   133 O O   . ILE A 1 18  ? 1.271   8.821   3.946   1.00 6.74  ? 18  ILE A O   1 
ATOM   134 C CB  . ILE A 1 18  ? -1.631  6.820   4.131   1.00 6.39  ? 18  ILE A CB  1 
ATOM   135 C CG1 . ILE A 1 18  ? -1.066  6.634   5.534   1.00 3.56  ? 18  ILE A CG1 1 
ATOM   136 C CG2 . ILE A 1 18  ? -2.260  5.527   3.599   1.00 2.18  ? 18  ILE A CG2 1 
ATOM   137 C CD1 . ILE A 1 18  ? -2.119  6.214   6.565   1.00 8.36  ? 18  ILE A CD1 1 
ATOM   138 N N   . LYS A 1 19  ? -0.850  9.639   3.739   1.00 12.12 ? 19  LYS A N   1 
ATOM   139 C CA  . LYS A 1 19  ? -0.654  10.961  4.332   1.00 15.62 ? 19  LYS A CA  1 
ATOM   140 C C   . LYS A 1 19  ? -1.866  11.166  5.242   1.00 16.36 ? 19  LYS A C   1 
ATOM   141 O O   . LYS A 1 19  ? -2.899  10.538  4.980   1.00 13.35 ? 19  LYS A O   1 
ATOM   142 C CB  . LYS A 1 19  ? -0.682  12.049  3.290   1.00 18.25 ? 19  LYS A CB  1 
ATOM   143 C CG  . LYS A 1 19  ? 0.673   12.663  3.115   1.00 25.24 ? 19  LYS A CG  1 
ATOM   144 C CD  . LYS A 1 19  ? 0.630   13.411  1.799   1.00 30.64 ? 19  LYS A CD  1 
ATOM   145 C CE  . LYS A 1 19  ? 2.009   13.522  1.166   1.00 31.75 ? 19  LYS A CE  1 
ATOM   146 N NZ  . LYS A 1 19  ? 2.841   14.472  1.880   1.00 38.73 ? 19  LYS A NZ  1 
ATOM   147 N N   . PRO A 1 20  ? -1.840  11.975  6.313   1.00 17.46 ? 20  PRO A N   1 
ATOM   148 C CA  . PRO A 1 20  ? -3.031  12.453  6.999   1.00 20.12 ? 20  PRO A CA  1 
ATOM   149 C C   . PRO A 1 20  ? -3.807  13.376  6.044   1.00 24.12 ? 20  PRO A C   1 
ATOM   150 O O   . PRO A 1 20  ? -3.247  13.943  5.082   1.00 24.58 ? 20  PRO A O   1 
ATOM   151 C CB  . PRO A 1 20  ? -2.502  13.178  8.215   1.00 20.63 ? 20  PRO A CB  1 
ATOM   152 C CG  . PRO A 1 20  ? -1.032  12.858  8.291   1.00 18.08 ? 20  PRO A CG  1 
ATOM   153 C CD  . PRO A 1 20  ? -0.683  12.715  6.820   1.00 17.14 ? 20  PRO A CD  1 
ATOM   154 N N   . THR A 1 21  ? -5.098  13.558  6.326   1.00 24.78 ? 21  THR A N   1 
ATOM   155 C CA  . THR A 1 21  ? -5.976  14.403  5.519   1.00 27.36 ? 21  THR A CA  1 
ATOM   156 C C   . THR A 1 21  ? -5.826  14.016  4.025   1.00 24.99 ? 21  THR A C   1 
ATOM   157 O O   . THR A 1 21  ? -5.274  14.706  3.155   1.00 26.49 ? 21  THR A O   1 
ATOM   158 C CB  . THR A 1 21  ? -5.597  15.898  5.854   1.00 28.64 ? 21  THR A CB  1 
ATOM   159 O OG1 . THR A 1 21  ? -5.443  16.016  7.282   1.00 30.99 ? 21  THR A OG1 1 
ATOM   160 C CG2 . THR A 1 21  ? -6.668  16.880  5.385   1.00 34.82 ? 21  THR A CG2 1 
ATOM   161 N N   . CYS A 1 22  ? -6.253  12.785  3.759   1.00 21.46 ? 22  CYS A N   1 
ATOM   162 C CA  . CYS A 1 22  ? -6.164  12.235  2.428   1.00 17.23 ? 22  CYS A CA  1 
ATOM   163 C C   . CYS A 1 22  ? -7.349  11.305  2.241   1.00 14.71 ? 22  CYS A C   1 
ATOM   164 O O   . CYS A 1 22  ? -7.354  10.138  2.653   1.00 13.71 ? 22  CYS A O   1 
ATOM   165 C CB  . CYS A 1 22  ? -4.829  11.504  2.285   1.00 15.71 ? 22  CYS A CB  1 
ATOM   166 S SG  . CYS A 1 22  ? -4.719  10.476  0.806   1.00 9.78  ? 22  CYS A SG  1 
ATOM   167 N N   . PRO A 1 23  ? -8.415  11.805  1.625   1.00 13.86 ? 23  PRO A N   1 
ATOM   168 C CA  . PRO A 1 23  ? -9.689  11.098  1.520   1.00 13.47 ? 23  PRO A CA  1 
ATOM   169 C C   . PRO A 1 23  ? -9.572  9.716   0.890   1.00 8.59  ? 23  PRO A C   1 
ATOM   170 O O   . PRO A 1 23  ? -10.220 8.775   1.340   1.00 10.79 ? 23  PRO A O   1 
ATOM   171 C CB  . PRO A 1 23  ? -10.562 12.062  0.729   1.00 11.94 ? 23  PRO A CB  1 
ATOM   172 C CG  . PRO A 1 23  ? -9.979  13.426  1.052   1.00 7.24  ? 23  PRO A CG  1 
ATOM   173 C CD  . PRO A 1 23  ? -8.486  13.137  1.010   1.00 12.58 ? 23  PRO A CD  1 
ATOM   174 N N   . PHE A 1 24  ? -8.713  9.576   -0.121  1.00 10.07 ? 24  PHE A N   1 
ATOM   175 C CA  . PHE A 1 24  ? -8.495  8.309   -0.805  1.00 8.79  ? 24  PHE A CA  1 
ATOM   176 C C   . PHE A 1 24  ? -7.646  7.337   -0.010  1.00 9.64  ? 24  PHE A C   1 
ATOM   177 O O   . PHE A 1 24  ? -7.844  6.126   -0.145  1.00 10.41 ? 24  PHE A O   1 
ATOM   178 C CB  . PHE A 1 24  ? -7.867  8.576   -2.176  1.00 2.88  ? 24  PHE A CB  1 
ATOM   179 C CG  . PHE A 1 24  ? -8.877  9.040   -3.225  1.00 6.70  ? 24  PHE A CG  1 
ATOM   180 C CD1 . PHE A 1 24  ? -10.188 9.401   -2.873  1.00 7.59  ? 24  PHE A CD1 1 
ATOM   181 C CD2 . PHE A 1 24  ? -8.487  9.118   -4.563  1.00 3.44  ? 24  PHE A CD2 1 
ATOM   182 C CE1 . PHE A 1 24  ? -11.095 9.822   -3.838  1.00 7.63  ? 24  PHE A CE1 1 
ATOM   183 C CE2 . PHE A 1 24  ? -9.403  9.539   -5.521  1.00 9.20  ? 24  PHE A CE2 1 
ATOM   184 C CZ  . PHE A 1 24  ? -10.704 9.891   -5.166  1.00 6.98  ? 24  PHE A CZ  1 
ATOM   185 N N   . CYS A 1 25  ? -6.765  7.833   0.870   1.00 9.73  ? 25  CYS A N   1 
ATOM   186 C CA  . CYS A 1 25  ? -5.963  7.016   1.771   1.00 9.62  ? 25  CYS A CA  1 
ATOM   187 C C   . CYS A 1 25  ? -6.954  6.317   2.676   1.00 12.87 ? 25  CYS A C   1 
ATOM   188 O O   . CYS A 1 25  ? -6.942  5.084   2.745   1.00 13.87 ? 25  CYS A O   1 
ATOM   189 C CB  . CYS A 1 25  ? -5.034  7.882   2.608   1.00 9.48  ? 25  CYS A CB  1 
ATOM   190 S SG  . CYS A 1 25  ? -3.825  8.773   1.595   1.00 12.87 ? 25  CYS A SG  1 
ATOM   191 N N   . ARG A 1 26  ? -7.899  7.098   3.239   1.00 16.21 ? 26  ARG A N   1 
ATOM   192 C CA  . ARG A 1 26  ? -8.986  6.599   4.078   1.00 15.67 ? 26  ARG A CA  1 
ATOM   193 C C   . ARG A 1 26  ? -9.846  5.560   3.408   1.00 13.70 ? 26  ARG A C   1 
ATOM   194 O O   . ARG A 1 26  ? -10.142 4.538   4.031   1.00 12.41 ? 26  ARG A O   1 
ATOM   195 C CB  . ARG A 1 26  ? -9.952  7.695   4.526   1.00 22.04 ? 26  ARG A CB  1 
ATOM   196 C CG  . ARG A 1 26  ? -9.377  8.690   5.512   1.00 31.64 ? 26  ARG A CG  1 
ATOM   197 C CD  . ARG A 1 26  ? -9.020  8.026   6.833   1.00 43.08 ? 26  ARG A CD  1 
ATOM   198 N NE  . ARG A 1 26  ? -10.159 7.336   7.426   1.00 52.93 ? 26  ARG A NE  1 
ATOM   199 C CZ  . ARG A 1 26  ? -10.026 6.157   8.055   1.00 57.80 ? 26  ARG A CZ  1 
ATOM   200 N NH1 . ARG A 1 26  ? -8.832  5.563   8.202   1.00 59.59 ? 26  ARG A NH1 1 
ATOM   201 N NH2 . ARG A 1 26  ? -11.105 5.575   8.560   1.00 58.61 ? 26  ARG A NH2 1 
ATOM   202 N N   . LYS A 1 27  ? -10.249 5.786   2.158   1.00 11.96 ? 27  LYS A N   1 
ATOM   203 C CA  . LYS A 1 27  ? -11.036 4.791   1.456   1.00 16.39 ? 27  LYS A CA  1 
ATOM   204 C C   . LYS A 1 27  ? -10.215 3.522   1.329   1.00 17.45 ? 27  LYS A C   1 
ATOM   205 O O   . LYS A 1 27  ? -10.759 2.452   1.604   1.00 20.32 ? 27  LYS A O   1 
ATOM   206 C CB  . LYS A 1 27  ? -11.416 5.241   0.063   1.00 18.10 ? 27  LYS A CB  1 
ATOM   207 C CG  . LYS A 1 27  ? -12.402 6.379   0.085   1.00 29.06 ? 27  LYS A CG  1 
ATOM   208 C CD  . LYS A 1 27  ? -12.600 6.974   -1.296  1.00 35.65 ? 27  LYS A CD  1 
ATOM   209 C CE  . LYS A 1 27  ? -13.423 6.041   -2.162  1.00 39.70 ? 27  LYS A CE  1 
ATOM   210 N NZ  . LYS A 1 27  ? -13.807 6.717   -3.386  1.00 42.58 ? 27  LYS A NZ  1 
ATOM   211 N N   . THR A 1 28  ? -8.920  3.611   0.998   1.00 16.74 ? 28  THR A N   1 
ATOM   212 C CA  . THR A 1 28  ? -8.062  2.438   0.879   1.00 18.95 ? 28  THR A CA  1 
ATOM   213 C C   . THR A 1 28  ? -8.014  1.703   2.223   1.00 18.75 ? 28  THR A C   1 
ATOM   214 O O   . THR A 1 28  ? -8.227  0.480   2.298   1.00 18.17 ? 28  THR A O   1 
ATOM   215 C CB  . THR A 1 28  ? -6.674  2.919   0.423   1.00 17.16 ? 28  THR A CB  1 
ATOM   216 O OG1 . THR A 1 28  ? -6.860  3.557   -0.847  1.00 20.17 ? 28  THR A OG1 1 
ATOM   217 C CG2 . THR A 1 28  ? -5.674  1.802   0.305   1.00 16.06 ? 28  THR A CG2 1 
ATOM   218 N N   . GLN A 1 29  ? -7.826  2.455   3.317   1.00 19.83 ? 29  GLN A N   1 
ATOM   219 C CA  . GLN A 1 29  ? -7.788  1.884   4.651   1.00 20.83 ? 29  GLN A CA  1 
ATOM   220 C C   . GLN A 1 29  ? -9.075  1.149   4.963   1.00 20.95 ? 29  GLN A C   1 
ATOM   221 O O   . GLN A 1 29  ? -9.036  0.047   5.513   1.00 22.85 ? 29  GLN A O   1 
ATOM   222 C CB  . GLN A 1 29  ? -7.601  2.947   5.712   1.00 21.33 ? 29  GLN A CB  1 
ATOM   223 C CG  . GLN A 1 29  ? -6.273  3.659   5.626   1.00 34.02 ? 29  GLN A CG  1 
ATOM   224 C CD  . GLN A 1 29  ? -6.003  4.532   6.844   1.00 40.49 ? 29  GLN A CD  1 
ATOM   225 O OE1 . GLN A 1 29  ? -6.433  5.686   6.931   1.00 42.72 ? 29  GLN A OE1 1 
ATOM   226 N NE2 . GLN A 1 29  ? -5.354  4.019   7.883   1.00 45.49 ? 29  GLN A NE2 1 
ATOM   227 N N   . GLU A 1 30  ? -10.213 1.709   4.567   1.00 22.87 ? 30  GLU A N   1 
ATOM   228 C CA  . GLU A 1 30  ? -11.508 1.108   4.820   1.00 23.32 ? 30  GLU A CA  1 
ATOM   229 C C   . GLU A 1 30  ? -11.632 -0.222  4.130   1.00 22.32 ? 30  GLU A C   1 
ATOM   230 O O   . GLU A 1 30  ? -12.122 -1.178  4.727   1.00 25.42 ? 30  GLU A O   1 
ATOM   231 C CB  . GLU A 1 30  ? -12.657 1.966   4.320   1.00 24.18 ? 30  GLU A CB  1 
ATOM   232 C CG  . GLU A 1 30  ? -13.018 3.144   5.211   1.00 32.27 ? 30  GLU A CG  1 
ATOM   233 C CD  . GLU A 1 30  ? -13.973 4.119   4.531   1.00 34.97 ? 30  GLU A CD  1 
ATOM   234 O OE1 . GLU A 1 30  ? -15.103 3.724   4.214   1.00 34.69 ? 30  GLU A OE1 1 
ATOM   235 O OE2 . GLU A 1 30  ? -13.562 5.265   4.316   1.00 32.92 ? 30  GLU A OE2 1 
ATOM   236 N N   . LEU A 1 31  ? -11.204 -0.295  2.886   1.00 19.65 ? 31  LEU A N   1 
ATOM   237 C CA  . LEU A 1 31  ? -11.315 -1.523  2.131   1.00 21.80 ? 31  LEU A CA  1 
ATOM   238 C C   . LEU A 1 31  ? -10.412 -2.614  2.726   1.00 21.99 ? 31  LEU A C   1 
ATOM   239 O O   . LEU A 1 31  ? -10.880 -3.695  3.121   1.00 24.20 ? 31  LEU A O   1 
ATOM   240 C CB  . LEU A 1 31  ? -10.969 -1.146  0.676   1.00 22.01 ? 31  LEU A CB  1 
ATOM   241 C CG  . LEU A 1 31  ? -11.135 -2.088  -0.527  1.00 23.99 ? 31  LEU A CG  1 
ATOM   242 C CD1 . LEU A 1 31  ? -9.904  -2.940  -0.671  1.00 27.51 ? 31  LEU A CD1 1 
ATOM   243 C CD2 . LEU A 1 31  ? -12.376 -2.945  -0.356  1.00 30.18 ? 31  LEU A CD2 1 
ATOM   244 N N   . LEU A 1 32  ? -9.121  -2.338  2.897   1.00 16.72 ? 32  LEU A N   1 
ATOM   245 C CA  . LEU A 1 32  ? -8.239  -3.367  3.380   1.00 15.05 ? 32  LEU A CA  1 
ATOM   246 C C   . LEU A 1 32  ? -8.430  -3.739  4.849   1.00 15.55 ? 32  LEU A C   1 
ATOM   247 O O   . LEU A 1 32  ? -8.206  -4.903  5.184   1.00 17.28 ? 32  LEU A O   1 
ATOM   248 C CB  . LEU A 1 32  ? -6.821  -2.917  3.090   1.00 12.57 ? 32  LEU A CB  1 
ATOM   249 C CG  . LEU A 1 32  ? -6.455  -2.815  1.613   1.00 8.75  ? 32  LEU A CG  1 
ATOM   250 C CD1 . LEU A 1 32  ? -5.053  -2.264  1.495   1.00 10.68 ? 32  LEU A CD1 1 
ATOM   251 C CD2 . LEU A 1 32  ? -6.580  -4.169  0.941   1.00 12.45 ? 32  LEU A CD2 1 
ATOM   252 N N   . SER A 1 33  ? -8.901  -2.866  5.748   1.00 16.31 ? 33  SER A N   1 
ATOM   253 C CA  . SER A 1 33  ? -9.097  -3.218  7.156   1.00 18.98 ? 33  SER A CA  1 
ATOM   254 C C   . SER A 1 33  ? -10.157 -4.266  7.432   1.00 18.49 ? 33  SER A C   1 
ATOM   255 O O   . SER A 1 33  ? -10.177 -4.841  8.523   1.00 21.34 ? 33  SER A O   1 
ATOM   256 C CB  . SER A 1 33  ? -9.480  -2.007  7.990   1.00 19.20 ? 33  SER A CB  1 
ATOM   257 O OG  . SER A 1 33  ? -8.437  -1.051  7.991   1.00 24.11 ? 33  SER A OG  1 
ATOM   258 N N   . GLN A 1 34  ? -11.049 -4.512  6.485   1.00 20.00 ? 34  GLN A N   1 
ATOM   259 C CA  . GLN A 1 34  ? -12.101 -5.502  6.655   1.00 24.71 ? 34  GLN A CA  1 
ATOM   260 C C   . GLN A 1 34  ? -11.580 -6.920  6.457   1.00 23.33 ? 34  GLN A C   1 
ATOM   261 O O   . GLN A 1 34  ? -12.103 -7.872  7.053   1.00 26.27 ? 34  GLN A O   1 
ATOM   262 C CB  . GLN A 1 34  ? -13.228 -5.331  5.638   1.00 28.15 ? 34  GLN A CB  1 
ATOM   263 C CG  . GLN A 1 34  ? -13.745 -3.919  5.395   1.00 37.01 ? 34  GLN A CG  1 
ATOM   264 C CD  . GLN A 1 34  ? -14.374 -3.215  6.595   1.00 41.74 ? 34  GLN A CD  1 
ATOM   265 O OE1 . GLN A 1 34  ? -14.654 -3.774  7.665   1.00 44.07 ? 34  GLN A OE1 1 
ATOM   266 N NE2 . GLN A 1 34  ? -14.640 -1.936  6.414   1.00 41.20 ? 34  GLN A NE2 1 
ATOM   267 N N   . LEU A 1 35  ? -10.536 -7.068  5.635   1.00 19.63 ? 35  LEU A N   1 
ATOM   268 C CA  . LEU A 1 35  ? -10.099 -8.369  5.174   1.00 15.93 ? 35  LEU A CA  1 
ATOM   269 C C   . LEU A 1 35  ? -9.375  -9.139  6.239   1.00 13.36 ? 35  LEU A C   1 
ATOM   270 O O   . LEU A 1 35  ? -8.682  -8.511  7.035   1.00 16.12 ? 35  LEU A O   1 
ATOM   271 C CB  . LEU A 1 35  ? -9.209  -8.181  3.971   1.00 13.69 ? 35  LEU A CB  1 
ATOM   272 C CG  . LEU A 1 35  ? -9.860  -7.456  2.824   1.00 11.57 ? 35  LEU A CG  1 
ATOM   273 C CD1 . LEU A 1 35  ? -8.844  -7.141  1.756   1.00 11.03 ? 35  LEU A CD1 1 
ATOM   274 C CD2 . LEU A 1 35  ? -10.962 -8.330  2.266   1.00 16.28 ? 35  LEU A CD2 1 
ATOM   275 N N   . PRO A 1 36  ? -9.487  -10.475 6.329   1.00 16.38 ? 36  PRO A N   1 
ATOM   276 C CA  . PRO A 1 36  ? -8.901  -11.273 7.400   1.00 17.59 ? 36  PRO A CA  1 
ATOM   277 C C   . PRO A 1 36  ? -7.388  -11.458 7.316   1.00 19.11 ? 36  PRO A C   1 
ATOM   278 O O   . PRO A 1 36  ? -6.901  -12.590 7.305   1.00 21.54 ? 36  PRO A O   1 
ATOM   279 C CB  . PRO A 1 36  ? -9.680  -12.578 7.331   1.00 16.71 ? 36  PRO A CB  1 
ATOM   280 C CG  . PRO A 1 36  ? -9.899  -12.720 5.849   1.00 16.59 ? 36  PRO A CG  1 
ATOM   281 C CD  . PRO A 1 36  ? -10.310 -11.316 5.455   1.00 15.74 ? 36  PRO A CD  1 
ATOM   282 N N   . PHE A 1 37  ? -6.619  -10.371 7.265   1.00 16.25 ? 37  PHE A N   1 
ATOM   283 C CA  . PHE A 1 37  ? -5.166  -10.442 7.245   1.00 16.00 ? 37  PHE A CA  1 
ATOM   284 C C   . PHE A 1 37  ? -4.628  -11.117 8.482   1.00 15.28 ? 37  PHE A C   1 
ATOM   285 O O   . PHE A 1 37  ? -5.255  -11.065 9.564   1.00 15.12 ? 37  PHE A O   1 
ATOM   286 C CB  . PHE A 1 37  ? -4.535  -9.061  7.194   1.00 13.94 ? 37  PHE A CB  1 
ATOM   287 C CG  . PHE A 1 37  ? -4.632  -8.447  5.819   1.00 11.79 ? 37  PHE A CG  1 
ATOM   288 C CD1 . PHE A 1 37  ? -3.636  -8.728  4.878   1.00 7.51  ? 37  PHE A CD1 1 
ATOM   289 C CD2 . PHE A 1 37  ? -5.711  -7.614  5.503   1.00 9.96  ? 37  PHE A CD2 1 
ATOM   290 C CE1 . PHE A 1 37  ? -3.717  -8.180  3.596   1.00 5.89  ? 37  PHE A CE1 1 
ATOM   291 C CE2 . PHE A 1 37  ? -5.782  -7.069  4.221   1.00 10.27 ? 37  PHE A CE2 1 
ATOM   292 C CZ  . PHE A 1 37  ? -4.789  -7.352  3.275   1.00 8.41  ? 37  PHE A CZ  1 
ATOM   293 N N   . LYS A 1 38  ? -3.510  -11.809 8.286   1.00 12.68 ? 38  LYS A N   1 
ATOM   294 C CA  . LYS A 1 38  ? -2.803  -12.335 9.426   1.00 12.78 ? 38  LYS A CA  1 
ATOM   295 C C   . LYS A 1 38  ? -2.050  -11.115 9.950   1.00 14.66 ? 38  LYS A C   1 
ATOM   296 O O   . LYS A 1 38  ? -1.842  -10.111 9.257   1.00 13.94 ? 38  LYS A O   1 
ATOM   297 C CB  . LYS A 1 38  ? -1.782  -13.411 9.069   1.00 11.68 ? 38  LYS A CB  1 
ATOM   298 C CG  . LYS A 1 38  ? -2.224  -14.776 8.579   1.00 12.28 ? 38  LYS A CG  1 
ATOM   299 C CD  . LYS A 1 38  ? -0.903  -15.355 8.084   1.00 13.74 ? 38  LYS A CD  1 
ATOM   300 C CE  . LYS A 1 38  ? -0.906  -16.699 7.356   1.00 20.88 ? 38  LYS A CE  1 
ATOM   301 N NZ  . LYS A 1 38  ? 0.116   -16.653 6.302   1.00 29.41 ? 38  LYS A NZ  1 
ATOM   302 N N   . GLU A 1 39  ? -1.625  -11.224 11.203  1.00 13.61 ? 39  GLU A N   1 
ATOM   303 C CA  . GLU A 1 39  ? -0.977  -10.168 11.936  1.00 14.76 ? 39  GLU A CA  1 
ATOM   304 C C   . GLU A 1 39  ? 0.359   -9.834  11.302  1.00 13.17 ? 39  GLU A C   1 
ATOM   305 O O   . GLU A 1 39  ? 1.130   -10.715 10.911  1.00 13.91 ? 39  GLU A O   1 
ATOM   306 C CB  . GLU A 1 39  ? -0.811  -10.648 13.377  1.00 21.25 ? 39  GLU A CB  1 
ATOM   307 C CG  . GLU A 1 39  ? -0.195  -9.668  14.365  1.00 29.06 ? 39  GLU A CG  1 
ATOM   308 C CD  . GLU A 1 39  ? -0.290  -10.145 15.812  1.00 36.71 ? 39  GLU A CD  1 
ATOM   309 O OE1 . GLU A 1 39  ? -1.407  -10.368 16.286  1.00 38.62 ? 39  GLU A OE1 1 
ATOM   310 O OE2 . GLU A 1 39  ? 0.748   -10.286 16.466  1.00 40.85 ? 39  GLU A OE2 1 
ATOM   311 N N   . GLY A 1 40  ? 0.579   -8.540  11.146  1.00 11.96 ? 40  GLY A N   1 
ATOM   312 C CA  . GLY A 1 40  ? 1.823   -8.029  10.631  1.00 8.67  ? 40  GLY A CA  1 
ATOM   313 C C   . GLY A 1 40  ? 1.883   -7.985  9.115   1.00 10.51 ? 40  GLY A C   1 
ATOM   314 O O   . GLY A 1 40  ? 2.871   -7.474  8.573   1.00 15.27 ? 40  GLY A O   1 
ATOM   315 N N   . LEU A 1 41  ? 0.858   -8.453  8.416   1.00 8.78  ? 41  LEU A N   1 
ATOM   316 C CA  . LEU A 1 41  ? 0.845   -8.511  6.965   1.00 6.78  ? 41  LEU A CA  1 
ATOM   317 C C   . LEU A 1 41  ? 0.092   -7.390  6.236   1.00 7.45  ? 41  LEU A C   1 
ATOM   318 O O   . LEU A 1 41  ? -0.040  -7.371  5.005   1.00 2.18  ? 41  LEU A O   1 
ATOM   319 C CB  . LEU A 1 41  ? 0.313   -9.913  6.609   1.00 6.98  ? 41  LEU A CB  1 
ATOM   320 C CG  . LEU A 1 41  ? 1.330   -11.041 6.378   1.00 7.77  ? 41  LEU A CG  1 
ATOM   321 C CD1 . LEU A 1 41  ? 2.458   -10.973 7.369   1.00 7.97  ? 41  LEU A CD1 1 
ATOM   322 C CD2 . LEU A 1 41  ? 0.638   -12.371 6.491   1.00 6.68  ? 41  LEU A CD2 1 
ATOM   323 N N   . LEU A 1 42  ? -0.448  -6.430  6.976   1.00 7.13  ? 42  LEU A N   1 
ATOM   324 C CA  . LEU A 1 42  ? -1.000  -5.224  6.377   1.00 6.20  ? 42  LEU A CA  1 
ATOM   325 C C   . LEU A 1 42  ? -0.372  -4.070  7.153   1.00 5.03  ? 42  LEU A C   1 
ATOM   326 O O   . LEU A 1 42  ? -0.339  -4.144  8.380   1.00 5.38  ? 42  LEU A O   1 
ATOM   327 C CB  . LEU A 1 42  ? -2.506  -5.179  6.524   1.00 3.82  ? 42  LEU A CB  1 
ATOM   328 C CG  . LEU A 1 42  ? -3.219  -3.882  6.115   1.00 3.80  ? 42  LEU A CG  1 
ATOM   329 C CD1 . LEU A 1 42  ? -3.105  -3.616  4.618   1.00 3.57  ? 42  LEU A CD1 1 
ATOM   330 C CD2 . LEU A 1 42  ? -4.665  -4.005  6.531   1.00 2.48  ? 42  LEU A CD2 1 
ATOM   331 N N   . GLU A 1 43  ? 0.186   -3.026  6.540   1.00 5.92  ? 43  GLU A N   1 
ATOM   332 C CA  . GLU A 1 43  ? 0.698   -1.884  7.282   1.00 7.54  ? 43  GLU A CA  1 
ATOM   333 C C   . GLU A 1 43  ? 0.399   -0.600  6.511   1.00 6.00  ? 43  GLU A C   1 
ATOM   334 O O   . GLU A 1 43  ? 0.556   -0.538  5.293   1.00 4.97  ? 43  GLU A O   1 
ATOM   335 C CB  . GLU A 1 43  ? 2.204   -2.013  7.478   1.00 8.77  ? 43  GLU A CB  1 
ATOM   336 C CG  . GLU A 1 43  ? 2.829   -0.936  8.364   1.00 16.17 ? 43  GLU A CG  1 
ATOM   337 C CD  . GLU A 1 43  ? 4.369   -0.950  8.482   1.00 21.65 ? 43  GLU A CD  1 
ATOM   338 O OE1 . GLU A 1 43  ? 5.050   -1.835  7.951   1.00 22.03 ? 43  GLU A OE1 1 
ATOM   339 O OE2 . GLU A 1 43  ? 4.913   -0.047  9.117   1.00 19.19 ? 43  GLU A OE2 1 
ATOM   340 N N   . PHE A 1 44  ? -0.046  0.435   7.219   1.00 7.78  ? 44  PHE A N   1 
ATOM   341 C CA  . PHE A 1 44  ? -0.267  1.754   6.641   1.00 9.60  ? 44  PHE A CA  1 
ATOM   342 C C   . PHE A 1 44  ? 0.874   2.563   7.222   1.00 6.71  ? 44  PHE A C   1 
ATOM   343 O O   . PHE A 1 44  ? 1.089   2.580   8.444   1.00 6.85  ? 44  PHE A O   1 
ATOM   344 C CB  . PHE A 1 44  ? -1.592  2.382   7.082   1.00 12.09 ? 44  PHE A CB  1 
ATOM   345 C CG  . PHE A 1 44  ? -2.749  1.484   6.703   1.00 13.87 ? 44  PHE A CG  1 
ATOM   346 C CD1 . PHE A 1 44  ? -3.131  1.397   5.368   1.00 15.74 ? 44  PHE A CD1 1 
ATOM   347 C CD2 . PHE A 1 44  ? -3.375  0.713   7.673   1.00 15.90 ? 44  PHE A CD2 1 
ATOM   348 C CE1 . PHE A 1 44  ? -4.147  0.526   4.996   1.00 13.82 ? 44  PHE A CE1 1 
ATOM   349 C CE2 . PHE A 1 44  ? -4.393  -0.152  7.285   1.00 16.33 ? 44  PHE A CE2 1 
ATOM   350 C CZ  . PHE A 1 44  ? -4.775  -0.251  5.952   1.00 10.85 ? 44  PHE A CZ  1 
ATOM   351 N N   . VAL A 1 45  ? 1.630   3.162   6.311   1.00 6.10  ? 45  VAL A N   1 
ATOM   352 C CA  . VAL A 1 45  ? 2.815   3.919   6.638   1.00 6.58  ? 45  VAL A CA  1 
ATOM   353 C C   . VAL A 1 45  ? 2.546   5.370   6.310   1.00 6.12  ? 45  VAL A C   1 
ATOM   354 O O   . VAL A 1 45  ? 2.263   5.729   5.167   1.00 5.14  ? 45  VAL A O   1 
ATOM   355 C CB  . VAL A 1 45  ? 4.008   3.364   5.829   1.00 5.25  ? 45  VAL A CB  1 
ATOM   356 C CG1 . VAL A 1 45  ? 5.291   4.058   6.232   1.00 2.00  ? 45  VAL A CG1 1 
ATOM   357 C CG2 . VAL A 1 45  ? 4.153   1.876   6.116   1.00 2.33  ? 45  VAL A CG2 1 
ATOM   358 N N   . ASP A 1 46  ? 2.579   6.203   7.331   1.00 6.79  ? 46  ASP A N   1 
ATOM   359 C CA  . ASP A 1 46  ? 2.382   7.624   7.159   1.00 6.49  ? 46  ASP A CA  1 
ATOM   360 C C   . ASP A 1 46  ? 3.729   8.262   6.771   1.00 9.11  ? 46  ASP A C   1 
ATOM   361 O O   . ASP A 1 46  ? 4.655   8.361   7.591   1.00 7.52  ? 46  ASP A O   1 
ATOM   362 C CB  . ASP A 1 46  ? 1.848   8.207   8.481   1.00 7.84  ? 46  ASP A CB  1 
ATOM   363 C CG  . ASP A 1 46  ? 1.511   9.697   8.486   1.00 10.03 ? 46  ASP A CG  1 
ATOM   364 O OD1 . ASP A 1 46  ? 1.732   10.405  7.506   1.00 10.50 ? 46  ASP A OD1 1 
ATOM   365 O OD2 . ASP A 1 46  ? 1.002   10.165  9.490   1.00 15.32 ? 46  ASP A OD2 1 
ATOM   366 N N   . ILE A 1 47  ? 3.839   8.802   5.555   1.00 8.21  ? 47  ILE A N   1 
ATOM   367 C CA  . ILE A 1 47  ? 5.097   9.394   5.132   1.00 8.33  ? 47  ILE A CA  1 
ATOM   368 C C   . ILE A 1 47  ? 5.419   10.777  5.714   1.00 10.92 ? 47  ILE A C   1 
ATOM   369 O O   . ILE A 1 47  ? 6.536   11.299  5.608   1.00 9.40  ? 47  ILE A O   1 
ATOM   370 C CB  . ILE A 1 47  ? 5.137   9.425   3.600   1.00 6.42  ? 47  ILE A CB  1 
ATOM   371 C CG1 . ILE A 1 47  ? 4.080   10.297  2.970   1.00 6.34  ? 47  ILE A CG1 1 
ATOM   372 C CG2 . ILE A 1 47  ? 5.004   7.962   3.167   1.00 3.40  ? 47  ILE A CG2 1 
ATOM   373 C CD1 . ILE A 1 47  ? 4.525   10.683  1.538   1.00 7.93  ? 47  ILE A CD1 1 
ATOM   374 N N   . THR A 1 48  ? 4.443   11.375  6.391   1.00 13.41 ? 48  THR A N   1 
ATOM   375 C CA  . THR A 1 48  ? 4.610   12.619  7.139   1.00 16.67 ? 48  THR A CA  1 
ATOM   376 C C   . THR A 1 48  ? 5.294   12.393  8.495   1.00 16.58 ? 48  THR A C   1 
ATOM   377 O O   . THR A 1 48  ? 5.857   13.320  9.092   1.00 18.03 ? 48  THR A O   1 
ATOM   378 C CB  . THR A 1 48  ? 3.186   13.223  7.265   1.00 15.80 ? 48  THR A CB  1 
ATOM   379 O OG1 . THR A 1 48  ? 2.931   13.732  5.948   1.00 21.06 ? 48  THR A OG1 1 
ATOM   380 C CG2 . THR A 1 48  ? 2.986   14.265  8.325   1.00 21.72 ? 48  THR A CG2 1 
ATOM   381 N N   . ALA A 1 49  ? 5.317   11.153  8.988   1.00 15.36 ? 49  ALA A N   1 
ATOM   382 C CA  . ALA A 1 49  ? 5.927   10.871  10.271  1.00 18.08 ? 49  ALA A CA  1 
ATOM   383 C C   . ALA A 1 49  ? 7.449   10.824  10.172  1.00 20.63 ? 49  ALA A C   1 
ATOM   384 O O   . ALA A 1 49  ? 8.141   10.527  11.164  1.00 22.45 ? 49  ALA A O   1 
ATOM   385 C CB  . ALA A 1 49  ? 5.421   9.526   10.816  1.00 18.76 ? 49  ALA A CB  1 
ATOM   386 N N   . THR A 1 50  ? 8.013   11.209  9.037   1.00 22.30 ? 50  THR A N   1 
ATOM   387 C CA  . THR A 1 50  ? 9.450   11.222  8.829   1.00 25.27 ? 50  THR A CA  1 
ATOM   388 C C   . THR A 1 50  ? 9.736   12.631  8.332   1.00 24.34 ? 50  THR A C   1 
ATOM   389 O O   . THR A 1 50  ? 8.860   13.254  7.726   1.00 25.49 ? 50  THR A O   1 
ATOM   390 C CB  . THR A 1 50  ? 9.848   10.175  7.757   1.00 22.85 ? 50  THR A CB  1 
ATOM   391 O OG1 . THR A 1 50  ? 9.092   8.985   7.924   1.00 23.28 ? 50  THR A OG1 1 
ATOM   392 C CG2 . THR A 1 50  ? 11.295  9.813   7.914   1.00 25.63 ? 50  THR A CG2 1 
ATOM   393 N N   . SER A 1 51  ? 10.919  13.178  8.570   1.00 25.78 ? 51  SER A N   1 
ATOM   394 C CA  . SER A 1 51  ? 11.271  14.499  8.069   1.00 30.85 ? 51  SER A CA  1 
ATOM   395 C C   . SER A 1 51  ? 11.243  14.611  6.543   1.00 30.47 ? 51  SER A C   1 
ATOM   396 O O   . SER A 1 51  ? 10.688  15.539  5.935   1.00 32.67 ? 51  SER A O   1 
ATOM   397 C CB  . SER A 1 51  ? 12.668  14.858  8.578   1.00 32.07 ? 51  SER A CB  1 
ATOM   398 O OG  . SER A 1 51  ? 13.456  13.674  8.710   1.00 39.75 ? 51  SER A OG  1 
ATOM   399 N N   . ASP A 1 52  ? 11.819  13.607  5.894   1.00 28.22 ? 52  ASP A N   1 
ATOM   400 C CA  . ASP A 1 52  ? 11.984  13.647  4.459   1.00 25.58 ? 52  ASP A CA  1 
ATOM   401 C C   . ASP A 1 52  ? 10.813  13.102  3.653   1.00 22.37 ? 52  ASP A C   1 
ATOM   402 O O   . ASP A 1 52  ? 11.002  12.312  2.712   1.00 25.29 ? 52  ASP A O   1 
ATOM   403 C CB  . ASP A 1 52  ? 13.306  12.911  4.119   1.00 23.89 ? 52  ASP A CB  1 
ATOM   404 C CG  . ASP A 1 52  ? 13.431  11.410  4.420   1.00 24.38 ? 52  ASP A CG  1 
ATOM   405 O OD1 . ASP A 1 52  ? 12.634  10.827  5.150   1.00 23.25 ? 52  ASP A OD1 1 
ATOM   406 O OD2 . ASP A 1 52  ? 14.358  10.810  3.900   1.00 29.09 ? 52  ASP A OD2 1 
ATOM   407 N N   . THR A 1 53  ? 9.617   13.586  3.967   1.00 18.27 ? 53  THR A N   1 
ATOM   408 C CA  . THR A 1 53  ? 8.402   13.211  3.253   1.00 16.01 ? 53  THR A CA  1 
ATOM   409 C C   . THR A 1 53  ? 8.552   13.398  1.739   1.00 16.57 ? 53  THR A C   1 
ATOM   410 O O   . THR A 1 53  ? 8.315   12.452  0.984   1.00 18.87 ? 53  THR A O   1 
ATOM   411 C CB  . THR A 1 53  ? 7.245   14.060  3.796   1.00 15.02 ? 53  THR A CB  1 
ATOM   412 O OG1 . THR A 1 53  ? 7.280   13.889  5.212   1.00 13.32 ? 53  THR A OG1 1 
ATOM   413 C CG2 . THR A 1 53  ? 5.892   13.689  3.224   1.00 9.59  ? 53  THR A CG2 1 
ATOM   414 N N   . ASN A 1 54  ? 9.024   14.551  1.260   1.00 13.94 ? 54  ASN A N   1 
ATOM   415 C CA  . ASN A 1 54  ? 9.149   14.794  -0.181  1.00 18.93 ? 54  ASN A CA  1 
ATOM   416 C C   . ASN A 1 54  ? 10.157  13.864  -0.836  1.00 16.34 ? 54  ASN A C   1 
ATOM   417 O O   . ASN A 1 54  ? 9.947   13.432  -1.974  1.00 15.61 ? 54  ASN A O   1 
ATOM   418 C CB  . ASN A 1 54  ? 9.587   16.247  -0.487  1.00 24.12 ? 54  ASN A CB  1 
ATOM   419 C CG  . ASN A 1 54  ? 9.752   16.528  -1.985  1.00 35.27 ? 54  ASN A CG  1 
ATOM   420 O OD1 . ASN A 1 54  ? 8.944   16.109  -2.825  1.00 45.21 ? 54  ASN A OD1 1 
ATOM   421 N ND2 . ASN A 1 54  ? 10.785  17.229  -2.443  1.00 37.58 ? 54  ASN A ND2 1 
ATOM   422 N N   . GLU A 1 55  ? 11.223  13.486  -0.121  1.00 16.09 ? 55  GLU A N   1 
ATOM   423 C CA  . GLU A 1 55  ? 12.208  12.574  -0.678  1.00 15.04 ? 55  GLU A CA  1 
ATOM   424 C C   . GLU A 1 55  ? 11.613  11.188  -0.807  1.00 15.56 ? 55  GLU A C   1 
ATOM   425 O O   . GLU A 1 55  ? 11.947  10.464  -1.751  1.00 18.95 ? 55  GLU A O   1 
ATOM   426 C CB  . GLU A 1 55  ? 13.424  12.464  0.194   1.00 18.55 ? 55  GLU A CB  1 
ATOM   427 C CG  . GLU A 1 55  ? 14.511  13.464  -0.125  1.00 23.55 ? 55  GLU A CG  1 
ATOM   428 C CD  . GLU A 1 55  ? 14.161  14.924  0.110   1.00 30.41 ? 55  GLU A CD  1 
ATOM   429 O OE1 . GLU A 1 55  ? 13.688  15.275  1.198   1.00 31.49 ? 55  GLU A OE1 1 
ATOM   430 O OE2 . GLU A 1 55  ? 14.380  15.708  -0.815  1.00 33.02 ? 55  GLU A OE2 1 
ATOM   431 N N   . ILE A 1 56  ? 10.721  10.801  0.109   1.00 9.56  ? 56  ILE A N   1 
ATOM   432 C CA  . ILE A 1 56  ? 10.035  9.535   -0.014  1.00 8.91  ? 56  ILE A CA  1 
ATOM   433 C C   . ILE A 1 56  ? 9.163   9.621   -1.262  1.00 7.70  ? 56  ILE A C   1 
ATOM   434 O O   . ILE A 1 56  ? 9.188   8.703   -2.083  1.00 9.84  ? 56  ILE A O   1 
ATOM   435 C CB  . ILE A 1 56  ? 9.195   9.273   1.259   1.00 5.82  ? 56  ILE A CB  1 
ATOM   436 C CG1 . ILE A 1 56  ? 10.172  8.967   2.382   1.00 6.47  ? 56  ILE A CG1 1 
ATOM   437 C CG2 . ILE A 1 56  ? 8.216   8.117   1.067   1.00 2.31  ? 56  ILE A CG2 1 
ATOM   438 C CD1 . ILE A 1 56  ? 9.583   8.983   3.807   1.00 8.03  ? 56  ILE A CD1 1 
ATOM   439 N N   . GLN A 1 57  ? 8.419   10.705  -1.486  1.00 7.49  ? 57  GLN A N   1 
ATOM   440 C CA  . GLN A 1 57  ? 7.590   10.811  -2.678  1.00 6.88  ? 57  GLN A CA  1 
ATOM   441 C C   . GLN A 1 57  ? 8.396   10.737  -3.959  1.00 9.50  ? 57  GLN A C   1 
ATOM   442 O O   . GLN A 1 57  ? 7.958   10.094  -4.918  1.00 11.03 ? 57  GLN A O   1 
ATOM   443 C CB  . GLN A 1 57  ? 6.819   12.101  -2.637  1.00 11.02 ? 57  GLN A CB  1 
ATOM   444 C CG  . GLN A 1 57  ? 5.731   11.879  -1.618  1.00 12.13 ? 57  GLN A CG  1 
ATOM   445 C CD  . GLN A 1 57  ? 4.702   12.979  -1.607  1.00 16.77 ? 57  GLN A CD  1 
ATOM   446 O OE1 . GLN A 1 57  ? 4.842   13.993  -0.901  1.00 17.49 ? 57  GLN A OE1 1 
ATOM   447 N NE2 . GLN A 1 57  ? 3.621   12.770  -2.365  1.00 17.84 ? 57  GLN A NE2 1 
ATOM   448 N N   . ASP A 1 58  ? 9.577   11.377  -3.967  1.00 13.48 ? 58  ASP A N   1 
ATOM   449 C CA  . ASP A 1 58  ? 10.561  11.309  -5.055  1.00 13.94 ? 58  ASP A CA  1 
ATOM   450 C C   . ASP A 1 58  ? 10.946  9.860   -5.361  1.00 13.32 ? 58  ASP A C   1 
ATOM   451 O O   . ASP A 1 58  ? 10.943  9.425   -6.522  1.00 14.28 ? 58  ASP A O   1 
ATOM   452 C CB  . ASP A 1 58  ? 11.895  12.024  -4.731  1.00 12.80 ? 58  ASP A CB  1 
ATOM   453 C CG  . ASP A 1 58  ? 11.967  13.555  -4.637  1.00 17.19 ? 58  ASP A CG  1 
ATOM   454 O OD1 . ASP A 1 58  ? 10.977  14.237  -4.855  1.00 15.13 ? 58  ASP A OD1 1 
ATOM   455 O OD2 . ASP A 1 58  ? 13.038  14.077  -4.325  1.00 18.84 ? 58  ASP A OD2 1 
ATOM   456 N N   . TYR A 1 59  ? 11.280  9.104   -4.319  1.00 12.69 ? 59  TYR A N   1 
ATOM   457 C CA  . TYR A 1 59  ? 11.681  7.726   -4.482  1.00 10.10 ? 59  TYR A CA  1 
ATOM   458 C C   . TYR A 1 59  ? 10.501  6.890   -4.963  1.00 7.75  ? 59  TYR A C   1 
ATOM   459 O O   . TYR A 1 59  ? 10.685  6.018   -5.811  1.00 5.81  ? 59  TYR A O   1 
ATOM   460 C CB  . TYR A 1 59  ? 12.220  7.225   -3.141  1.00 12.40 ? 59  TYR A CB  1 
ATOM   461 C CG  . TYR A 1 59  ? 12.829  5.832   -3.224  1.00 12.76 ? 59  TYR A CG  1 
ATOM   462 C CD1 . TYR A 1 59  ? 13.717  5.468   -4.247  1.00 11.52 ? 59  TYR A CD1 1 
ATOM   463 C CD2 . TYR A 1 59  ? 12.449  4.907   -2.272  1.00 6.81  ? 59  TYR A CD2 1 
ATOM   464 C CE1 . TYR A 1 59  ? 14.214  4.174   -4.315  1.00 8.47  ? 59  TYR A CE1 1 
ATOM   465 C CE2 . TYR A 1 59  ? 12.944  3.624   -2.339  1.00 10.94 ? 59  TYR A CE2 1 
ATOM   466 C CZ  . TYR A 1 59  ? 13.820  3.264   -3.345  1.00 9.37  ? 59  TYR A CZ  1 
ATOM   467 O OH  . TYR A 1 59  ? 14.246  1.959   -3.369  1.00 12.99 ? 59  TYR A OH  1 
ATOM   468 N N   . LEU A 1 60  ? 9.266   7.102   -4.504  1.00 10.71 ? 60  LEU A N   1 
ATOM   469 C CA  . LEU A 1 60  ? 8.104   6.375   -5.045  1.00 11.04 ? 60  LEU A CA  1 
ATOM   470 C C   . LEU A 1 60  ? 7.866   6.733   -6.511  1.00 10.32 ? 60  LEU A C   1 
ATOM   471 O O   . LEU A 1 60  ? 7.478   5.867   -7.296  1.00 14.61 ? 60  LEU A O   1 
ATOM   472 C CB  . LEU A 1 60  ? 6.804   6.685   -4.279  1.00 7.24  ? 60  LEU A CB  1 
ATOM   473 C CG  . LEU A 1 60  ? 6.753   6.339   -2.801  1.00 7.73  ? 60  LEU A CG  1 
ATOM   474 C CD1 . LEU A 1 60  ? 5.443   6.838   -2.215  1.00 9.54  ? 60  LEU A CD1 1 
ATOM   475 C CD2 . LEU A 1 60  ? 6.942   4.829   -2.625  1.00 7.23  ? 60  LEU A CD2 1 
ATOM   476 N N   . GLN A 1 61  ? 8.124   7.960   -6.948  1.00 10.78 ? 61  GLN A N   1 
ATOM   477 C CA  . GLN A 1 61  ? 7.986   8.362   -8.331  1.00 11.72 ? 61  GLN A CA  1 
ATOM   478 C C   . GLN A 1 61  ? 8.940   7.516   -9.176  1.00 14.05 ? 61  GLN A C   1 
ATOM   479 O O   . GLN A 1 61  ? 8.547   6.873   -10.149 1.00 14.24 ? 61  GLN A O   1 
ATOM   480 C CB  . GLN A 1 61  ? 8.307   9.847   -8.408  1.00 17.47 ? 61  GLN A CB  1 
ATOM   481 C CG  . GLN A 1 61  ? 8.097   10.538  -9.755  1.00 25.06 ? 61  GLN A CG  1 
ATOM   482 C CD  . GLN A 1 61  ? 8.145   12.058  -9.659  1.00 31.26 ? 61  GLN A CD  1 
ATOM   483 O OE1 . GLN A 1 61  ? 8.494   12.652  -8.632  1.00 40.45 ? 61  GLN A OE1 1 
ATOM   484 N NE2 . GLN A 1 61  ? 7.754   12.790  -10.685 1.00 30.05 ? 61  GLN A NE2 1 
ATOM   485 N N   . GLN A 1 62  ? 10.197  7.436   -8.766  1.00 15.71 ? 62  GLN A N   1 
ATOM   486 C CA  . GLN A 1 62  ? 11.221  6.629   -9.402  1.00 18.54 ? 62  GLN A CA  1 
ATOM   487 C C   . GLN A 1 62  ? 10.897  5.141   -9.421  1.00 19.36 ? 62  GLN A C   1 
ATOM   488 O O   . GLN A 1 62  ? 11.113  4.452   -10.421 1.00 19.52 ? 62  GLN A O   1 
ATOM   489 C CB  . GLN A 1 62  ? 12.505  6.887   -8.654  1.00 25.59 ? 62  GLN A CB  1 
ATOM   490 C CG  . GLN A 1 62  ? 13.673  5.943   -8.866  1.00 34.08 ? 62  GLN A CG  1 
ATOM   491 C CD  . GLN A 1 62  ? 14.794  6.193   -7.867  1.00 38.28 ? 62  GLN A CD  1 
ATOM   492 O OE1 . GLN A 1 62  ? 15.181  7.347   -7.618  1.00 41.81 ? 62  GLN A OE1 1 
ATOM   493 N NE2 . GLN A 1 62  ? 15.312  5.106   -7.290  1.00 36.81 ? 62  GLN A NE2 1 
ATOM   494 N N   . LEU A 1 63  ? 10.356  4.624   -8.330  1.00 17.09 ? 63  LEU A N   1 
ATOM   495 C CA  . LEU A 1 63  ? 10.061  3.211   -8.191  1.00 16.00 ? 63  LEU A CA  1 
ATOM   496 C C   . LEU A 1 63  ? 8.795   2.764   -8.895  1.00 11.34 ? 63  LEU A C   1 
ATOM   497 O O   . LEU A 1 63  ? 8.760   1.673   -9.464  1.00 10.68 ? 63  LEU A O   1 
ATOM   498 C CB  . LEU A 1 63  ? 9.959   2.900   -6.700  1.00 19.91 ? 63  LEU A CB  1 
ATOM   499 C CG  . LEU A 1 63  ? 10.430  1.598   -6.085  1.00 21.77 ? 63  LEU A CG  1 
ATOM   500 C CD1 . LEU A 1 63  ? 11.921  1.423   -6.332  1.00 21.25 ? 63  LEU A CD1 1 
ATOM   501 C CD2 . LEU A 1 63  ? 10.170  1.632   -4.581  1.00 19.51 ? 63  LEU A CD2 1 
ATOM   502 N N   . THR A 1 64  ? 7.742   3.581   -8.853  1.00 10.04 ? 64  THR A N   1 
ATOM   503 C CA  . THR A 1 64  ? 6.415   3.182   -9.307  1.00 8.87  ? 64  THR A CA  1 
ATOM   504 C C   . THR A 1 64  ? 5.895   3.912   -10.543 1.00 10.75 ? 64  THR A C   1 
ATOM   505 O O   . THR A 1 64  ? 4.959   3.456   -11.228 1.00 11.38 ? 64  THR A O   1 
ATOM   506 C CB  . THR A 1 64  ? 5.383   3.357   -8.138  1.00 7.78  ? 64  THR A CB  1 
ATOM   507 O OG1 . THR A 1 64  ? 5.039   4.744   -8.016  1.00 6.36  ? 64  THR A OG1 1 
ATOM   508 C CG2 . THR A 1 64  ? 5.954   2.869   -6.804  1.00 6.96  ? 64  THR A CG2 1 
ATOM   509 N N   . GLY A 1 65  ? 6.493   5.060   -10.824 1.00 10.19 ? 65  GLY A N   1 
ATOM   510 C CA  . GLY A 1 65  ? 6.048   5.866   -11.930 1.00 13.28 ? 65  GLY A CA  1 
ATOM   511 C C   . GLY A 1 65  ? 5.095   6.962   -11.471 1.00 14.66 ? 65  GLY A C   1 
ATOM   512 O O   . GLY A 1 65  ? 4.567   7.668   -12.338 1.00 14.79 ? 65  GLY A O   1 
ATOM   513 N N   . ALA A 1 66  ? 4.805   7.130   -10.169 1.00 12.02 ? 66  ALA A N   1 
ATOM   514 C CA  . ALA A 1 66  ? 3.960   8.215   -9.685  1.00 9.85  ? 66  ALA A CA  1 
ATOM   515 C C   . ALA A 1 66  ? 4.362   8.538   -8.263  1.00 14.04 ? 66  ALA A C   1 
ATOM   516 O O   . ALA A 1 66  ? 4.924   7.673   -7.585  1.00 17.81 ? 66  ALA A O   1 
ATOM   517 C CB  . ALA A 1 66  ? 2.507   7.815   -9.665  1.00 13.74 ? 66  ALA A CB  1 
ATOM   518 N N   . ARG A 1 67  ? 4.162   9.759   -7.778  1.00 15.81 ? 67  ARG A N   1 
ATOM   519 C CA  . ARG A 1 67  ? 4.539   10.120  -6.413  1.00 16.07 ? 67  ARG A CA  1 
ATOM   520 C C   . ARG A 1 67  ? 3.373   10.282  -5.426  1.00 14.37 ? 67  ARG A C   1 
ATOM   521 O O   . ARG A 1 67  ? 3.534   10.541  -4.225  1.00 14.43 ? 67  ARG A O   1 
ATOM   522 C CB  . ARG A 1 67  ? 5.333   11.410  -6.439  1.00 15.97 ? 67  ARG A CB  1 
ATOM   523 C CG  . ARG A 1 67  ? 4.557   12.677  -6.789  1.00 17.12 ? 67  ARG A CG  1 
ATOM   524 C CD  . ARG A 1 67  ? 5.280   13.852  -6.162  1.00 22.31 ? 67  ARG A CD  1 
ATOM   525 N NE  . ARG A 1 67  ? 6.637   13.863  -6.640  1.00 23.80 ? 67  ARG A NE  1 
ATOM   526 C CZ  . ARG A 1 67  ? 7.657   14.300  -5.920  1.00 23.98 ? 67  ARG A CZ  1 
ATOM   527 N NH1 . ARG A 1 67  ? 7.525   14.790  -4.691  1.00 21.50 ? 67  ARG A NH1 1 
ATOM   528 N NH2 . ARG A 1 67  ? 8.833   14.222  -6.514  1.00 29.76 ? 67  ARG A NH2 1 
ATOM   529 N N   . THR A 1 68  ? 2.178   10.203  -5.983  1.00 13.52 ? 68  THR A N   1 
ATOM   530 C CA  . THR A 1 68  ? 0.914   10.336  -5.286  1.00 14.97 ? 68  THR A CA  1 
ATOM   531 C C   . THR A 1 68  ? 0.628   9.258   -4.230  1.00 12.85 ? 68  THR A C   1 
ATOM   532 O O   . THR A 1 68  ? 0.895   8.072   -4.457  1.00 10.80 ? 68  THR A O   1 
ATOM   533 C CB  . THR A 1 68  ? -0.105  10.389  -6.457  1.00 13.06 ? 68  THR A CB  1 
ATOM   534 O OG1 . THR A 1 68  ? 0.119   11.685  -7.006  1.00 18.26 ? 68  THR A OG1 1 
ATOM   535 C CG2 . THR A 1 68  ? -1.558  10.183  -6.117  1.00 14.06 ? 68  THR A CG2 1 
ATOM   536 N N   . VAL A 1 69  ? 0.086   9.636   -3.073  1.00 8.20  ? 69  VAL A N   1 
ATOM   537 C CA  . VAL A 1 69  ? -0.376  8.651   -2.120  1.00 5.92  ? 69  VAL A CA  1 
ATOM   538 C C   . VAL A 1 69  ? -1.896  8.572   -2.283  1.00 5.25  ? 69  VAL A C   1 
ATOM   539 O O   . VAL A 1 69  ? -2.500  9.574   -2.710  1.00 5.78  ? 69  VAL A O   1 
ATOM   540 C CB  . VAL A 1 69  ? -0.010  9.017   -0.648  1.00 4.36  ? 69  VAL A CB  1 
ATOM   541 C CG1 . VAL A 1 69  ? 1.504   8.987   -0.581  1.00 2.07  ? 69  VAL A CG1 1 
ATOM   542 C CG2 . VAL A 1 69  ? -0.590  10.342  -0.196  1.00 4.08  ? 69  VAL A CG2 1 
ATOM   543 N N   . PRO A 1 70  ? -2.611  7.472   -2.003  1.00 5.33  ? 70  PRO A N   1 
ATOM   544 C CA  . PRO A 1 70  ? -2.057  6.235   -1.484  1.00 6.04  ? 70  PRO A CA  1 
ATOM   545 C C   . PRO A 1 70  ? -1.254  5.468   -2.535  1.00 7.79  ? 70  PRO A C   1 
ATOM   546 O O   . PRO A 1 70  ? -1.530  5.559   -3.747  1.00 7.15  ? 70  PRO A O   1 
ATOM   547 C CB  . PRO A 1 70  ? -3.289  5.520   -0.947  1.00 3.22  ? 70  PRO A CB  1 
ATOM   548 C CG  . PRO A 1 70  ? -4.447  5.969   -1.802  1.00 6.88  ? 70  PRO A CG  1 
ATOM   549 C CD  . PRO A 1 70  ? -4.079  7.414   -2.102  1.00 6.17  ? 70  PRO A CD  1 
ATOM   550 N N   . ARG A 1 71  ? -0.173  4.833   -2.084  1.00 6.15  ? 71  ARG A N   1 
ATOM   551 C CA  . ARG A 1 71  ? 0.653   4.026   -2.959  1.00 7.10  ? 71  ARG A CA  1 
ATOM   552 C C   . ARG A 1 71  ? 0.473   2.628   -2.389  1.00 4.23  ? 71  ARG A C   1 
ATOM   553 O O   . ARG A 1 71  ? 0.880   2.413   -1.253  1.00 6.47  ? 71  ARG A O   1 
ATOM   554 C CB  . ARG A 1 71  ? 2.085   4.511   -2.841  1.00 10.23 ? 71  ARG A CB  1 
ATOM   555 C CG  . ARG A 1 71  ? 2.896   4.357   -4.117  1.00 15.67 ? 71  ARG A CG  1 
ATOM   556 C CD  . ARG A 1 71  ? 2.705   5.598   -4.995  1.00 20.29 ? 71  ARG A CD  1 
ATOM   557 N NE  . ARG A 1 71  ? 2.320   5.204   -6.338  1.00 26.05 ? 71  ARG A NE  1 
ATOM   558 C CZ  . ARG A 1 71  ? 1.118   5.452   -6.854  1.00 19.78 ? 71  ARG A CZ  1 
ATOM   559 N NH1 . ARG A 1 71  ? 0.237   6.179   -6.193  1.00 23.53 ? 71  ARG A NH1 1 
ATOM   560 N NH2 . ARG A 1 71  ? 0.858   5.002   -8.066  1.00 22.60 ? 71  ARG A NH2 1 
ATOM   561 N N   . VAL A 1 72  ? -0.167  1.681   -3.060  1.00 4.55  ? 72  VAL A N   1 
ATOM   562 C CA  . VAL A 1 72  ? -0.455  0.346   -2.523  1.00 6.53  ? 72  VAL A CA  1 
ATOM   563 C C   . VAL A 1 72  ? 0.495   -0.707  -3.090  1.00 8.68  ? 72  VAL A C   1 
ATOM   564 O O   . VAL A 1 72  ? 0.589   -0.860  -4.320  1.00 6.48  ? 72  VAL A O   1 
ATOM   565 C CB  . VAL A 1 72  ? -1.898  -0.102  -2.869  1.00 5.42  ? 72  VAL A CB  1 
ATOM   566 C CG1 . VAL A 1 72  ? -2.255  -1.404  -2.140  1.00 3.69  ? 72  VAL A CG1 1 
ATOM   567 C CG2 . VAL A 1 72  ? -2.861  1.011   -2.515  1.00 3.35  ? 72  VAL A CG2 1 
ATOM   568 N N   . PHE A 1 73  ? 1.200   -1.420  -2.212  1.00 5.39  ? 73  PHE A N   1 
ATOM   569 C CA  . PHE A 1 73  ? 2.096   -2.481  -2.608  1.00 6.90  ? 73  PHE A CA  1 
ATOM   570 C C   . PHE A 1 73  ? 1.541   -3.802  -2.118  1.00 7.16  ? 73  PHE A C   1 
ATOM   571 O O   . PHE A 1 73  ? 1.094   -3.874  -0.974  1.00 14.07 ? 73  PHE A O   1 
ATOM   572 C CB  . PHE A 1 73  ? 3.473   -2.289  -2.005  1.00 6.44  ? 73  PHE A CB  1 
ATOM   573 C CG  . PHE A 1 73  ? 4.268   -1.154  -2.631  1.00 9.57  ? 73  PHE A CG  1 
ATOM   574 C CD1 . PHE A 1 73  ? 3.962   0.169   -2.332  1.00 3.78  ? 73  PHE A CD1 1 
ATOM   575 C CD2 . PHE A 1 73  ? 5.299   -1.451  -3.528  1.00 12.42 ? 73  PHE A CD2 1 
ATOM   576 C CE1 . PHE A 1 73  ? 4.690   1.191   -2.933  1.00 6.98  ? 73  PHE A CE1 1 
ATOM   577 C CE2 . PHE A 1 73  ? 6.028   -0.414  -4.127  1.00 11.45 ? 73  PHE A CE2 1 
ATOM   578 C CZ  . PHE A 1 73  ? 5.718   0.909   -3.825  1.00 7.54  ? 73  PHE A CZ  1 
ATOM   579 N N   . ILE A 1 74  ? 1.437   -4.827  -2.960  1.00 5.91  ? 74  ILE A N   1 
ATOM   580 C CA  . ILE A 1 74  ? 1.071   -6.173  -2.559  1.00 7.08  ? 74  ILE A CA  1 
ATOM   581 C C   . ILE A 1 74  ? 2.408   -6.872  -2.839  1.00 8.52  ? 74  ILE A C   1 
ATOM   582 O O   . ILE A 1 74  ? 2.821   -7.016  -3.991  1.00 6.64  ? 74  ILE A O   1 
ATOM   583 C CB  . ILE A 1 74  ? -0.090  -6.704  -3.444  1.00 6.37  ? 74  ILE A CB  1 
ATOM   584 C CG1 . ILE A 1 74  ? -1.289  -5.752  -3.330  1.00 6.27  ? 74  ILE A CG1 1 
ATOM   585 C CG2 . ILE A 1 74  ? -0.496  -8.117  -2.989  1.00 4.80  ? 74  ILE A CG2 1 
ATOM   586 C CD1 . ILE A 1 74  ? -2.618  -6.214  -3.958  1.00 9.34  ? 74  ILE A CD1 1 
ATOM   587 N N   . GLY A 1 75  ? 3.175   -7.237  -1.818  1.00 9.27  ? 75  GLY A N   1 
ATOM   588 C CA  . GLY A 1 75  ? 4.498   -7.799  -1.991  1.00 9.68  ? 75  GLY A CA  1 
ATOM   589 C C   . GLY A 1 75  ? 5.412   -6.681  -2.469  1.00 12.42 ? 75  GLY A C   1 
ATOM   590 O O   . GLY A 1 75  ? 5.353   -5.574  -1.934  1.00 11.15 ? 75  GLY A O   1 
ATOM   591 N N   . LYS A 1 76  ? 6.243   -6.929  -3.489  1.00 14.40 ? 76  LYS A N   1 
ATOM   592 C CA  . LYS A 1 76  ? 7.108   -5.914  -4.091  1.00 16.68 ? 76  LYS A CA  1 
ATOM   593 C C   . LYS A 1 76  ? 6.418   -5.224  -5.296  1.00 16.27 ? 76  LYS A C   1 
ATOM   594 O O   . LYS A 1 76  ? 6.985   -4.377  -6.002  1.00 14.00 ? 76  LYS A O   1 
ATOM   595 C CB  . LYS A 1 76  ? 8.415   -6.528  -4.621  1.00 23.46 ? 76  LYS A CB  1 
ATOM   596 C CG  . LYS A 1 76  ? 9.308   -7.539  -3.874  1.00 30.10 ? 76  LYS A CG  1 
ATOM   597 C CD  . LYS A 1 76  ? 9.802   -7.146  -2.477  1.00 38.66 ? 76  LYS A CD  1 
ATOM   598 C CE  . LYS A 1 76  ? 10.270  -5.700  -2.317  1.00 42.17 ? 76  LYS A CE  1 
ATOM   599 N NZ  . LYS A 1 76  ? 11.679  -5.469  -2.592  1.00 44.86 ? 76  LYS A NZ  1 
ATOM   600 N N   . GLU A 1 77  ? 5.181   -5.624  -5.600  1.00 18.00 ? 77  GLU A N   1 
ATOM   601 C CA  . GLU A 1 77  ? 4.405   -5.112  -6.723  1.00 19.01 ? 77  GLU A CA  1 
ATOM   602 C C   . GLU A 1 77  ? 3.545   -3.927  -6.283  1.00 15.14 ? 77  GLU A C   1 
ATOM   603 O O   . GLU A 1 77  ? 2.704   -4.051  -5.398  1.00 7.15  ? 77  GLU A O   1 
ATOM   604 C CB  . GLU A 1 77  ? 3.511   -6.225  -7.258  1.00 24.06 ? 77  GLU A CB  1 
ATOM   605 C CG  . GLU A 1 77  ? 2.639   -5.842  -8.441  1.00 34.72 ? 77  GLU A CG  1 
ATOM   606 C CD  . GLU A 1 77  ? 1.733   -6.966  -8.936  1.00 43.71 ? 77  GLU A CD  1 
ATOM   607 O OE1 . GLU A 1 77  ? 0.884   -7.441  -8.181  1.00 48.49 ? 77  GLU A OE1 1 
ATOM   608 O OE2 . GLU A 1 77  ? 1.869   -7.355  -10.095 1.00 50.93 ? 77  GLU A OE2 1 
ATOM   609 N N   . CYS A 1 78  ? 3.784   -2.749  -6.843  1.00 14.29 ? 78  CYS A N   1 
ATOM   610 C CA  . CYS A 1 78  ? 2.970   -1.600  -6.531  1.00 15.51 ? 78  CYS A CA  1 
ATOM   611 C C   . CYS A 1 78  ? 1.782   -1.729  -7.454  1.00 15.20 ? 78  CYS A C   1 
ATOM   612 O O   . CYS A 1 78  ? 1.955   -1.684  -8.678  1.00 14.99 ? 78  CYS A O   1 
ATOM   613 C CB  . CYS A 1 78  ? 3.690   -0.316  -6.834  1.00 13.56 ? 78  CYS A CB  1 
ATOM   614 S SG  . CYS A 1 78  ? 2.583   1.093   -6.603  1.00 20.81 ? 78  CYS A SG  1 
ATOM   615 N N   . ILE A 1 79  ? 0.579   -1.912  -6.923  1.00 14.84 ? 79  ILE A N   1 
ATOM   616 C CA  . ILE A 1 79  ? -0.557  -2.051  -7.806  1.00 16.24 ? 79  ILE A CA  1 
ATOM   617 C C   . ILE A 1 79  ? -1.117  -0.696  -8.188  1.00 13.64 ? 79  ILE A C   1 
ATOM   618 O O   . ILE A 1 79  ? -1.879  -0.603  -9.150  1.00 15.36 ? 79  ILE A O   1 
ATOM   619 C CB  . ILE A 1 79  ? -1.660  -2.972  -7.151  1.00 18.04 ? 79  ILE A CB  1 
ATOM   620 C CG1 . ILE A 1 79  ? -2.162  -2.479  -5.811  1.00 18.59 ? 79  ILE A CG1 1 
ATOM   621 C CG2 . ILE A 1 79  ? -1.043  -4.376  -7.015  1.00 15.93 ? 79  ILE A CG2 1 
ATOM   622 C CD1 . ILE A 1 79  ? -3.460  -1.680  -5.948  1.00 20.45 ? 79  ILE A CD1 1 
ATOM   623 N N   . GLY A 1 80  ? -0.765  0.386   -7.514  1.00 12.42 ? 80  GLY A N   1 
ATOM   624 C CA  . GLY A 1 80  ? -1.311  1.681   -7.871  1.00 13.73 ? 80  GLY A CA  1 
ATOM   625 C C   . GLY A 1 80  ? -1.909  2.361   -6.650  1.00 12.94 ? 80  GLY A C   1 
ATOM   626 O O   . GLY A 1 80  ? -1.377  2.235   -5.545  1.00 13.82 ? 80  GLY A O   1 
ATOM   627 N N   . GLY A 1 81  ? -2.979  3.126   -6.840  1.00 12.24 ? 81  GLY A N   1 
ATOM   628 C CA  . GLY A 1 81  ? -3.616  3.845   -5.752  1.00 10.24 ? 81  GLY A CA  1 
ATOM   629 C C   . GLY A 1 81  ? -4.996  3.271   -5.499  1.00 11.98 ? 81  GLY A C   1 
ATOM   630 O O   . GLY A 1 81  ? -5.276  2.106   -5.795  1.00 12.42 ? 81  GLY A O   1 
ATOM   631 N N   . CYS A 1 82  ? -5.901  4.146   -5.074  1.00 9.59  ? 82  CYS A N   1 
ATOM   632 C CA  . CYS A 1 82  ? -7.252  3.775   -4.691  1.00 11.99 ? 82  CYS A CA  1 
ATOM   633 C C   . CYS A 1 82  ? -8.032  3.146   -5.831  1.00 13.94 ? 82  CYS A C   1 
ATOM   634 O O   . CYS A 1 82  ? -8.620  2.067   -5.703  1.00 13.46 ? 82  CYS A O   1 
ATOM   635 C CB  . CYS A 1 82  ? -8.004  5.032   -4.167  1.00 13.06 ? 82  CYS A CB  1 
ATOM   636 S SG  . CYS A 1 82  ? -9.719  4.775   -3.607  1.00 18.39 ? 82  CYS A SG  1 
ATOM   637 N N   . THR A 1 83  ? -8.004  3.818   -6.981  1.00 14.71 ? 83  THR A N   1 
ATOM   638 C CA  . THR A 1 83  ? -8.725  3.403   -8.161  1.00 15.96 ? 83  THR A CA  1 
ATOM   639 C C   . THR A 1 83  ? -8.391  1.981   -8.552  1.00 14.11 ? 83  THR A C   1 
ATOM   640 O O   . THR A 1 83  ? -9.287  1.183   -8.823  1.00 16.60 ? 83  THR A O   1 
ATOM   641 C CB  . THR A 1 83  ? -8.362  4.326   -9.311  1.00 18.09 ? 83  THR A CB  1 
ATOM   642 O OG1 . THR A 1 83  ? -8.389  5.642   -8.774  1.00 23.68 ? 83  THR A OG1 1 
ATOM   643 C CG2 . THR A 1 83  ? -9.281  4.142   -10.509 1.00 23.41 ? 83  THR A CG2 1 
ATOM   644 N N   . ASP A 1 84  ? -7.095  1.674   -8.551  1.00 12.98 ? 84  ASP A N   1 
ATOM   645 C CA  . ASP A 1 84  ? -6.633  0.355   -8.961  1.00 14.53 ? 84  ASP A CA  1 
ATOM   646 C C   . ASP A 1 84  ? -7.005  -0.727  -7.950  1.00 11.28 ? 84  ASP A C   1 
ATOM   647 O O   . ASP A 1 84  ? -7.441  -1.812  -8.335  1.00 12.09 ? 84  ASP A O   1 
ATOM   648 C CB  . ASP A 1 84  ? -5.130  0.430   -9.166  1.00 17.72 ? 84  ASP A CB  1 
ATOM   649 C CG  . ASP A 1 84  ? -4.760  1.470   -10.208 1.00 19.35 ? 84  ASP A CG  1 
ATOM   650 O OD1 . ASP A 1 84  ? -4.977  1.216   -11.389 1.00 27.06 ? 84  ASP A OD1 1 
ATOM   651 O OD2 . ASP A 1 84  ? -4.275  2.539   -9.838  1.00 21.94 ? 84  ASP A OD2 1 
ATOM   652 N N   . LEU A 1 85  ? -6.950  -0.416  -6.656  1.00 11.34 ? 85  LEU A N   1 
ATOM   653 C CA  . LEU A 1 85  ? -7.361  -1.351  -5.621  1.00 11.04 ? 85  LEU A CA  1 
ATOM   654 C C   . LEU A 1 85  ? -8.853  -1.624  -5.757  1.00 12.09 ? 85  LEU A C   1 
ATOM   655 O O   . LEU A 1 85  ? -9.320  -2.772  -5.677  1.00 11.43 ? 85  LEU A O   1 
ATOM   656 C CB  . LEU A 1 85  ? -7.101  -0.760  -4.257  1.00 9.45  ? 85  LEU A CB  1 
ATOM   657 C CG  . LEU A 1 85  ? -6.442  -1.529  -3.127  1.00 11.01 ? 85  LEU A CG  1 
ATOM   658 C CD1 . LEU A 1 85  ? -7.064  -1.000  -1.862  1.00 12.34 ? 85  LEU A CD1 1 
ATOM   659 C CD2 . LEU A 1 85  ? -6.656  -3.033  -3.185  1.00 15.31 ? 85  LEU A CD2 1 
ATOM   660 N N   . GLU A 1 86  ? -9.626  -0.570  -6.023  1.00 13.31 ? 86  GLU A N   1 
ATOM   661 C CA  . GLU A 1 86  ? -11.068 -0.681  -6.118  1.00 16.93 ? 86  GLU A CA  1 
ATOM   662 C C   . GLU A 1 86  ? -11.487 -1.531  -7.304  1.00 14.67 ? 86  GLU A C   1 
ATOM   663 O O   . GLU A 1 86  ? -12.392 -2.355  -7.154  1.00 15.30 ? 86  GLU A O   1 
ATOM   664 C CB  . GLU A 1 86  ? -11.662 0.720   -6.214  1.00 25.17 ? 86  GLU A CB  1 
ATOM   665 C CG  . GLU A 1 86  ? -12.774 1.011   -5.203  1.00 38.92 ? 86  GLU A CG  1 
ATOM   666 C CD  . GLU A 1 86  ? -14.192 0.915   -5.762  1.00 47.12 ? 86  GLU A CD  1 
ATOM   667 O OE1 . GLU A 1 86  ? -14.703 1.932   -6.238  1.00 50.82 ? 86  GLU A OE1 1 
ATOM   668 O OE2 . GLU A 1 86  ? -14.786 -0.168  -5.711  1.00 51.82 ? 86  GLU A OE2 1 
ATOM   669 N N   . SER A 1 87  ? -10.850 -1.403  -8.468  1.00 14.12 ? 87  SER A N   1 
ATOM   670 C CA  . SER A 1 87  ? -11.113 -2.258  -9.618  1.00 14.37 ? 87  SER A CA  1 
ATOM   671 C C   . SER A 1 87  ? -10.873 -3.730  -9.318  1.00 13.29 ? 87  SER A C   1 
ATOM   672 O O   . SER A 1 87  ? -11.689 -4.589  -9.698  1.00 11.18 ? 87  SER A O   1 
ATOM   673 C CB  . SER A 1 87  ? -10.227 -1.864  -10.791 1.00 13.30 ? 87  SER A CB  1 
ATOM   674 O OG  . SER A 1 87  ? -10.501 -0.500  -11.035 1.00 21.79 ? 87  SER A OG  1 
ATOM   675 N N   . MET A 1 88  ? -9.785  -4.054  -8.611  1.00 13.31 ? 88  MET A N   1 
ATOM   676 C CA  . MET A 1 88  ? -9.524  -5.451  -8.292  1.00 12.25 ? 88  MET A CA  1 
ATOM   677 C C   . MET A 1 88  ? -10.647 -5.975  -7.414  1.00 11.90 ? 88  MET A C   1 
ATOM   678 O O   . MET A 1 88  ? -11.058 -7.128  -7.596  1.00 12.38 ? 88  MET A O   1 
ATOM   679 C CB  . MET A 1 88  ? -8.217  -5.652  -7.528  1.00 11.27 ? 88  MET A CB  1 
ATOM   680 C CG  . MET A 1 88  ? -6.929  -5.294  -8.239  1.00 14.20 ? 88  MET A CG  1 
ATOM   681 S SD  . MET A 1 88  ? -5.524  -5.507  -7.109  1.00 23.93 ? 88  MET A SD  1 
ATOM   682 C CE  . MET A 1 88  ? -5.554  -7.272  -7.091  1.00 17.41 ? 88  MET A CE  1 
ATOM   683 N N   . HIS A 1 89  ? -11.139 -5.127  -6.489  1.00 9.24  ? 89  HIS A N   1 
ATOM   684 C CA  . HIS A 1 89  ? -12.250 -5.462  -5.624  1.00 10.25 ? 89  HIS A CA  1 
ATOM   685 C C   . HIS A 1 89  ? -13.494 -5.739  -6.453  1.00 12.97 ? 89  HIS A C   1 
ATOM   686 O O   . HIS A 1 89  ? -14.092 -6.798  -6.295  1.00 15.09 ? 89  HIS A O   1 
ATOM   687 C CB  . HIS A 1 89  ? -12.543 -4.317  -4.638  1.00 10.78 ? 89  HIS A CB  1 
ATOM   688 C CG  . HIS A 1 89  ? -13.856 -4.486  -3.861  1.00 17.53 ? 89  HIS A CG  1 
ATOM   689 N ND1 . HIS A 1 89  ? -14.190 -5.395  -2.944  1.00 16.29 ? 89  HIS A ND1 1 
ATOM   690 C CD2 . HIS A 1 89  ? -14.961 -3.686  -4.044  1.00 16.89 ? 89  HIS A CD2 1 
ATOM   691 C CE1 . HIS A 1 89  ? -15.424 -5.186  -2.571  1.00 14.44 ? 89  HIS A CE1 1 
ATOM   692 N NE2 . HIS A 1 89  ? -15.869 -4.161  -3.245  1.00 14.94 ? 89  HIS A NE2 1 
ATOM   693 N N   . LYS A 1 90  ? -13.896 -4.826  -7.332  1.00 17.51 ? 90  LYS A N   1 
ATOM   694 C CA  . LYS A 1 90  ? -15.067 -4.976  -8.189  1.00 19.25 ? 90  LYS A CA  1 
ATOM   695 C C   . LYS A 1 90  ? -15.008 -6.240  -9.048  1.00 21.34 ? 90  LYS A C   1 
ATOM   696 O O   . LYS A 1 90  ? -16.021 -6.930  -9.249  1.00 19.42 ? 90  LYS A O   1 
ATOM   697 C CB  . LYS A 1 90  ? -15.195 -3.769  -9.123  1.00 19.89 ? 90  LYS A CB  1 
ATOM   698 C CG  . LYS A 1 90  ? -15.524 -2.422  -8.480  1.00 24.70 ? 90  LYS A CG  1 
ATOM   699 C CD  . LYS A 1 90  ? -15.397 -1.389  -9.589  1.00 28.58 ? 90  LYS A CD  1 
ATOM   700 C CE  . LYS A 1 90  ? -15.786 0.034   -9.212  1.00 29.66 ? 90  LYS A CE  1 
ATOM   701 N NZ  . LYS A 1 90  ? -17.224 0.188   -9.092  1.00 36.10 ? 90  LYS A NZ  1 
ATOM   702 N N   . ARG A 1 91  ? -13.820 -6.544  -9.596  1.00 20.09 ? 91  ARG A N   1 
ATOM   703 C CA  . ARG A 1 91  ? -13.626 -7.722  -10.429 1.00 18.01 ? 91  ARG A CA  1 
ATOM   704 C C   . ARG A 1 91  ? -13.523 -9.002  -9.616  1.00 17.34 ? 91  ARG A C   1 
ATOM   705 O O   . ARG A 1 91  ? -13.609 -10.086 -10.171 1.00 17.32 ? 91  ARG A O   1 
ATOM   706 C CB  . ARG A 1 91  ? -12.368 -7.584  -11.267 1.00 19.91 ? 91  ARG A CB  1 
ATOM   707 C CG  . ARG A 1 91  ? -12.425 -6.547  -12.376 1.00 24.87 ? 91  ARG A CG  1 
ATOM   708 C CD  . ARG A 1 91  ? -11.190 -6.677  -13.283 1.00 34.10 ? 91  ARG A CD  1 
ATOM   709 N NE  . ARG A 1 91  ? -9.989  -5.965  -12.840 1.00 40.49 ? 91  ARG A NE  1 
ATOM   710 C CZ  . ARG A 1 91  ? -8.860  -6.592  -12.462 1.00 43.63 ? 91  ARG A CZ  1 
ATOM   711 N NH1 . ARG A 1 91  ? -8.840  -7.931  -12.343 1.00 45.41 ? 91  ARG A NH1 1 
ATOM   712 N NH2 . ARG A 1 91  ? -7.774  -5.871  -12.112 1.00 46.02 ? 91  ARG A NH2 1 
ATOM   713 N N   . GLY A 1 92  ? -13.325 -8.941  -8.301  1.00 19.34 ? 92  GLY A N   1 
ATOM   714 C CA  . GLY A 1 92  ? -13.246 -10.118 -7.447  1.00 19.37 ? 92  GLY A CA  1 
ATOM   715 C C   . GLY A 1 92  ? -11.856 -10.725 -7.428  1.00 22.29 ? 92  GLY A C   1 
ATOM   716 O O   . GLY A 1 92  ? -11.627 -11.854 -7.000  1.00 25.64 ? 92  GLY A O   1 
ATOM   717 N N   . GLU A 1 93  ? -10.900 -9.932  -7.871  1.00 22.54 ? 93  GLU A N   1 
ATOM   718 C CA  . GLU A 1 93  ? -9.553  -10.403 -7.996  1.00 24.53 ? 93  GLU A CA  1 
ATOM   719 C C   . GLU A 1 93  ? -8.758  -10.247 -6.712  1.00 23.48 ? 93  GLU A C   1 
ATOM   720 O O   . GLU A 1 93  ? -7.792  -10.983 -6.477  1.00 22.85 ? 93  GLU A O   1 
ATOM   721 C CB  . GLU A 1 93  ? -8.910  -9.649  -9.167  1.00 27.50 ? 93  GLU A CB  1 
ATOM   722 C CG  . GLU A 1 93  ? -8.321  -10.583 -10.226 1.00 36.43 ? 93  GLU A CG  1 
ATOM   723 C CD  . GLU A 1 93  ? -7.159  -11.468 -9.752  1.00 44.30 ? 93  GLU A CD  1 
ATOM   724 O OE1 . GLU A 1 93  ? -6.073  -10.934 -9.516  1.00 50.26 ? 93  GLU A OE1 1 
ATOM   725 O OE2 . GLU A 1 93  ? -7.328  -12.686 -9.609  1.00 42.86 ? 93  GLU A OE2 1 
ATOM   726 N N   . LEU A 1 94  ? -9.176  -9.326  -5.847  1.00 24.17 ? 94  LEU A N   1 
ATOM   727 C CA  . LEU A 1 94  ? -8.393  -8.980  -4.676  1.00 22.19 ? 94  LEU A CA  1 
ATOM   728 C C   . LEU A 1 94  ? -8.212  -10.117 -3.685  1.00 22.62 ? 94  LEU A C   1 
ATOM   729 O O   . LEU A 1 94  ? -7.079  -10.405 -3.287  1.00 21.76 ? 94  LEU A O   1 
ATOM   730 C CB  . LEU A 1 94  ? -9.042  -7.787  -3.995  1.00 23.15 ? 94  LEU A CB  1 
ATOM   731 C CG  . LEU A 1 94  ? -8.371  -7.198  -2.760  1.00 23.80 ? 94  LEU A CG  1 
ATOM   732 C CD1 . LEU A 1 94  ? -6.970  -6.700  -3.105  1.00 18.74 ? 94  LEU A CD1 1 
ATOM   733 C CD2 . LEU A 1 94  ? -9.257  -6.094  -2.221  1.00 21.18 ? 94  LEU A CD2 1 
ATOM   734 N N   . LEU A 1 95  ? -9.279  -10.807 -3.288  1.00 24.38 ? 95  LEU A N   1 
ATOM   735 C CA  . LEU A 1 95  ? -9.125  -11.903 -2.348  1.00 21.90 ? 95  LEU A CA  1 
ATOM   736 C C   . LEU A 1 95  ? -8.314  -13.059 -2.903  1.00 19.85 ? 95  LEU A C   1 
ATOM   737 O O   . LEU A 1 95  ? -7.528  -13.681 -2.187  1.00 19.06 ? 95  LEU A O   1 
ATOM   738 C CB  . LEU A 1 95  ? -10.478 -12.409 -1.921  1.00 28.60 ? 95  LEU A CB  1 
ATOM   739 C CG  . LEU A 1 95  ? -11.087 -11.766 -0.668  1.00 36.01 ? 95  LEU A CG  1 
ATOM   740 C CD1 . LEU A 1 95  ? -10.107 -11.912 0.498   1.00 38.06 ? 95  LEU A CD1 1 
ATOM   741 C CD2 . LEU A 1 95  ? -11.392 -10.292 -0.916  1.00 38.11 ? 95  LEU A CD2 1 
ATOM   742 N N   . THR A 1 96  ? -8.445  -13.344 -4.185  1.00 15.75 ? 96  THR A N   1 
ATOM   743 C CA  . THR A 1 96  ? -7.663  -14.377 -4.820  1.00 17.89 ? 96  THR A CA  1 
ATOM   744 C C   . THR A 1 96  ? -6.183  -14.041 -4.694  1.00 14.96 ? 96  THR A C   1 
ATOM   745 O O   . THR A 1 96  ? -5.367  -14.844 -4.220  1.00 17.84 ? 96  THR A O   1 
ATOM   746 C CB  . THR A 1 96  ? -8.102  -14.460 -6.291  1.00 19.42 ? 96  THR A CB  1 
ATOM   747 O OG1 . THR A 1 96  ? -9.528  -14.524 -6.273  1.00 21.98 ? 96  THR A OG1 1 
ATOM   748 C CG2 . THR A 1 96  ? -7.493  -15.651 -7.019  1.00 28.03 ? 96  THR A CG2 1 
ATOM   749 N N   . ARG A 1 97  ? -5.861  -12.805 -5.063  1.00 12.39 ? 97  ARG A N   1 
ATOM   750 C CA  . ARG A 1 97  ? -4.510  -12.291 -5.024  1.00 13.82 ? 97  ARG A CA  1 
ATOM   751 C C   . ARG A 1 97  ? -3.921  -12.399 -3.612  1.00 14.98 ? 97  ARG A C   1 
ATOM   752 O O   . ARG A 1 97  ? -2.801  -12.897 -3.417  1.00 16.48 ? 97  ARG A O   1 
ATOM   753 C CB  . ARG A 1 97  ? -4.576  -10.849 -5.496  1.00 18.70 ? 97  ARG A CB  1 
ATOM   754 C CG  . ARG A 1 97  ? -3.277  -10.166 -5.838  1.00 27.27 ? 97  ARG A CG  1 
ATOM   755 C CD  . ARG A 1 97  ? -2.697  -10.702 -7.160  1.00 36.05 ? 97  ARG A CD  1 
ATOM   756 N NE  . ARG A 1 97  ? -1.337  -10.220 -7.407  1.00 38.76 ? 97  ARG A NE  1 
ATOM   757 C CZ  . ARG A 1 97  ? -0.322  -10.447 -6.554  1.00 40.02 ? 97  ARG A CZ  1 
ATOM   758 N NH1 . ARG A 1 97  ? -0.433  -11.206 -5.448  1.00 40.96 ? 97  ARG A NH1 1 
ATOM   759 N NH2 . ARG A 1 97  ? 0.866   -9.945  -6.862  1.00 39.86 ? 97  ARG A NH2 1 
ATOM   760 N N   . LEU A 1 98  ? -4.661  -11.962 -2.602  1.00 12.44 ? 98  LEU A N   1 
ATOM   761 C CA  . LEU A 1 98  ? -4.184  -12.011 -1.232  1.00 12.45 ? 98  LEU A CA  1 
ATOM   762 C C   . LEU A 1 98  ? -4.029  -13.446 -0.713  1.00 14.25 ? 98  LEU A C   1 
ATOM   763 O O   . LEU A 1 98  ? -3.071  -13.765 0.007   1.00 12.19 ? 98  LEU A O   1 
ATOM   764 C CB  . LEU A 1 98  ? -5.168  -11.193 -0.386  1.00 13.23 ? 98  LEU A CB  1 
ATOM   765 C CG  . LEU A 1 98  ? -4.936  -9.736  0.073   1.00 11.83 ? 98  LEU A CG  1 
ATOM   766 C CD1 . LEU A 1 98  ? -3.856  -8.968  -0.677  1.00 8.88  ? 98  LEU A CD1 1 
ATOM   767 C CD2 . LEU A 1 98  ? -6.265  -9.059  -0.138  1.00 15.05 ? 98  LEU A CD2 1 
ATOM   768 N N   . GLN A 1 99  ? -4.932  -14.353 -1.092  1.00 14.54 ? 99  GLN A N   1 
ATOM   769 C CA  . GLN A 1 99  ? -4.828  -15.734 -0.676  1.00 17.33 ? 99  GLN A CA  1 
ATOM   770 C C   . GLN A 1 99  ? -3.587  -16.353 -1.290  1.00 17.62 ? 99  GLN A C   1 
ATOM   771 O O   . GLN A 1 99  ? -2.853  -17.051 -0.583  1.00 19.16 ? 99  GLN A O   1 
ATOM   772 C CB  . GLN A 1 99  ? -6.044  -16.534 -1.116  1.00 20.02 ? 99  GLN A CB  1 
ATOM   773 C CG  . GLN A 1 99  ? -6.862  -17.124 0.041   1.00 28.80 ? 99  GLN A CG  1 
ATOM   774 C CD  . GLN A 1 99  ? -6.189  -18.203 0.895   1.00 27.75 ? 99  GLN A CD  1 
ATOM   775 O OE1 . GLN A 1 99  ? -6.361  -18.273 2.118   1.00 33.34 ? 99  GLN A OE1 1 
ATOM   776 N NE2 . GLN A 1 99  ? -5.401  -19.117 0.345   1.00 31.29 ? 99  GLN A NE2 1 
ATOM   777 N N   . GLN A 1 100 ? -3.287  -16.092 -2.564  1.00 18.17 ? 100 GLN A N   1 
ATOM   778 C CA  . GLN A 1 100 ? -2.106  -16.651 -3.223  1.00 18.02 ? 100 GLN A CA  1 
ATOM   779 C C   . GLN A 1 100 ? -0.824  -16.314 -2.488  1.00 18.05 ? 100 GLN A C   1 
ATOM   780 O O   . GLN A 1 100 ? 0.022   -17.198 -2.284  1.00 19.19 ? 100 GLN A O   1 
ATOM   781 C CB  . GLN A 1 100 ? -1.955  -16.133 -4.650  1.00 20.45 ? 100 GLN A CB  1 
ATOM   782 C CG  . GLN A 1 100 ? -2.947  -16.655 -5.692  1.00 29.25 ? 100 GLN A CG  1 
ATOM   783 C CD  . GLN A 1 100 ? -2.953  -15.845 -6.989  1.00 34.17 ? 100 GLN A CD  1 
ATOM   784 O OE1 . GLN A 1 100 ? -3.933  -15.793 -7.737  1.00 34.86 ? 100 GLN A OE1 1 
ATOM   785 N NE2 . GLN A 1 100 ? -1.875  -15.149 -7.330  1.00 38.64 ? 100 GLN A NE2 1 
ATOM   786 N N   . VAL A 1 101 ? -0.672  -15.050 -2.044  1.00 13.88 ? 101 VAL A N   1 
ATOM   787 C CA  . VAL A 1 101 ? 0.530   -14.680 -1.307  1.00 11.33 ? 101 VAL A CA  1 
ATOM   788 C C   . VAL A 1 101 ? 0.460   -15.095 0.161   1.00 10.71 ? 101 VAL A C   1 
ATOM   789 O O   . VAL A 1 101 ? 1.451   -15.026 0.890   1.00 12.80 ? 101 VAL A O   1 
ATOM   790 C CB  . VAL A 1 101 ? 0.846   -13.139 -1.422  1.00 9.45  ? 101 VAL A CB  1 
ATOM   791 C CG1 . VAL A 1 101 ? 1.088   -12.948 -2.889  1.00 10.77 ? 101 VAL A CG1 1 
ATOM   792 C CG2 . VAL A 1 101 ? -0.224  -12.151 -0.980  1.00 7.50  ? 101 VAL A CG2 1 
ATOM   793 N N   . GLY A 1 102 ? -0.625  -15.709 0.610   1.00 11.15 ? 102 GLY A N   1 
ATOM   794 C CA  . GLY A 1 102 ? -0.761  -16.197 1.969   1.00 12.21 ? 102 GLY A CA  1 
ATOM   795 C C   . GLY A 1 102 ? -0.936  -15.107 3.008   1.00 14.73 ? 102 GLY A C   1 
ATOM   796 O O   . GLY A 1 102 ? -0.584  -15.312 4.184   1.00 18.54 ? 102 GLY A O   1 
ATOM   797 N N   . ALA A 1 103 ? -1.537  -13.983 2.641   1.00 10.84 ? 103 ALA A N   1 
ATOM   798 C CA  . ALA A 1 103 ? -1.673  -12.866 3.558   1.00 9.88  ? 103 ALA A CA  1 
ATOM   799 C C   . ALA A 1 103 ? -2.880  -12.984 4.479   1.00 9.21  ? 103 ALA A C   1 
ATOM   800 O O   . ALA A 1 103 ? -2.993  -12.332 5.520   1.00 7.47  ? 103 ALA A O   1 
ATOM   801 C CB  . ALA A 1 103 ? -1.783  -11.577 2.748   1.00 4.30  ? 103 ALA A CB  1 
ATOM   802 N N   . VAL A 1 104 ? -3.784  -13.874 4.107   1.00 10.50 ? 104 VAL A N   1 
ATOM   803 C CA  . VAL A 1 104 ? -5.048  -14.001 4.790   1.00 13.57 ? 104 VAL A CA  1 
ATOM   804 C C   . VAL A 1 104 ? -5.026  -15.189 5.765   1.00 15.34 ? 104 VAL A C   1 
ATOM   805 O O   . VAL A 1 104 ? -4.230  -16.118 5.584   1.00 15.37 ? 104 VAL A O   1 
ATOM   806 C CB  . VAL A 1 104 ? -6.039  -14.063 3.607   1.00 12.71 ? 104 VAL A CB  1 
ATOM   807 C CG1 . VAL A 1 104 ? -7.323  -14.647 4.039   1.00 16.58 ? 104 VAL A CG1 1 
ATOM   808 C CG2 . VAL A 1 104 ? -6.393  -12.642 3.116   1.00 15.50 ? 104 VAL A CG2 1 
ATOM   809 N N   . LYS A 1 105 ? -5.843  -15.146 6.817   1.00 16.57 ? 105 LYS A N   1 
ATOM   810 C CA  . LYS A 1 105 ? -5.959  -16.174 7.833   1.00 17.99 ? 105 LYS A CA  1 
ATOM   811 C C   . LYS A 1 105 ? -6.565  -17.465 7.310   1.00 17.25 ? 105 LYS A C   1 
ATOM   812 O O   . LYS A 1 105 ? -6.233  -18.527 7.838   1.00 16.70 ? 105 LYS A O   1 
ATOM   813 C CB  . LYS A 1 105 ? -6.842  -15.731 8.970   1.00 21.74 ? 105 LYS A CB  1 
ATOM   814 C CG  . LYS A 1 105 ? -6.319  -14.581 9.761   1.00 28.13 ? 105 LYS A CG  1 
ATOM   815 C CD  . LYS A 1 105 ? -7.203  -14.510 10.989  1.00 34.10 ? 105 LYS A CD  1 
ATOM   816 C CE  . LYS A 1 105 ? -6.841  -13.295 11.816  1.00 40.69 ? 105 LYS A CE  1 
ATOM   817 N NZ  . LYS A 1 105 ? -7.340  -12.081 11.179  1.00 47.66 ? 105 LYS A NZ  1 
ATOM   818 O OXT . LYS A 1 105 ? -7.369  -17.453 6.378   1.00 16.55 ? 105 LYS A OXT 1 
HETATM 819 O O   . HOH B 2 .   ? -5.711  7.110   -7.191  1.00 5.66  ? 121 HOH A O   1 
HETATM 820 O O   . HOH B 2 .   ? 8.778   -12.734 2.616   1.00 15.88 ? 122 HOH A O   1 
HETATM 821 O O   . HOH B 2 .   ? 5.010   -5.138  0.753   1.00 8.01  ? 123 HOH A O   1 
HETATM 822 O O   . HOH B 2 .   ? 3.453   5.234   9.956   1.00 9.95  ? 124 HOH A O   1 
HETATM 823 O O   . HOH B 2 .   ? 4.391   -11.132 -2.920  1.00 12.99 ? 125 HOH A O   1 
HETATM 824 O O   . HOH B 2 .   ? -16.926 2.460   -15.746 1.00 18.63 ? 126 HOH A O   1 
HETATM 825 O O   . HOH B 2 .   ? 6.002   1.042   -12.380 1.00 22.02 ? 127 HOH A O   1 
HETATM 826 O O   . HOH B 2 .   ? -16.163 5.507   -3.653  1.00 55.51 ? 128 HOH A O   1 
HETATM 827 O O   . HOH B 2 .   ? 3.590   2.304   9.773   1.00 34.23 ? 129 HOH A O   1 
HETATM 828 O O   . HOH B 2 .   ? 6.473   5.856   9.350   1.00 58.35 ? 130 HOH A O   1 
HETATM 829 O O   . HOH B 2 .   ? 9.314   -7.097  -7.875  1.00 39.80 ? 131 HOH A O   1 
HETATM 830 O O   . HOH B 2 .   ? 2.558   -15.500 5.751   1.00 21.21 ? 132 HOH A O   1 
HETATM 831 O O   . HOH B 2 .   ? 11.569  0.953   -10.721 1.00 37.08 ? 133 HOH A O   1 
HETATM 832 O O   . HOH B 2 .   ? 6.723   3.316   10.082  1.00 28.29 ? 134 HOH A O   1 
HETATM 833 O O   . HOH B 2 .   ? -16.016 -3.217  2.385   1.00 33.33 ? 135 HOH A O   1 
HETATM 834 O O   . HOH B 2 .   ? 4.152   -4.442  9.035   1.00 32.95 ? 136 HOH A O   1 
HETATM 835 O O   . HOH B 2 .   ? 2.403   3.898   -12.627 1.00 51.86 ? 137 HOH A O   1 
HETATM 836 O O   . HOH B 2 .   ? 12.342  -4.848  -0.110  1.00 31.00 ? 138 HOH A O   1 
HETATM 837 O O   . HOH B 2 .   ? -1.066  -8.734  -11.538 1.00 34.76 ? 139 HOH A O   1 
HETATM 838 O O   . HOH B 2 .   ? -1.310  -6.440  11.188  1.00 52.17 ? 140 HOH A O   1 
HETATM 839 O O   . HOH B 2 .   ? -6.044  -18.264 -8.326  1.00 52.03 ? 141 HOH A O   1 
HETATM 840 O O   . HOH B 2 .   ? -4.727  13.380  -1.170  1.00 53.89 ? 142 HOH A O   1 
HETATM 841 O O   . HOH B 2 .   ? -5.307  -6.738  -12.558 1.00 50.42 ? 143 HOH A O   1 
HETATM 842 O O   . HOH B 2 .   ? -12.398 -7.070  -1.703  1.00 49.64 ? 144 HOH A O   1 
HETATM 843 O O   . HOH B 2 .   ? -3.966  -16.889 3.028   1.00 19.12 ? 145 HOH A O   1 
HETATM 844 O O   . HOH B 2 .   ? 1.788   -13.432 10.628  1.00 21.71 ? 146 HOH A O   1 
HETATM 845 O O   . HOH B 2 .   ? -5.268  9.497   5.911   1.00 20.64 ? 147 HOH A O   1 
HETATM 846 O O   . HOH B 2 .   ? -2.308  6.822   -6.194  1.00 37.72 ? 148 HOH A O   1 
HETATM 847 O O   . HOH B 2 .   ? -18.727 3.664   3.923   1.00 37.33 ? 149 HOH A O   1 
HETATM 848 O O   . HOH B 2 .   ? -12.122 1.446   -10.033 1.00 28.84 ? 150 HOH A O   1 
HETATM 849 O O   . HOH B 2 .   ? 15.036  -8.782  8.625   1.00 41.71 ? 151 HOH A O   1 
HETATM 850 O O   . HOH B 2 .   ? 2.996   11.517  -9.740  1.00 27.49 ? 152 HOH A O   1 
HETATM 851 O O   . HOH B 2 .   ? 0.639   -4.490  11.016  1.00 38.71 ? 153 HOH A O   1 
HETATM 852 O O   . HOH B 2 .   ? 0.810   -10.140 -9.476  1.00 48.51 ? 154 HOH A O   1 
HETATM 853 O O   . HOH B 2 .   ? 5.035   17.522  -4.972  1.00 55.02 ? 155 HOH A O   1 
HETATM 854 O O   . HOH B 2 .   ? -3.297  14.831  0.781   1.00 52.84 ? 156 HOH A O   1 
HETATM 855 O O   . HOH B 2 .   ? 2.372   3.561   -9.691  1.00 56.73 ? 157 HOH A O   1 
HETATM 856 O O   . HOH B 2 .   ? 2.441   -9.541  -4.823  1.00 38.84 ? 158 HOH A O   1 
HETATM 857 O O   . HOH B 2 .   ? -9.627  -4.103  11.239  1.00 50.11 ? 159 HOH A O   1 
HETATM 858 O O   . HOH B 2 .   ? 0.550   -2.786  14.113  1.00 37.63 ? 160 HOH A O   1 
HETATM 859 O O   . HOH B 2 .   ? 12.836  -1.913  -3.703  1.00 45.29 ? 161 HOH A O   1 
HETATM 860 O O   . HOH B 2 .   ? -16.926 -9.104  -8.263  1.00 24.59 ? 162 HOH A O   1 
HETATM 861 O O   . HOH B 2 .   ? -17.292 -10.617 -10.712 1.00 32.00 ? 163 HOH A O   1 
HETATM 862 O O   . HOH B 2 .   ? -12.093 -9.705  -4.171  1.00 22.99 ? 164 HOH A O   1 
HETATM 863 O O   . HOH B 2 .   ? 2.536   -14.066 3.347   1.00 23.36 ? 165 HOH A O   1 
HETATM 864 O O   . HOH B 2 .   ? 5.772   -7.166  8.151   1.00 44.03 ? 166 HOH A O   1 
HETATM 865 O O   . HOH B 2 .   ? -6.546  -3.584  -11.402 1.00 44.97 ? 167 HOH A O   1 
HETATM 866 O O   . HOH B 2 .   ? -4.859  11.275  -3.008  1.00 37.68 ? 168 HOH A O   1 
HETATM 867 O O   . HOH B 2 .   ? -4.833  3.798   -14.194 1.00 41.84 ? 169 HOH A O   1 
HETATM 868 O O   . HOH B 2 .   ? -4.180  -18.870 5.877   1.00 44.65 ? 170 HOH A O   1 
HETATM 869 O O   . HOH B 2 .   ? -7.079  5.492   -13.077 1.00 41.14 ? 171 HOH A O   1 
HETATM 870 O O   . HOH B 2 .   ? -15.090 3.409   1.291   1.00 49.01 ? 172 HOH A O   1 
HETATM 871 O O   . HOH B 2 .   ? 7.569   -0.516  -10.718 1.00 41.34 ? 173 HOH A O   1 
HETATM 872 O O   . HOH B 2 .   ? -12.574 6.549   -5.641  1.00 41.97 ? 174 HOH A O   1 
HETATM 873 O O   . HOH B 2 .   ? -3.379  5.419   -9.916  1.00 40.78 ? 175 HOH A O   1 
HETATM 874 O O   . HOH B 2 .   ? -10.324 1.547   -12.700 1.00 44.12 ? 176 HOH A O   1 
HETATM 875 O O   . HOH B 2 .   ? 2.487   0.645   -10.786 1.00 53.62 ? 177 HOH A O   1 
HETATM 876 O O   . HOH B 2 .   ? 3.816   16.234  0.366   1.00 42.58 ? 178 HOH A O   1 
HETATM 877 O O   . HOH B 2 .   ? 21.665  -4.204  -2.878  1.00 52.45 ? 179 HOH A O   1 
HETATM 878 O O   . HOH B 2 .   ? 11.414  -3.989  -4.610  1.00 48.74 ? 180 HOH A O   1 
HETATM 879 O O   . HOH B 2 .   ? -0.621  5.000   -10.198 1.00 42.09 ? 181 HOH A O   1 
HETATM 880 O O   . HOH B 2 .   ? -3.589  -11.978 -10.656 1.00 53.38 ? 182 HOH A O   1 
HETATM 881 O O   . HOH B 2 .   ? -2.796  2.298   -13.227 1.00 51.23 ? 183 HOH A O   1 
HETATM 882 O O   . HOH B 2 .   ? -13.831 -11.446 -3.073  1.00 42.43 ? 184 HOH A O   1 
HETATM 883 O O   . HOH B 2 .   ? 9.483   -3.128  -6.282  1.00 49.25 ? 185 HOH A O   1 
HETATM 884 O O   . HOH B 2 .   ? 1.967   13.971  -9.626  1.00 49.01 ? 186 HOH A O   1 
HETATM 885 O O   . HOH B 2 .   ? 7.351   -5.331  -8.772  1.00 58.10 ? 187 HOH A O   1 
# 
